data_4U01
#
_entry.id   4U01
#
_cell.length_a   150.034
_cell.length_b   174.363
_cell.length_c   133.010
_cell.angle_alpha   90.00
_cell.angle_beta   90.00
_cell.angle_gamma   90.00
#
_symmetry.space_group_name_H-M   'C 2 2 21'
#
loop_
_entity.id
_entity.type
_entity.pdbx_description
1 polymer 'Non-structural 3 protease'
2 polymer 'NS4A protein'
3 non-polymer (2S,3aS,10Z,11aS,12aR)-2-({8-fluoro-7-methoxy-2-[4-(propan-2-yl)-1,3-thiazol-2-yl]quinolin-4-yl}oxy)-5-methyl-N-[(1-methylcyclopropyl)sulfonyl]-4,14-dioxo-1,2,3,3a,4,5,6,7,8,9,11a,12,13,14-tetradecahydro-12aH-cyclopropa[m]pyrrolo[1,2-c][1,3,6]triazacyclotetradecine-12a-carboxamide
4 non-polymer 'ZINC ION'
5 non-polymer 'CHLORIDE ION'
#
loop_
_entity_poly.entity_id
_entity_poly.type
_entity_poly.pdbx_seq_one_letter_code
_entity_poly.pdbx_strand_id
1 'polypeptide(L)'
;MAPITAYSQQTRGLLGCIITSLTGRDRNQVEGEVQVVSTATQSFLATCVNGVCWTVYHGAGSKTLAGPKGPITQMYTNVD
QDLVGWQAPPGARSLTPCTCGSSDLYLVTRHADVIPVRRRGDSRGSLLSPRPVSYLKGSSGGPLLCPSGHAVGIFRAAVC
TRGVAKAVDFVPVESMETTMRASKKKKKGSVVIVGRIILSGRK
;
A,B,C,D,E,F,G,H,J
2 'polypeptide(L)' KGSVVIVGRIILSGRK K,L,M,N,O,P,Q,T,U
#
# COMPACT_ATOMS: atom_id res chain seq x y z
N ALA A 2 14.83 42.77 33.33
CA ALA A 2 14.15 41.52 33.82
C ALA A 2 13.96 41.54 35.35
N PRO A 3 12.81 41.02 35.84
CA PRO A 3 12.65 40.79 37.27
C PRO A 3 12.96 39.32 37.62
N ILE A 4 13.32 38.53 36.61
CA ILE A 4 13.56 37.12 36.75
C ILE A 4 15.01 36.88 36.35
N THR A 5 15.66 35.94 37.03
CA THR A 5 17.03 35.52 36.70
C THR A 5 17.07 34.02 36.54
N ALA A 6 18.12 33.53 35.88
CA ALA A 6 18.29 32.09 35.70
C ALA A 6 19.75 31.71 35.58
N TYR A 7 20.07 30.49 36.02
CA TYR A 7 21.41 29.92 35.83
C TYR A 7 21.33 28.43 35.47
N SER A 8 22.34 27.95 34.75
CA SER A 8 22.34 26.57 34.24
C SER A 8 23.39 25.68 34.91
N GLN A 9 23.16 24.37 34.89
CA GLN A 9 24.10 23.38 35.43
C GLN A 9 24.09 22.13 34.57
N GLN A 10 25.23 21.80 33.98
CA GLN A 10 25.36 20.60 33.17
C GLN A 10 25.57 19.40 34.09
N THR A 11 24.69 18.41 33.98
CA THR A 11 24.68 17.27 34.89
C THR A 11 25.22 15.97 34.27
N ARG A 12 25.20 15.88 32.95
CA ARG A 12 25.74 14.72 32.24
C ARG A 12 26.69 15.13 31.12
N GLY A 13 27.62 14.24 30.81
CA GLY A 13 28.47 14.33 29.64
C GLY A 13 27.94 13.49 28.50
N LEU A 14 28.70 13.46 27.40
CA LEU A 14 28.33 12.80 26.17
C LEU A 14 28.16 11.29 26.31
N LEU A 15 29.15 10.63 26.90
CA LEU A 15 29.14 9.17 26.97
C LEU A 15 27.99 8.71 27.84
N GLY A 16 27.92 9.22 29.06
CA GLY A 16 26.82 8.88 29.97
C GLY A 16 25.46 9.19 29.37
N CYS A 17 25.39 10.26 28.58
CA CYS A 17 24.14 10.60 27.90
C CYS A 17 23.67 9.47 26.99
N ILE A 18 24.46 9.13 25.99
CA ILE A 18 24.19 7.99 25.08
C ILE A 18 23.73 6.73 25.83
N ILE A 19 24.54 6.33 26.80
CA ILE A 19 24.26 5.19 27.64
C ILE A 19 22.85 5.26 28.19
N THR A 20 22.52 6.37 28.83
CA THR A 20 21.23 6.53 29.48
C THR A 20 20.10 6.50 28.45
N SER A 21 20.39 6.99 27.25
CA SER A 21 19.43 6.97 26.16
C SER A 21 19.00 5.55 25.80
N LEU A 22 19.96 4.62 25.86
CA LEU A 22 19.71 3.25 25.42
C LEU A 22 19.03 2.44 26.50
N THR A 23 19.45 2.64 27.74
CA THR A 23 18.80 1.96 28.88
C THR A 23 17.43 2.57 29.21
N GLY A 24 17.29 3.87 29.02
CA GLY A 24 16.07 4.58 29.44
C GLY A 24 15.96 4.74 30.95
N ARG A 25 17.06 4.50 31.67
CA ARG A 25 17.06 4.58 33.13
C ARG A 25 17.98 5.70 33.63
N ASP A 26 17.40 6.79 34.10
CA ASP A 26 18.15 7.91 34.66
C ASP A 26 17.86 8.01 36.15
N ARG A 27 18.86 7.68 36.97
CA ARG A 27 18.72 7.77 38.41
C ARG A 27 19.27 9.06 39.00
N ASN A 28 19.98 9.84 38.19
CA ASN A 28 20.40 11.18 38.59
C ASN A 28 19.24 11.96 39.15
N GLN A 29 19.51 12.70 40.22
CA GLN A 29 18.50 13.53 40.84
C GLN A 29 18.13 14.64 39.87
N VAL A 30 16.86 15.02 39.91
CA VAL A 30 16.31 16.06 39.06
C VAL A 30 15.95 17.29 39.90
N GLU A 31 16.29 18.47 39.40
CA GLU A 31 15.95 19.74 40.06
C GLU A 31 15.44 20.74 39.04
N GLY A 32 14.78 21.79 39.52
CA GLY A 32 14.50 22.95 38.68
C GLY A 32 13.29 22.83 37.77
N GLU A 33 12.95 23.94 37.14
CA GLU A 33 11.70 24.08 36.40
C GLU A 33 11.88 23.76 34.93
N VAL A 34 13.04 24.11 34.38
CA VAL A 34 13.37 23.81 33.00
C VAL A 34 14.50 22.79 32.98
N GLN A 35 14.36 21.75 32.15
CA GLN A 35 15.44 20.77 31.96
C GLN A 35 16.12 20.87 30.57
N VAL A 36 17.44 20.81 30.55
CA VAL A 36 18.16 20.72 29.31
C VAL A 36 18.21 19.26 28.90
N VAL A 37 17.82 19.01 27.67
CA VAL A 37 17.39 17.71 27.23
C VAL A 37 18.16 17.36 25.94
N SER A 38 18.35 16.07 25.69
CA SER A 38 19.11 15.65 24.52
C SER A 38 18.86 14.24 24.04
N THR A 39 18.78 14.11 22.72
CA THR A 39 18.88 12.85 22.03
C THR A 39 20.34 12.72 21.58
N ALA A 40 20.66 11.67 20.84
CA ALA A 40 22.03 11.47 20.32
C ALA A 40 22.51 12.63 19.46
N THR A 41 21.64 13.05 18.55
CA THR A 41 21.97 14.05 17.54
C THR A 41 21.85 15.48 18.03
N GLN A 42 20.72 15.81 18.67
CA GLN A 42 20.38 17.20 18.94
C GLN A 42 19.96 17.45 20.38
N SER A 43 19.91 18.73 20.76
CA SER A 43 19.63 19.16 22.12
C SER A 43 18.67 20.36 22.18
N PHE A 44 17.87 20.39 23.23
CA PHE A 44 16.85 21.40 23.38
C PHE A 44 16.32 21.37 24.82
N LEU A 45 15.42 22.28 25.15
CA LEU A 45 14.87 22.39 26.50
C LEU A 45 13.50 21.71 26.65
N ALA A 46 13.13 21.43 27.88
CA ALA A 46 11.75 21.02 28.21
C ALA A 46 11.29 21.80 29.43
N THR A 47 10.03 22.24 29.45
CA THR A 47 9.49 22.99 30.59
C THR A 47 8.45 22.18 31.36
N CYS A 48 8.46 22.31 32.69
CA CYS A 48 7.44 21.72 33.56
C CYS A 48 6.32 22.69 33.93
N VAL A 49 5.09 22.28 33.64
CA VAL A 49 3.91 23.04 34.00
C VAL A 49 2.84 22.05 34.44
N ASN A 50 2.23 22.30 35.60
CA ASN A 50 1.20 21.41 36.19
C ASN A 50 1.59 19.95 36.24
N GLY A 51 2.80 19.64 36.70
CA GLY A 51 3.23 18.25 36.82
C GLY A 51 3.70 17.56 35.55
N VAL A 52 3.53 18.19 34.40
CA VAL A 52 3.97 17.60 33.12
C VAL A 52 5.19 18.32 32.53
N CYS A 53 6.17 17.57 32.04
CA CYS A 53 7.29 18.13 31.25
C CYS A 53 6.92 18.21 29.79
N TRP A 54 6.92 19.43 29.26
CA TRP A 54 6.53 19.66 27.89
C TRP A 54 7.73 20.11 27.06
N THR A 55 7.83 19.57 25.86
CA THR A 55 8.87 19.99 24.93
C THR A 55 8.31 20.03 23.54
N VAL A 56 9.16 20.23 22.55
CA VAL A 56 8.69 20.27 21.15
C VAL A 56 8.73 18.91 20.50
N TYR A 57 7.77 18.66 19.62
CA TYR A 57 7.72 17.40 18.92
C TYR A 57 8.85 17.31 17.91
N HIS A 58 9.29 18.44 17.38
CA HIS A 58 10.35 18.42 16.38
C HIS A 58 11.73 18.19 16.96
N GLY A 59 11.84 18.10 18.29
CA GLY A 59 13.09 17.70 18.95
C GLY A 59 13.05 16.28 19.52
N ALA A 60 11.87 15.84 19.94
CA ALA A 60 11.73 14.58 20.68
C ALA A 60 10.76 13.61 20.03
N GLY A 61 10.23 13.96 18.86
CA GLY A 61 9.11 13.22 18.28
C GLY A 61 8.40 12.27 19.21
N SER A 62 8.64 11.01 18.98
CA SER A 62 7.88 9.89 19.53
C SER A 62 8.44 9.40 20.87
N LYS A 63 9.63 9.89 21.21
CA LYS A 63 10.50 9.24 22.16
C LYS A 63 10.04 9.33 23.62
N THR A 64 10.50 8.34 24.40
CA THR A 64 10.29 8.27 25.84
C THR A 64 11.34 9.09 26.57
N LEU A 65 11.18 9.26 27.88
CA LEU A 65 12.10 10.05 28.68
C LEU A 65 12.76 9.20 29.74
N ALA A 66 14.09 9.13 29.72
CA ALA A 66 14.80 8.26 30.64
C ALA A 66 14.43 8.67 32.05
N GLY A 67 13.84 7.74 32.80
CA GLY A 67 13.34 8.02 34.13
C GLY A 67 13.84 7.05 35.17
N PRO A 68 13.69 7.40 36.45
CA PRO A 68 14.25 6.67 37.58
C PRO A 68 13.77 5.22 37.71
N LYS A 69 12.65 4.91 37.06
CA LYS A 69 12.13 3.53 36.95
C LYS A 69 12.04 3.10 35.47
N GLY A 70 13.07 3.39 34.69
CA GLY A 70 13.03 3.08 33.27
C GLY A 70 12.30 4.16 32.49
N PRO A 71 12.10 3.91 31.19
CA PRO A 71 11.62 4.97 30.31
C PRO A 71 10.19 5.37 30.61
N ILE A 72 9.87 6.62 30.32
CA ILE A 72 8.56 7.19 30.54
C ILE A 72 7.90 7.45 29.18
N THR A 73 6.70 6.92 29.00
CA THR A 73 5.92 7.13 27.79
C THR A 73 5.38 8.57 27.71
N GLN A 74 5.20 9.08 26.49
CA GLN A 74 4.54 10.35 26.30
C GLN A 74 3.09 10.22 26.73
N MET A 75 2.70 11.02 27.71
CA MET A 75 1.28 11.17 28.05
C MET A 75 0.55 11.92 26.96
N TYR A 76 1.19 12.94 26.41
CA TYR A 76 0.52 13.85 25.49
C TYR A 76 1.35 14.02 24.25
N THR A 77 0.69 13.96 23.11
CA THR A 77 1.35 14.05 21.85
C THR A 77 0.38 14.76 20.88
N ASN A 78 0.70 16.01 20.63
CA ASN A 78 -0.14 16.87 19.82
C ASN A 78 0.68 17.42 18.64
N VAL A 79 0.97 16.53 17.69
CA VAL A 79 1.74 16.87 16.48
C VAL A 79 1.30 18.21 15.86
N ASP A 80 -0.01 18.44 15.80
CA ASP A 80 -0.58 19.68 15.26
C ASP A 80 0.03 20.94 15.85
N GLN A 81 0.41 20.90 17.12
CA GLN A 81 0.94 22.09 17.77
C GLN A 81 2.43 21.95 18.13
N ASP A 82 3.08 20.91 17.59
CA ASP A 82 4.51 20.66 17.83
C ASP A 82 4.80 20.45 19.31
N LEU A 83 3.90 19.76 20.01
CA LEU A 83 3.94 19.63 21.48
C LEU A 83 3.89 18.19 21.96
N VAL A 84 4.79 17.81 22.87
CA VAL A 84 4.68 16.53 23.59
C VAL A 84 4.90 16.74 25.07
N GLY A 85 4.48 15.76 25.87
CA GLY A 85 4.61 15.84 27.34
C GLY A 85 4.76 14.50 28.04
N TRP A 86 5.65 14.48 29.05
CA TRP A 86 5.85 13.32 29.94
C TRP A 86 5.51 13.71 31.40
N GLN A 87 5.17 12.73 32.23
CA GLN A 87 4.96 13.02 33.65
C GLN A 87 6.27 13.37 34.30
N ALA A 88 6.28 14.47 35.04
CA ALA A 88 7.51 15.05 35.53
C ALA A 88 8.22 14.07 36.47
N PRO A 89 9.49 13.74 36.15
CA PRO A 89 10.27 12.94 37.08
C PRO A 89 10.20 13.57 38.45
N PRO A 90 10.15 12.75 39.51
CA PRO A 90 10.17 13.33 40.85
C PRO A 90 11.40 14.21 41.06
N GLY A 91 11.20 15.39 41.64
CA GLY A 91 12.28 16.36 41.83
C GLY A 91 12.12 17.61 40.96
N ALA A 92 11.58 17.41 39.77
CA ALA A 92 11.28 18.52 38.87
C ALA A 92 10.25 19.48 39.48
N ARG A 93 10.70 20.68 39.83
CA ARG A 93 9.82 21.74 40.31
C ARG A 93 8.99 22.33 39.16
N SER A 94 7.67 22.22 39.26
CA SER A 94 6.76 22.63 38.18
C SER A 94 6.38 24.11 38.25
N LEU A 95 6.35 24.78 37.10
CA LEU A 95 5.79 26.13 37.00
C LEU A 95 4.28 26.07 36.85
N THR A 96 3.63 27.18 37.16
CA THR A 96 2.17 27.26 37.09
C THR A 96 1.78 28.34 36.06
N PRO A 97 0.62 28.15 35.37
CA PRO A 97 0.22 29.10 34.34
C PRO A 97 -0.12 30.51 34.84
N CYS A 98 0.25 31.51 34.03
CA CYS A 98 -0.07 32.90 34.29
C CYS A 98 -1.59 33.11 34.27
N THR A 99 -2.10 33.87 35.23
CA THR A 99 -3.51 34.26 35.26
C THR A 99 -3.68 35.78 35.18
N CYS A 100 -2.58 36.51 35.00
CA CYS A 100 -2.63 37.99 35.06
C CYS A 100 -2.85 38.67 33.68
N GLY A 101 -2.50 37.99 32.60
CA GLY A 101 -2.78 38.45 31.25
C GLY A 101 -1.76 39.44 30.72
N SER A 102 -0.58 39.48 31.33
CA SER A 102 0.45 40.46 30.96
C SER A 102 0.92 40.32 29.51
N SER A 103 1.55 41.38 29.01
CA SER A 103 2.15 41.36 27.70
C SER A 103 3.66 41.52 27.81
N ASP A 104 4.17 41.60 29.03
CA ASP A 104 5.59 41.79 29.28
C ASP A 104 6.22 40.43 29.57
N LEU A 105 6.58 39.71 28.51
CA LEU A 105 7.09 38.34 28.66
C LEU A 105 8.61 38.26 28.74
N TYR A 106 9.09 37.08 29.12
CA TYR A 106 10.51 36.80 29.23
C TYR A 106 10.77 35.37 28.81
N LEU A 107 11.52 35.22 27.73
CA LEU A 107 11.91 33.92 27.21
C LEU A 107 13.19 33.53 27.89
N VAL A 108 13.24 32.31 28.42
CA VAL A 108 14.45 31.80 29.06
C VAL A 108 15.07 30.81 28.12
N THR A 109 16.32 31.07 27.75
CA THR A 109 17.00 30.26 26.74
C THR A 109 17.91 29.21 27.36
N ARG A 110 18.48 28.43 26.46
CA ARG A 110 19.41 27.33 26.74
C ARG A 110 20.66 27.72 27.53
N HIS A 111 21.12 28.94 27.34
CA HIS A 111 22.30 29.46 28.04
C HIS A 111 21.91 30.28 29.27
N ALA A 112 20.65 30.20 29.66
CA ALA A 112 20.11 30.94 30.80
C ALA A 112 19.98 32.46 30.58
N ASP A 113 19.73 32.89 29.35
CA ASP A 113 19.42 34.29 29.09
C ASP A 113 17.93 34.47 29.31
N VAL A 114 17.56 35.55 29.98
CA VAL A 114 16.19 35.96 30.11
C VAL A 114 16.06 37.13 29.15
N ILE A 115 15.22 36.99 28.14
CA ILE A 115 15.12 38.01 27.10
C ILE A 115 13.68 38.49 26.91
N PRO A 116 13.48 39.82 26.93
CA PRO A 116 12.15 40.38 26.88
C PRO A 116 11.43 40.17 25.57
N VAL A 117 10.16 39.79 25.66
CA VAL A 117 9.32 39.52 24.51
C VAL A 117 8.01 40.27 24.70
N ARG A 118 7.51 40.88 23.63
CA ARG A 118 6.26 41.63 23.71
C ARG A 118 5.12 40.79 23.12
N ARG A 119 4.16 40.43 23.96
CA ARG A 119 3.06 39.55 23.58
C ARG A 119 2.20 40.15 22.48
N ARG A 120 2.07 39.44 21.36
CA ARG A 120 1.33 39.97 20.21
C ARG A 120 -0.03 39.30 19.96
N GLY A 121 -0.10 37.98 20.12
CA GLY A 121 -1.34 37.24 19.88
C GLY A 121 -1.58 36.19 20.94
N ASP A 122 -2.01 35.01 20.51
CA ASP A 122 -2.16 33.86 21.42
C ASP A 122 -0.84 33.09 21.51
N SER A 123 -0.14 33.01 20.37
CA SER A 123 1.05 32.18 20.23
C SER A 123 2.25 32.96 19.69
N ARG A 124 2.20 34.28 19.82
CA ARG A 124 3.17 35.16 19.14
C ARG A 124 3.67 36.32 19.98
N GLY A 125 4.93 36.66 19.79
CA GLY A 125 5.55 37.76 20.50
C GLY A 125 6.81 38.24 19.83
N SER A 126 6.95 39.56 19.74
CA SER A 126 8.10 40.17 19.08
C SER A 126 9.19 40.54 20.08
N LEU A 127 10.43 40.35 19.65
CA LEU A 127 11.60 40.66 20.47
C LEU A 127 11.86 42.18 20.52
N LEU A 128 12.07 42.67 21.73
CA LEU A 128 12.35 44.08 21.95
C LEU A 128 13.71 44.46 21.39
N SER A 129 14.70 43.59 21.56
CA SER A 129 15.99 43.71 20.91
C SER A 129 16.19 42.47 20.04
N PRO A 130 16.26 42.65 18.70
CA PRO A 130 16.45 41.49 17.83
C PRO A 130 17.80 40.82 18.09
N ARG A 131 17.82 39.50 18.15
CA ARG A 131 19.06 38.76 18.37
C ARG A 131 19.43 37.98 17.12
N PRO A 132 20.66 37.42 17.10
CA PRO A 132 20.97 36.45 16.08
C PRO A 132 20.20 35.14 16.33
N VAL A 133 19.98 34.38 15.28
CA VAL A 133 19.27 33.13 15.37
C VAL A 133 20.05 32.10 16.21
N SER A 134 21.37 32.09 16.07
CA SER A 134 22.25 31.17 16.81
C SER A 134 22.17 31.37 18.32
N TYR A 135 21.84 32.60 18.71
CA TYR A 135 21.61 32.99 20.09
C TYR A 135 20.41 32.26 20.67
N LEU A 136 19.48 31.91 19.79
CA LEU A 136 18.22 31.24 20.18
C LEU A 136 18.16 29.73 19.90
N LYS A 137 18.84 29.27 18.84
CA LYS A 137 18.83 27.86 18.45
C LYS A 137 19.16 26.90 19.60
N GLY A 138 18.29 25.92 19.81
CA GLY A 138 18.46 24.97 20.90
C GLY A 138 17.62 25.26 22.12
N SER A 139 16.73 26.26 22.04
CA SER A 139 15.92 26.65 23.18
C SER A 139 14.45 26.21 23.06
N SER A 140 14.07 25.60 21.93
CA SER A 140 12.72 25.09 21.78
C SER A 140 12.37 24.24 23.00
N GLY A 141 11.11 24.36 23.42
CA GLY A 141 10.66 23.80 24.68
C GLY A 141 11.05 24.62 25.89
N GLY A 142 11.69 25.76 25.68
CA GLY A 142 12.01 26.70 26.75
C GLY A 142 10.77 27.50 27.09
N PRO A 143 10.70 28.05 28.32
CA PRO A 143 9.50 28.72 28.79
C PRO A 143 9.37 30.20 28.40
N LEU A 144 8.15 30.64 28.19
CA LEU A 144 7.83 32.06 28.24
C LEU A 144 7.14 32.37 29.56
N LEU A 145 7.71 33.31 30.30
CA LEU A 145 7.23 33.66 31.63
C LEU A 145 6.64 35.08 31.63
N CYS A 146 5.62 35.27 32.47
CA CYS A 146 5.06 36.59 32.78
C CYS A 146 5.97 37.24 33.82
N PRO A 147 5.75 38.52 34.14
CA PRO A 147 6.61 39.20 35.13
C PRO A 147 6.72 38.52 36.49
N SER A 148 5.66 37.82 36.90
CA SER A 148 5.64 37.15 38.20
C SER A 148 6.19 35.72 38.11
N GLY A 149 6.82 35.39 36.99
CA GLY A 149 7.52 34.12 36.83
C GLY A 149 6.63 32.93 36.51
N HIS A 150 5.39 33.20 36.11
CA HIS A 150 4.43 32.15 35.77
C HIS A 150 4.49 31.86 34.28
N ALA A 151 4.11 30.63 33.89
CA ALA A 151 4.27 30.16 32.52
C ALA A 151 3.14 30.62 31.61
N VAL A 152 3.47 31.18 30.44
CA VAL A 152 2.47 31.52 29.41
C VAL A 152 2.57 30.68 28.14
N GLY A 153 3.70 30.01 27.94
CA GLY A 153 3.89 29.19 26.73
C GLY A 153 5.28 28.58 26.60
N ILE A 154 5.44 27.64 25.70
CA ILE A 154 6.76 27.08 25.46
C ILE A 154 7.23 27.47 24.05
N PHE A 155 8.50 27.85 23.97
CA PHE A 155 9.12 28.32 22.73
C PHE A 155 9.10 27.26 21.65
N ARG A 156 8.55 27.60 20.49
CA ARG A 156 8.40 26.67 19.37
C ARG A 156 9.27 27.01 18.14
N ALA A 157 9.24 28.27 17.73
CA ALA A 157 9.88 28.68 16.49
C ALA A 157 10.15 30.17 16.50
N ALA A 158 10.90 30.61 15.50
CA ALA A 158 11.18 32.03 15.33
C ALA A 158 10.85 32.50 13.92
N VAL A 159 10.63 33.80 13.80
CA VAL A 159 10.51 34.49 12.53
C VAL A 159 11.72 35.41 12.47
N CYS A 160 12.43 35.37 11.33
CA CYS A 160 13.72 36.04 11.18
C CYS A 160 14.16 36.22 9.74
N THR A 161 15.21 37.02 9.54
CA THR A 161 15.67 37.40 8.22
C THR A 161 17.20 37.55 8.16
N ARG A 162 17.84 36.75 7.31
CA ARG A 162 19.30 36.73 7.17
C ARG A 162 20.05 36.41 8.47
N GLY A 163 19.45 35.58 9.31
CA GLY A 163 20.10 35.10 10.53
C GLY A 163 19.85 35.93 11.78
N VAL A 164 18.91 36.88 11.71
CA VAL A 164 18.55 37.71 12.87
C VAL A 164 17.06 37.55 13.28
N ALA A 165 16.84 37.07 14.49
CA ALA A 165 15.49 36.75 14.98
C ALA A 165 14.72 37.99 15.43
N LYS A 166 13.59 38.26 14.77
CA LYS A 166 12.75 39.42 15.07
C LYS A 166 11.50 39.10 15.92
N ALA A 167 11.08 37.83 15.96
CA ALA A 167 9.92 37.46 16.75
C ALA A 167 9.88 35.95 17.06
N VAL A 168 9.09 35.55 18.05
CA VAL A 168 9.04 34.16 18.48
C VAL A 168 7.60 33.63 18.50
N ASP A 169 7.46 32.39 18.04
CA ASP A 169 6.23 31.65 18.14
C ASP A 169 6.36 30.69 19.31
N PHE A 170 5.25 30.47 20.02
CA PHE A 170 5.22 29.56 21.16
C PHE A 170 3.85 28.90 21.27
N VAL A 171 3.83 27.70 21.85
CA VAL A 171 2.58 27.02 22.17
C VAL A 171 1.97 27.72 23.38
N PRO A 172 0.74 28.20 23.26
CA PRO A 172 0.18 28.84 24.43
C PRO A 172 -0.12 27.80 25.49
N VAL A 173 0.09 28.20 26.75
CA VAL A 173 -0.21 27.36 27.89
C VAL A 173 -1.66 26.86 27.90
N GLU A 174 -2.54 27.57 27.21
CA GLU A 174 -3.95 27.20 27.12
C GLU A 174 -4.16 25.97 26.24
N SER A 175 -3.30 25.79 25.23
CA SER A 175 -3.35 24.62 24.34
C SER A 175 -2.81 23.37 25.02
N MET A 176 -1.93 23.55 26.01
CA MET A 176 -1.44 22.45 26.82
C MET A 176 -2.54 21.85 27.67
N GLU A 177 -3.37 22.69 28.29
CA GLU A 177 -4.53 22.22 29.05
C GLU A 177 -5.65 21.70 28.12
N THR A 178 -5.69 22.18 26.88
CA THR A 178 -6.60 21.65 25.84
C THR A 178 -6.19 20.23 25.43
N THR A 179 -4.88 20.02 25.25
CA THR A 179 -4.35 18.68 24.99
C THR A 179 -4.59 17.76 26.19
N MET A 180 -4.40 18.27 27.41
CA MET A 180 -4.73 17.53 28.64
C MET A 180 -6.23 17.31 28.84
N ARG A 181 -7.05 18.09 28.11
CA ARG A 181 -8.50 17.89 28.05
C ARG A 181 -8.95 16.92 26.95
N ALA A 182 -8.01 16.13 26.41
CA ALA A 182 -8.34 15.08 25.44
C ALA A 182 -7.91 13.69 25.94
N SER A 183 -8.78 13.06 26.71
CA SER A 183 -8.55 11.73 27.30
C SER A 183 -8.47 10.63 26.23
N ALA B 2 55.77 4.97 -9.66
CA ALA B 2 54.75 5.96 -9.17
C ALA B 2 55.43 7.24 -8.69
N PRO B 3 55.34 8.34 -9.48
CA PRO B 3 55.99 9.60 -9.09
C PRO B 3 55.22 10.32 -7.96
N ILE B 4 54.01 9.85 -7.68
CA ILE B 4 53.22 10.32 -6.56
C ILE B 4 53.41 9.34 -5.40
N THR B 5 53.59 9.87 -4.19
CA THR B 5 53.70 9.06 -2.99
C THR B 5 52.59 9.43 -1.99
N ALA B 6 52.35 8.56 -1.02
CA ALA B 6 51.32 8.79 -0.03
C ALA B 6 51.50 7.89 1.19
N TYR B 7 51.06 8.36 2.35
CA TYR B 7 51.04 7.54 3.56
C TYR B 7 49.68 7.66 4.25
N SER B 8 49.46 6.82 5.26
CA SER B 8 48.19 6.77 5.99
C SER B 8 48.37 7.10 7.47
N GLN B 9 47.38 7.79 8.04
CA GLN B 9 47.34 8.01 9.47
C GLN B 9 45.95 7.66 9.98
N GLN B 10 45.88 7.00 11.13
CA GLN B 10 44.61 6.73 11.80
C GLN B 10 44.33 7.86 12.78
N THR B 11 43.06 8.15 13.03
CA THR B 11 42.67 9.22 13.98
C THR B 11 41.50 8.87 14.92
N ARG B 12 40.87 7.72 14.71
CA ARG B 12 39.80 7.25 15.58
C ARG B 12 39.82 5.75 15.67
N GLY B 13 39.38 5.24 16.81
CA GLY B 13 39.25 3.81 17.02
C GLY B 13 37.80 3.39 16.81
N LEU B 14 37.47 2.22 17.33
CA LEU B 14 36.15 1.64 17.12
C LEU B 14 35.09 2.38 17.92
N LEU B 15 35.34 2.54 19.22
CA LEU B 15 34.34 3.14 20.12
C LEU B 15 34.06 4.59 19.75
N GLY B 16 35.12 5.38 19.59
CA GLY B 16 34.99 6.78 19.20
C GLY B 16 34.30 6.92 17.86
N CYS B 17 34.60 5.99 16.96
CA CYS B 17 33.93 5.95 15.67
C CYS B 17 32.43 5.77 15.85
N ILE B 18 32.02 4.74 16.57
CA ILE B 18 30.59 4.47 16.83
C ILE B 18 29.86 5.62 17.53
N ILE B 19 30.49 6.20 18.55
CA ILE B 19 29.90 7.34 19.25
C ILE B 19 29.69 8.53 18.29
N THR B 20 30.69 8.77 17.44
CA THR B 20 30.65 9.88 16.50
C THR B 20 29.59 9.62 15.43
N SER B 21 29.41 8.35 15.09
CA SER B 21 28.40 7.97 14.13
C SER B 21 27.01 8.35 14.63
N LEU B 22 26.71 8.01 15.86
CA LEU B 22 25.38 8.27 16.44
C LEU B 22 25.08 9.75 16.59
N THR B 23 26.09 10.52 16.97
CA THR B 23 25.91 11.95 17.29
C THR B 23 26.01 12.83 16.07
N GLY B 24 26.94 12.50 15.17
CA GLY B 24 27.16 13.28 13.95
C GLY B 24 28.17 14.40 14.11
N ARG B 25 28.63 14.64 15.34
CA ARG B 25 29.64 15.68 15.60
C ARG B 25 31.01 15.06 15.66
N ASP B 26 31.83 15.40 14.67
CA ASP B 26 33.25 15.10 14.71
C ASP B 26 33.93 16.44 14.81
N ARG B 27 34.74 16.61 15.84
CA ARG B 27 35.49 17.85 16.03
C ARG B 27 36.95 17.67 15.66
N ASN B 28 37.35 16.45 15.30
CA ASN B 28 38.72 16.18 14.90
C ASN B 28 39.12 17.05 13.73
N GLN B 29 40.38 17.47 13.73
CA GLN B 29 40.92 18.29 12.68
C GLN B 29 41.03 17.46 11.41
N VAL B 30 40.72 18.08 10.27
CA VAL B 30 40.70 17.38 8.98
C VAL B 30 41.90 17.79 8.13
N GLU B 31 42.58 16.80 7.55
CA GLU B 31 43.78 17.04 6.75
C GLU B 31 43.84 16.17 5.51
N GLY B 32 44.62 16.61 4.53
CA GLY B 32 44.86 15.83 3.32
C GLY B 32 43.72 15.95 2.33
N GLU B 33 43.72 15.05 1.35
CA GLU B 33 42.75 15.06 0.25
C GLU B 33 41.87 13.81 0.27
N VAL B 34 42.48 12.68 0.61
CA VAL B 34 41.76 11.42 0.73
C VAL B 34 41.54 11.08 2.21
N GLN B 35 40.29 10.81 2.57
CA GLN B 35 39.95 10.46 3.94
C GLN B 35 39.55 8.99 4.00
N VAL B 36 40.07 8.26 4.99
CA VAL B 36 39.51 6.95 5.33
C VAL B 36 38.26 7.25 6.14
N VAL B 37 37.23 6.45 5.89
CA VAL B 37 35.85 6.81 6.20
C VAL B 37 35.09 5.54 6.57
N SER B 38 34.18 5.64 7.53
CA SER B 38 33.59 4.42 8.07
C SER B 38 32.13 4.56 8.55
N THR B 39 31.36 3.46 8.36
CA THR B 39 30.05 3.27 8.99
C THR B 39 30.23 2.28 10.12
N ALA B 40 29.14 1.89 10.79
CA ALA B 40 29.21 0.84 11.80
C ALA B 40 29.68 -0.51 11.20
N THR B 41 29.22 -0.81 9.99
CA THR B 41 29.50 -2.12 9.39
C THR B 41 30.81 -2.19 8.60
N GLN B 42 31.10 -1.18 7.78
CA GLN B 42 32.14 -1.31 6.76
C GLN B 42 32.91 -0.03 6.53
N SER B 43 34.09 -0.15 5.92
CA SER B 43 34.96 1.01 5.67
C SER B 43 35.61 1.08 4.28
N PHE B 44 35.86 2.32 3.85
CA PHE B 44 36.18 2.65 2.47
C PHE B 44 36.84 4.02 2.45
N LEU B 45 36.93 4.69 1.29
CA LEU B 45 37.59 6.00 1.21
C LEU B 45 36.69 7.09 0.63
N ALA B 46 37.09 8.34 0.85
CA ALA B 46 36.43 9.50 0.24
C ALA B 46 37.50 10.38 -0.36
N THR B 47 37.16 11.11 -1.42
CA THR B 47 38.13 11.96 -2.12
C THR B 47 37.57 13.35 -2.43
N CYS B 48 38.26 14.38 -1.96
CA CYS B 48 37.83 15.78 -2.14
C CYS B 48 38.26 16.41 -3.47
N VAL B 49 37.27 16.85 -4.25
CA VAL B 49 37.48 17.52 -5.54
C VAL B 49 36.47 18.67 -5.67
N ASN B 50 36.97 19.85 -6.03
CA ASN B 50 36.17 21.10 -6.07
C ASN B 50 35.42 21.39 -4.74
N GLY B 51 36.09 21.11 -3.63
CA GLY B 51 35.50 21.37 -2.30
C GLY B 51 34.33 20.47 -1.96
N VAL B 52 34.31 19.28 -2.57
CA VAL B 52 33.26 18.30 -2.30
C VAL B 52 33.93 16.97 -2.05
N CYS B 53 33.60 16.33 -0.93
CA CYS B 53 34.06 14.97 -0.69
C CYS B 53 33.20 14.02 -1.49
N TRP B 54 33.85 13.23 -2.35
CA TRP B 54 33.15 12.24 -3.12
C TRP B 54 33.52 10.86 -2.62
N THR B 55 32.51 10.00 -2.58
CA THR B 55 32.68 8.59 -2.24
C THR B 55 31.53 7.83 -2.87
N VAL B 56 31.57 6.51 -2.74
CA VAL B 56 30.58 5.63 -3.38
C VAL B 56 29.27 5.52 -2.60
N TYR B 57 28.18 5.30 -3.33
CA TYR B 57 26.87 5.11 -2.73
C TYR B 57 26.79 3.75 -2.05
N HIS B 58 27.48 2.76 -2.62
CA HIS B 58 27.44 1.40 -2.11
C HIS B 58 28.15 1.24 -0.78
N GLY B 59 28.78 2.32 -0.33
CA GLY B 59 29.33 2.39 1.02
C GLY B 59 28.53 3.33 1.90
N ALA B 60 28.40 4.58 1.43
CA ALA B 60 27.81 5.66 2.23
C ALA B 60 26.29 5.55 2.30
N GLY B 61 25.68 5.04 1.25
CA GLY B 61 24.23 5.13 1.10
C GLY B 61 23.87 6.60 1.04
N SER B 62 22.81 6.97 1.75
CA SER B 62 22.36 8.37 1.82
C SER B 62 22.86 9.08 3.09
N LYS B 63 23.58 8.36 3.93
CA LYS B 63 23.95 8.84 5.26
C LYS B 63 24.65 10.20 5.22
N THR B 64 24.48 10.97 6.29
CA THR B 64 25.20 12.23 6.47
C THR B 64 26.66 11.98 6.81
N LEU B 65 27.48 13.02 6.69
CA LEU B 65 28.88 12.97 7.12
C LEU B 65 29.03 13.68 8.45
N ALA B 66 29.73 13.07 9.39
CA ALA B 66 29.97 13.70 10.67
C ALA B 66 30.92 14.89 10.50
N GLY B 67 30.56 16.03 11.06
CA GLY B 67 31.34 17.25 10.93
C GLY B 67 31.27 18.11 12.17
N PRO B 68 32.10 19.16 12.23
CA PRO B 68 32.38 19.93 13.45
C PRO B 68 31.18 20.65 14.04
N LYS B 69 30.19 20.96 13.21
CA LYS B 69 28.93 21.55 13.67
C LYS B 69 27.75 20.59 13.42
N GLY B 70 28.00 19.30 13.55
CA GLY B 70 26.96 18.29 13.40
C GLY B 70 26.99 17.62 12.04
N PRO B 71 25.99 16.76 11.76
CA PRO B 71 25.98 15.93 10.56
C PRO B 71 25.73 16.72 9.30
N ILE B 72 26.51 16.42 8.26
CA ILE B 72 26.44 17.12 6.96
C ILE B 72 25.62 16.32 5.94
N THR B 73 24.47 16.87 5.54
CA THR B 73 23.62 16.27 4.50
C THR B 73 24.35 16.12 3.16
N GLN B 74 23.95 15.12 2.38
CA GLN B 74 24.52 14.93 1.05
C GLN B 74 24.03 16.06 0.14
N MET B 75 24.98 16.76 -0.49
CA MET B 75 24.64 17.68 -1.56
C MET B 75 24.28 16.92 -2.82
N TYR B 76 25.09 15.90 -3.12
CA TYR B 76 25.03 15.22 -4.40
C TYR B 76 24.93 13.70 -4.24
N THR B 77 23.78 13.16 -4.65
CA THR B 77 23.52 11.73 -4.59
C THR B 77 23.14 11.27 -5.98
N ASN B 78 24.04 10.54 -6.63
CA ASN B 78 23.79 10.02 -7.97
C ASN B 78 23.90 8.49 -7.99
N VAL B 79 22.75 7.86 -7.76
CA VAL B 79 22.63 6.41 -7.60
C VAL B 79 23.02 5.63 -8.86
N ASP B 80 22.45 6.01 -10.00
CA ASP B 80 22.76 5.37 -11.29
C ASP B 80 24.26 5.15 -11.50
N GLN B 81 25.09 6.02 -10.94
CA GLN B 81 26.54 5.92 -11.08
C GLN B 81 27.31 5.49 -9.82
N ASP B 82 26.60 5.22 -8.72
CA ASP B 82 27.23 4.80 -7.45
C ASP B 82 28.00 5.96 -6.80
N LEU B 83 27.42 7.16 -6.80
CA LEU B 83 28.13 8.38 -6.38
C LEU B 83 27.41 9.28 -5.36
N VAL B 84 28.09 9.61 -4.27
CA VAL B 84 27.56 10.59 -3.32
C VAL B 84 28.57 11.67 -2.95
N GLY B 85 28.06 12.81 -2.53
CA GLY B 85 28.90 13.98 -2.27
C GLY B 85 28.44 14.81 -1.08
N TRP B 86 29.41 15.25 -0.29
CA TRP B 86 29.19 16.14 0.86
C TRP B 86 30.04 17.40 0.69
N GLN B 87 29.58 18.53 1.23
CA GLN B 87 30.43 19.72 1.27
C GLN B 87 31.68 19.39 2.09
N ALA B 88 32.84 19.54 1.48
CA ALA B 88 34.09 19.22 2.16
C ALA B 88 34.15 20.00 3.48
N PRO B 89 34.50 19.32 4.59
CA PRO B 89 34.70 20.06 5.85
C PRO B 89 35.94 20.96 5.79
N PRO B 90 35.92 22.11 6.49
CA PRO B 90 37.05 23.01 6.43
C PRO B 90 38.32 22.35 6.95
N GLY B 91 39.46 22.64 6.31
CA GLY B 91 40.73 21.98 6.64
C GLY B 91 41.13 20.93 5.62
N ALA B 92 40.14 20.21 5.09
CA ALA B 92 40.39 19.23 4.02
C ALA B 92 40.97 19.90 2.78
N ARG B 93 41.99 19.27 2.18
CA ARG B 93 42.60 19.79 0.95
C ARG B 93 41.89 19.17 -0.26
N SER B 94 41.55 20.00 -1.25
CA SER B 94 40.78 19.55 -2.40
C SER B 94 41.70 19.29 -3.59
N LEU B 95 41.55 18.14 -4.23
CA LEU B 95 42.27 17.86 -5.47
C LEU B 95 41.58 18.54 -6.63
N THR B 96 42.34 18.80 -7.67
CA THR B 96 41.81 19.45 -8.85
C THR B 96 41.65 18.39 -9.94
N PRO B 97 40.62 18.54 -10.80
CA PRO B 97 40.43 17.64 -11.95
C PRO B 97 41.61 17.61 -12.92
N CYS B 98 41.71 16.53 -13.70
CA CYS B 98 42.70 16.40 -14.77
C CYS B 98 42.09 16.87 -16.09
N THR B 99 42.83 17.72 -16.79
CA THR B 99 42.42 18.22 -18.12
C THR B 99 43.43 17.85 -19.23
N CYS B 100 44.54 17.23 -18.86
CA CYS B 100 45.60 16.88 -19.83
C CYS B 100 45.26 15.64 -20.66
N GLY B 101 44.52 14.70 -20.09
CA GLY B 101 44.08 13.50 -20.79
C GLY B 101 45.13 12.40 -20.85
N SER B 102 45.88 12.22 -19.76
CA SER B 102 46.92 11.22 -19.70
C SER B 102 46.32 9.84 -19.43
N SER B 103 46.80 8.83 -20.17
CA SER B 103 46.33 7.47 -19.99
C SER B 103 46.92 6.85 -18.73
N ASP B 104 48.16 7.22 -18.42
CA ASP B 104 48.84 6.68 -17.26
C ASP B 104 48.27 7.24 -15.96
N LEU B 105 47.43 6.44 -15.33
CA LEU B 105 46.78 6.83 -14.08
C LEU B 105 47.39 6.03 -12.95
N TYR B 106 47.11 6.50 -11.74
CA TYR B 106 47.55 5.83 -10.52
C TYR B 106 46.38 5.77 -9.54
N LEU B 107 46.04 4.55 -9.11
CA LEU B 107 45.04 4.38 -8.06
C LEU B 107 45.74 4.37 -6.71
N VAL B 108 45.20 5.11 -5.77
CA VAL B 108 45.70 5.08 -4.40
C VAL B 108 44.73 4.22 -3.59
N THR B 109 45.28 3.25 -2.86
CA THR B 109 44.48 2.31 -2.08
C THR B 109 44.47 2.67 -0.61
N ARG B 110 43.55 2.01 0.10
CA ARG B 110 43.39 2.11 1.54
C ARG B 110 44.73 2.10 2.28
N HIS B 111 45.64 1.23 1.84
CA HIS B 111 46.91 1.01 2.56
C HIS B 111 48.04 1.89 2.04
N ALA B 112 47.67 3.04 1.50
CA ALA B 112 48.61 4.02 0.93
C ALA B 112 49.50 3.40 -0.16
N ASP B 113 48.90 2.56 -1.01
CA ASP B 113 49.62 1.93 -2.12
C ASP B 113 49.24 2.60 -3.43
N VAL B 114 50.19 3.34 -4.00
CA VAL B 114 50.02 3.92 -5.31
C VAL B 114 50.31 2.81 -6.32
N ILE B 115 49.33 2.48 -7.14
CA ILE B 115 49.45 1.38 -8.07
C ILE B 115 49.13 1.88 -9.48
N PRO B 116 49.93 1.44 -10.49
CA PRO B 116 49.82 2.04 -11.81
C PRO B 116 48.67 1.48 -12.61
N VAL B 117 47.94 2.37 -13.28
CA VAL B 117 46.75 2.00 -14.03
C VAL B 117 46.83 2.56 -15.45
N ARG B 118 46.46 1.74 -16.44
CA ARG B 118 46.39 2.15 -17.83
C ARG B 118 44.94 2.45 -18.21
N ARG B 119 44.62 3.73 -18.30
CA ARG B 119 43.33 4.19 -18.83
C ARG B 119 42.91 3.37 -20.06
N ARG B 120 41.62 3.04 -20.14
CA ARG B 120 41.06 2.34 -21.30
C ARG B 120 39.84 3.06 -21.87
N GLY B 121 38.75 3.10 -21.11
CA GLY B 121 37.54 3.82 -21.50
C GLY B 121 37.38 5.06 -20.66
N ASP B 122 36.17 5.63 -20.65
CA ASP B 122 35.88 6.85 -19.90
C ASP B 122 35.84 6.57 -18.39
N SER B 123 35.44 5.35 -18.03
CA SER B 123 35.45 4.89 -16.64
C SER B 123 36.23 3.58 -16.47
N ARG B 124 37.01 3.19 -17.47
CA ARG B 124 37.75 1.92 -17.42
C ARG B 124 39.26 2.10 -17.38
N GLY B 125 39.91 1.15 -16.70
CA GLY B 125 41.35 1.15 -16.52
C GLY B 125 41.81 -0.27 -16.19
N SER B 126 42.99 -0.62 -16.68
CA SER B 126 43.52 -1.98 -16.56
C SER B 126 44.82 -2.00 -15.76
N LEU B 127 44.91 -2.90 -14.79
CA LEU B 127 46.08 -3.01 -13.93
C LEU B 127 47.25 -3.59 -14.69
N LEU B 128 48.39 -2.89 -14.63
CA LEU B 128 49.60 -3.36 -15.30
C LEU B 128 50.11 -4.65 -14.64
N SER B 129 49.91 -4.76 -13.34
CA SER B 129 50.17 -5.98 -12.58
C SER B 129 48.90 -6.40 -11.84
N PRO B 130 48.36 -7.59 -12.17
CA PRO B 130 47.20 -8.07 -11.43
C PRO B 130 47.49 -8.31 -9.96
N ARG B 131 46.65 -7.78 -9.08
CA ARG B 131 46.73 -8.03 -7.64
C ARG B 131 45.58 -8.92 -7.18
N PRO B 132 45.74 -9.60 -6.01
CA PRO B 132 44.59 -10.30 -5.44
C PRO B 132 43.51 -9.33 -4.97
N VAL B 133 42.25 -9.74 -5.04
CA VAL B 133 41.12 -8.83 -4.78
C VAL B 133 41.15 -8.16 -3.40
N SER B 134 41.64 -8.87 -2.38
CA SER B 134 41.71 -8.32 -1.03
C SER B 134 42.60 -7.06 -0.96
N TYR B 135 43.63 -7.01 -1.81
CA TYR B 135 44.53 -5.85 -1.91
C TYR B 135 43.81 -4.55 -2.31
N LEU B 136 42.61 -4.70 -2.91
CA LEU B 136 41.77 -3.57 -3.33
C LEU B 136 40.51 -3.37 -2.48
N LYS B 137 39.99 -4.44 -1.86
CA LYS B 137 38.80 -4.32 -0.99
C LYS B 137 39.01 -3.30 0.13
N GLY B 138 38.06 -2.40 0.30
CA GLY B 138 38.14 -1.33 1.28
C GLY B 138 38.61 -0.01 0.69
N SER B 139 38.99 0.01 -0.58
CA SER B 139 39.56 1.20 -1.21
C SER B 139 38.66 1.90 -2.20
N SER B 140 37.39 1.48 -2.27
CA SER B 140 36.38 2.19 -3.04
C SER B 140 36.30 3.64 -2.56
N GLY B 141 36.13 4.55 -3.51
CA GLY B 141 36.07 5.98 -3.19
C GLY B 141 37.42 6.66 -3.09
N GLY B 142 38.50 5.88 -3.18
CA GLY B 142 39.84 6.42 -3.39
C GLY B 142 40.01 6.98 -4.80
N PRO B 143 41.03 7.82 -5.02
CA PRO B 143 41.17 8.53 -6.27
C PRO B 143 42.06 7.84 -7.32
N LEU B 144 41.74 8.10 -8.58
CA LEU B 144 42.66 7.87 -9.70
C LEU B 144 43.29 9.20 -10.08
N LEU B 145 44.60 9.30 -9.92
CA LEU B 145 45.35 10.51 -10.30
C LEU B 145 46.02 10.31 -11.65
N CYS B 146 46.21 11.41 -12.37
CA CYS B 146 47.07 11.41 -13.55
C CYS B 146 48.50 11.64 -13.06
N PRO B 147 49.49 11.57 -13.97
CA PRO B 147 50.88 11.70 -13.50
C PRO B 147 51.15 12.95 -12.67
N SER B 148 50.40 14.02 -12.94
CA SER B 148 50.53 15.29 -12.23
C SER B 148 49.76 15.36 -10.90
N GLY B 149 49.18 14.25 -10.45
CA GLY B 149 48.50 14.21 -9.15
C GLY B 149 47.13 14.91 -9.14
N HIS B 150 46.56 15.09 -10.32
CA HIS B 150 45.23 15.66 -10.47
C HIS B 150 44.23 14.56 -10.70
N ALA B 151 42.98 14.82 -10.32
CA ALA B 151 41.99 13.75 -10.19
C ALA B 151 41.23 13.47 -11.49
N VAL B 152 41.31 12.24 -11.98
CA VAL B 152 40.54 11.85 -13.17
C VAL B 152 39.22 11.15 -12.79
N GLY B 153 39.18 10.51 -11.63
CA GLY B 153 37.97 9.83 -11.15
C GLY B 153 38.12 9.20 -9.78
N ILE B 154 37.05 8.55 -9.30
CA ILE B 154 37.11 7.79 -8.04
C ILE B 154 36.79 6.31 -8.29
N PHE B 155 37.50 5.44 -7.56
CA PHE B 155 37.35 3.97 -7.65
C PHE B 155 35.91 3.56 -7.28
N ARG B 156 35.42 2.49 -7.91
CA ARG B 156 34.03 2.03 -7.76
C ARG B 156 33.92 0.50 -7.65
N ALA B 157 34.51 -0.21 -8.62
CA ALA B 157 34.52 -1.66 -8.61
C ALA B 157 35.76 -2.19 -9.31
N ALA B 158 35.96 -3.49 -9.23
CA ALA B 158 37.02 -4.16 -9.97
C ALA B 158 36.37 -5.08 -11.01
N VAL B 159 37.22 -5.77 -11.78
CA VAL B 159 36.79 -6.82 -12.69
C VAL B 159 37.89 -7.89 -12.72
N CYS B 160 37.53 -9.14 -12.48
CA CYS B 160 38.48 -10.12 -11.91
C CYS B 160 38.17 -11.59 -12.21
N THR B 161 39.02 -12.48 -11.71
CA THR B 161 38.87 -13.92 -11.93
C THR B 161 39.50 -14.76 -10.81
N ARG B 162 38.65 -15.36 -9.96
CA ARG B 162 39.11 -16.19 -8.84
C ARG B 162 39.93 -15.41 -7.80
N GLY B 163 39.49 -14.20 -7.49
CA GLY B 163 40.15 -13.39 -6.47
C GLY B 163 41.45 -12.76 -6.92
N VAL B 164 41.60 -12.55 -8.24
CA VAL B 164 42.69 -11.72 -8.77
C VAL B 164 42.13 -10.68 -9.75
N ALA B 165 42.29 -9.41 -9.39
CA ALA B 165 41.78 -8.28 -10.16
C ALA B 165 42.69 -7.96 -11.32
N LYS B 166 42.09 -7.71 -12.49
CA LYS B 166 42.85 -7.42 -13.69
C LYS B 166 42.52 -6.04 -14.29
N ALA B 167 41.38 -5.45 -13.89
CA ALA B 167 41.07 -4.06 -14.23
C ALA B 167 40.21 -3.40 -13.14
N VAL B 168 40.01 -2.08 -13.27
CA VAL B 168 39.20 -1.32 -12.31
C VAL B 168 38.17 -0.42 -12.98
N ASP B 169 37.02 -0.31 -12.32
CA ASP B 169 35.92 0.56 -12.73
C ASP B 169 35.99 1.82 -11.86
N PHE B 170 35.74 2.98 -12.47
CA PHE B 170 35.82 4.24 -11.73
C PHE B 170 34.88 5.31 -12.28
N VAL B 171 34.23 6.05 -11.39
CA VAL B 171 33.36 7.16 -11.81
C VAL B 171 34.25 8.25 -12.43
N PRO B 172 33.95 8.68 -13.67
CA PRO B 172 34.74 9.78 -14.26
C PRO B 172 34.41 11.14 -13.64
N VAL B 173 35.46 11.91 -13.33
CA VAL B 173 35.33 13.23 -12.74
C VAL B 173 34.32 14.13 -13.48
N GLU B 174 34.23 13.96 -14.80
CA GLU B 174 33.20 14.61 -15.61
C GLU B 174 31.80 14.39 -15.01
N SER B 175 31.56 13.17 -14.52
CA SER B 175 30.29 12.81 -13.85
C SER B 175 30.05 13.57 -12.55
N MET B 176 31.12 13.85 -11.81
CA MET B 176 31.02 14.68 -10.62
C MET B 176 30.56 16.09 -10.98
N GLU B 177 31.15 16.65 -12.04
CA GLU B 177 30.75 17.98 -12.53
C GLU B 177 29.44 17.97 -13.34
N THR B 178 28.95 16.78 -13.65
CA THR B 178 27.60 16.58 -14.22
C THR B 178 26.54 16.54 -13.12
N THR B 179 26.83 15.88 -11.99
CA THR B 179 25.92 15.90 -10.84
C THR B 179 25.87 17.31 -10.22
N MET B 180 27.01 18.02 -10.23
CA MET B 180 27.08 19.42 -9.77
C MET B 180 26.31 20.41 -10.68
N ARG B 181 26.14 20.05 -11.95
CA ARG B 181 25.32 20.84 -12.89
C ARG B 181 23.83 20.44 -12.88
N ALA B 182 23.44 19.62 -11.91
CA ALA B 182 22.03 19.37 -11.58
C ALA B 182 21.74 20.09 -10.26
N SER B 183 21.13 21.26 -10.37
CA SER B 183 20.93 22.16 -9.21
C SER B 183 19.90 21.62 -8.22
N ALA C 2 16.00 -32.19 42.58
CA ALA C 2 16.99 -31.87 41.51
C ALA C 2 18.33 -32.60 41.76
N PRO C 3 18.56 -33.75 41.07
CA PRO C 3 19.87 -34.37 41.16
C PRO C 3 20.92 -33.56 40.37
N ILE C 4 20.44 -32.68 39.49
CA ILE C 4 21.29 -31.71 38.81
C ILE C 4 21.35 -30.44 39.66
N THR C 5 22.42 -29.66 39.51
CA THR C 5 22.59 -28.43 40.29
C THR C 5 23.39 -27.38 39.53
N ALA C 6 23.16 -26.12 39.87
CA ALA C 6 23.80 -25.01 39.15
C ALA C 6 24.14 -23.80 40.04
N TYR C 7 25.22 -23.12 39.68
CA TYR C 7 25.58 -21.82 40.26
C TYR C 7 25.85 -20.84 39.13
N SER C 8 25.90 -19.54 39.45
CA SER C 8 25.90 -18.49 38.42
C SER C 8 26.99 -17.46 38.62
N GLN C 9 27.70 -17.11 37.54
CA GLN C 9 28.75 -16.11 37.60
C GLN C 9 28.43 -14.90 36.70
N GLN C 10 28.66 -13.70 37.22
CA GLN C 10 28.44 -12.43 36.52
C GLN C 10 29.78 -11.86 36.04
N THR C 11 29.88 -11.60 34.74
CA THR C 11 31.12 -11.18 34.08
C THR C 11 31.10 -9.75 33.54
N ARG C 12 29.92 -9.11 33.52
CA ARG C 12 29.83 -7.71 33.13
C ARG C 12 28.80 -6.99 33.95
N GLY C 13 29.09 -5.72 34.19
CA GLY C 13 28.12 -4.78 34.70
C GLY C 13 27.49 -4.05 33.55
N LEU C 14 26.75 -3.00 33.88
CA LEU C 14 25.96 -2.23 32.91
C LEU C 14 26.84 -1.53 31.86
N LEU C 15 27.92 -0.88 32.28
CA LEU C 15 28.73 -0.07 31.37
C LEU C 15 29.43 -0.93 30.30
N GLY C 16 30.21 -1.90 30.75
CA GLY C 16 30.94 -2.78 29.85
C GLY C 16 30.00 -3.64 29.02
N CYS C 17 28.77 -3.79 29.49
CA CYS C 17 27.76 -4.45 28.71
C CYS C 17 27.22 -3.57 27.56
N ILE C 18 26.91 -2.29 27.83
CA ILE C 18 26.41 -1.39 26.79
C ILE C 18 27.47 -1.05 25.77
N ILE C 19 28.72 -0.90 26.20
CA ILE C 19 29.83 -0.69 25.29
C ILE C 19 29.92 -1.88 24.34
N THR C 20 29.94 -3.09 24.91
CA THR C 20 30.03 -4.31 24.12
C THR C 20 28.84 -4.40 23.17
N SER C 21 27.68 -3.94 23.63
CA SER C 21 26.47 -3.85 22.79
C SER C 21 26.71 -3.02 21.54
N LEU C 22 27.40 -1.89 21.68
CA LEU C 22 27.60 -0.97 20.57
C LEU C 22 28.73 -1.39 19.63
N THR C 23 29.74 -2.08 20.15
CA THR C 23 30.87 -2.49 19.32
C THR C 23 30.71 -3.87 18.73
N GLY C 24 29.78 -4.65 19.29
CA GLY C 24 29.56 -6.03 18.84
C GLY C 24 30.69 -6.99 19.18
N ARG C 25 31.81 -6.46 19.71
CA ARG C 25 33.02 -7.26 19.98
C ARG C 25 33.13 -7.62 21.46
N ASP C 26 33.16 -8.92 21.76
CA ASP C 26 33.16 -9.44 23.14
C ASP C 26 34.30 -10.44 23.28
N ARG C 27 35.32 -10.05 24.04
CA ARG C 27 36.55 -10.84 24.16
C ARG C 27 36.67 -11.58 25.49
N ASN C 28 35.60 -11.62 26.27
CA ASN C 28 35.57 -12.43 27.50
C ASN C 28 35.50 -13.92 27.18
N GLN C 29 36.22 -14.72 27.95
CA GLN C 29 36.20 -16.17 27.73
C GLN C 29 34.79 -16.67 28.00
N VAL C 30 34.32 -17.56 27.14
CA VAL C 30 32.99 -18.15 27.26
C VAL C 30 33.10 -19.50 27.98
N GLU C 31 32.15 -19.77 28.86
CA GLU C 31 32.12 -21.01 29.63
C GLU C 31 30.69 -21.41 29.90
N GLY C 32 30.50 -22.66 30.28
CA GLY C 32 29.20 -23.15 30.69
C GLY C 32 28.32 -23.51 29.51
N GLU C 33 27.08 -23.85 29.84
CA GLU C 33 26.10 -24.39 28.91
C GLU C 33 24.95 -23.41 28.71
N VAL C 34 24.62 -22.67 29.77
CA VAL C 34 23.61 -21.62 29.73
C VAL C 34 24.29 -20.26 29.90
N GLN C 35 24.00 -19.32 29.03
CA GLN C 35 24.54 -17.96 29.20
C GLN C 35 23.46 -17.00 29.70
N VAL C 36 23.79 -16.19 30.69
CA VAL C 36 22.94 -15.04 31.01
C VAL C 36 23.30 -14.02 29.95
N VAL C 37 22.27 -13.36 29.43
CA VAL C 37 22.36 -12.64 28.17
C VAL C 37 21.56 -11.35 28.31
N SER C 38 22.07 -10.24 27.78
CA SER C 38 21.36 -8.98 27.94
C SER C 38 21.44 -7.99 26.75
N THR C 39 20.40 -7.17 26.64
CA THR C 39 20.36 -5.98 25.82
C THR C 39 20.47 -4.77 26.73
N ALA C 40 20.12 -3.60 26.23
CA ALA C 40 20.09 -2.37 27.03
C ALA C 40 18.91 -2.35 27.98
N THR C 41 17.75 -2.79 27.51
CA THR C 41 16.52 -2.74 28.30
C THR C 41 16.34 -3.97 29.17
N GLN C 42 16.61 -5.15 28.61
CA GLN C 42 16.19 -6.39 29.25
C GLN C 42 17.23 -7.50 29.23
N SER C 43 17.12 -8.41 30.20
CA SER C 43 18.03 -9.57 30.30
C SER C 43 17.30 -10.91 30.50
N PHE C 44 17.87 -11.95 29.93
CA PHE C 44 17.23 -13.25 29.86
C PHE C 44 18.31 -14.27 29.59
N LEU C 45 17.93 -15.53 29.40
CA LEU C 45 18.94 -16.58 29.25
C LEU C 45 19.11 -17.05 27.82
N ALA C 46 20.19 -17.79 27.60
CA ALA C 46 20.45 -18.45 26.34
C ALA C 46 21.03 -19.84 26.63
N THR C 47 20.57 -20.85 25.91
CA THR C 47 21.02 -22.22 26.14
C THR C 47 21.72 -22.78 24.90
N CYS C 48 22.87 -23.42 25.13
CA CYS C 48 23.60 -24.09 24.05
C CYS C 48 23.09 -25.51 23.82
N VAL C 49 22.81 -25.85 22.55
CA VAL C 49 22.46 -27.22 22.13
C VAL C 49 22.97 -27.44 20.71
N ASN C 50 23.67 -28.54 20.48
CA ASN C 50 24.22 -28.87 19.17
C ASN C 50 24.98 -27.73 18.50
N GLY C 51 25.95 -27.20 19.23
CA GLY C 51 26.85 -26.16 18.72
C GLY C 51 26.24 -24.78 18.55
N VAL C 52 25.03 -24.57 19.09
CA VAL C 52 24.26 -23.37 18.82
C VAL C 52 23.64 -22.79 20.10
N CYS C 53 23.67 -21.45 20.22
CA CYS C 53 22.96 -20.74 21.28
C CYS C 53 21.54 -20.47 20.87
N TRP C 54 20.60 -20.94 21.69
CA TRP C 54 19.19 -20.74 21.43
C TRP C 54 18.63 -19.82 22.50
N THR C 55 17.84 -18.85 22.06
CA THR C 55 17.16 -17.96 22.98
C THR C 55 15.82 -17.55 22.40
N VAL C 56 15.09 -16.73 23.14
CA VAL C 56 13.77 -16.29 22.74
C VAL C 56 13.82 -15.05 21.86
N TYR C 57 12.98 -15.04 20.84
CA TYR C 57 12.87 -13.89 19.94
C TYR C 57 12.26 -12.68 20.64
N HIS C 58 11.46 -12.92 21.68
CA HIS C 58 10.81 -11.83 22.40
C HIS C 58 11.78 -11.13 23.35
N GLY C 59 13.02 -11.59 23.39
CA GLY C 59 14.06 -10.89 24.12
C GLY C 59 15.14 -10.36 23.21
N ALA C 60 15.57 -11.18 22.26
CA ALA C 60 16.67 -10.85 21.37
C ALA C 60 16.21 -10.17 20.08
N GLY C 61 14.96 -10.32 19.70
CA GLY C 61 14.58 -9.85 18.39
C GLY C 61 15.54 -10.43 17.38
N SER C 62 15.81 -9.68 16.30
CA SER C 62 16.70 -10.15 15.26
C SER C 62 18.09 -9.53 15.41
N LYS C 63 18.60 -9.53 16.64
CA LYS C 63 19.86 -8.89 16.94
C LYS C 63 21.04 -9.84 16.83
N THR C 64 22.20 -9.28 16.53
CA THR C 64 23.43 -10.04 16.50
C THR C 64 23.94 -10.21 17.92
N LEU C 65 24.73 -11.26 18.13
CA LEU C 65 25.34 -11.54 19.43
C LEU C 65 26.75 -11.01 19.42
N ALA C 66 27.19 -10.48 20.55
CA ALA C 66 28.52 -9.89 20.65
C ALA C 66 29.51 -11.03 20.72
N GLY C 67 30.38 -11.14 19.72
CA GLY C 67 31.37 -12.21 19.68
C GLY C 67 32.80 -11.69 19.67
N PRO C 68 33.79 -12.62 19.77
CA PRO C 68 35.21 -12.26 19.79
C PRO C 68 35.71 -11.61 18.50
N LYS C 69 35.24 -12.11 17.36
CA LYS C 69 35.59 -11.50 16.07
C LYS C 69 34.46 -10.62 15.57
N GLY C 70 33.92 -9.79 16.46
CA GLY C 70 32.78 -8.94 16.11
C GLY C 70 31.46 -9.67 16.15
N PRO C 71 30.36 -8.99 15.79
CA PRO C 71 28.99 -9.51 15.95
C PRO C 71 28.71 -10.78 15.15
N ILE C 72 27.90 -11.67 15.73
CA ILE C 72 27.50 -12.92 15.07
C ILE C 72 26.02 -12.83 14.63
N THR C 73 25.80 -12.92 13.32
CA THR C 73 24.44 -12.93 12.76
C THR C 73 23.64 -14.11 13.31
N GLN C 74 22.31 -13.97 13.31
CA GLN C 74 21.43 -15.09 13.60
C GLN C 74 21.35 -16.00 12.40
N MET C 75 21.82 -17.24 12.54
CA MET C 75 21.56 -18.29 11.55
C MET C 75 20.07 -18.56 11.51
N TYR C 76 19.53 -18.83 12.69
CA TYR C 76 18.18 -19.37 12.82
C TYR C 76 17.29 -18.35 13.45
N THR C 77 16.22 -18.01 12.73
CA THR C 77 15.17 -17.16 13.25
C THR C 77 13.85 -17.83 12.90
N ASN C 78 13.11 -18.19 13.95
CA ASN C 78 11.77 -18.75 13.82
C ASN C 78 10.82 -17.98 14.73
N VAL C 79 10.16 -16.98 14.16
CA VAL C 79 9.26 -16.14 14.93
C VAL C 79 8.05 -16.92 15.40
N ASP C 80 7.47 -17.73 14.51
CA ASP C 80 6.30 -18.56 14.85
C ASP C 80 6.44 -19.33 16.17
N GLN C 81 7.67 -19.60 16.60
CA GLN C 81 7.94 -20.41 17.80
C GLN C 81 8.66 -19.62 18.89
N ASP C 82 8.80 -18.30 18.70
CA ASP C 82 9.57 -17.43 19.61
C ASP C 82 10.99 -17.92 19.78
N LEU C 83 11.61 -18.35 18.68
CA LEU C 83 12.93 -18.98 18.74
C LEU C 83 13.90 -18.29 17.83
N VAL C 84 15.09 -17.98 18.36
CA VAL C 84 16.22 -17.55 17.54
C VAL C 84 17.45 -18.31 17.99
N GLY C 85 18.49 -18.31 17.16
CA GLY C 85 19.77 -18.94 17.52
C GLY C 85 21.00 -18.37 16.83
N TRP C 86 22.16 -18.55 17.47
CA TRP C 86 23.44 -18.12 16.92
C TRP C 86 24.43 -19.28 16.96
N GLN C 87 25.41 -19.28 16.07
CA GLN C 87 26.51 -20.23 16.17
C GLN C 87 27.29 -19.91 17.43
N ALA C 88 27.22 -20.83 18.41
CA ALA C 88 27.84 -20.66 19.71
C ALA C 88 29.31 -20.25 19.59
N PRO C 89 29.73 -19.22 20.35
CA PRO C 89 31.15 -18.83 20.37
C PRO C 89 32.07 -19.98 20.81
N PRO C 90 33.34 -19.93 20.42
CA PRO C 90 34.26 -20.95 20.91
C PRO C 90 34.37 -20.88 22.44
N GLY C 91 34.53 -22.04 23.08
CA GLY C 91 34.53 -22.13 24.53
C GLY C 91 33.25 -22.77 25.05
N ALA C 92 32.12 -22.19 24.66
CA ALA C 92 30.80 -22.67 25.10
C ALA C 92 30.65 -24.18 25.04
N ARG C 93 30.23 -24.76 26.17
CA ARG C 93 29.88 -26.17 26.23
C ARG C 93 28.46 -26.32 25.70
N SER C 94 28.23 -27.40 24.98
CA SER C 94 26.98 -27.60 24.26
C SER C 94 26.24 -28.83 24.79
N LEU C 95 25.02 -28.63 25.27
CA LEU C 95 24.18 -29.73 25.77
C LEU C 95 23.70 -30.64 24.64
N THR C 96 23.31 -31.86 25.01
CA THR C 96 22.80 -32.85 24.07
C THR C 96 21.31 -33.08 24.30
N PRO C 97 20.53 -33.29 23.22
CA PRO C 97 19.09 -33.55 23.37
C PRO C 97 18.76 -34.82 24.15
N CYS C 98 17.68 -34.78 24.94
CA CYS C 98 17.26 -35.93 25.74
C CYS C 98 16.60 -36.97 24.86
N THR C 99 17.13 -38.19 24.85
CA THR C 99 16.56 -39.28 24.06
C THR C 99 15.84 -40.29 24.95
N CYS C 100 15.71 -40.01 26.24
CA CYS C 100 15.09 -40.95 27.18
C CYS C 100 13.57 -40.86 27.20
N GLY C 101 13.02 -39.67 26.94
CA GLY C 101 11.57 -39.47 26.98
C GLY C 101 11.05 -39.43 28.41
N SER C 102 11.77 -38.71 29.28
CA SER C 102 11.41 -38.60 30.68
C SER C 102 10.43 -37.45 30.91
N SER C 103 9.46 -37.66 31.80
CA SER C 103 8.47 -36.64 32.16
C SER C 103 8.86 -35.85 33.41
N ASP C 104 9.95 -36.26 34.07
CA ASP C 104 10.44 -35.62 35.29
C ASP C 104 11.49 -34.57 34.93
N LEU C 105 11.03 -33.35 34.69
CA LEU C 105 11.86 -32.26 34.18
C LEU C 105 12.34 -31.30 35.26
N TYR C 106 13.36 -30.51 34.90
CA TYR C 106 13.95 -29.52 35.79
C TYR C 106 14.23 -28.24 35.01
N LEU C 107 13.63 -27.14 35.46
CA LEU C 107 13.85 -25.82 34.86
C LEU C 107 14.96 -25.11 35.61
N VAL C 108 15.92 -24.56 34.87
CA VAL C 108 17.08 -23.90 35.46
C VAL C 108 16.97 -22.38 35.32
N THR C 109 16.55 -21.70 36.39
CA THR C 109 16.24 -20.26 36.29
C THR C 109 17.47 -19.37 36.31
N ARG C 110 17.23 -18.11 35.95
CA ARG C 110 18.21 -17.03 36.01
C ARG C 110 18.99 -16.96 37.34
N HIS C 111 18.32 -17.24 38.45
CA HIS C 111 18.97 -17.21 39.76
C HIS C 111 19.62 -18.55 40.11
N ALA C 112 19.90 -19.38 39.10
CA ALA C 112 20.61 -20.66 39.27
C ALA C 112 19.90 -21.61 40.23
N ASP C 113 18.57 -21.67 40.12
CA ASP C 113 17.75 -22.61 40.86
C ASP C 113 17.27 -23.67 39.87
N VAL C 114 17.40 -24.93 40.26
CA VAL C 114 16.82 -26.03 39.50
C VAL C 114 15.45 -26.31 40.11
N ILE C 115 14.37 -26.12 39.35
CA ILE C 115 13.01 -26.35 39.85
C ILE C 115 12.23 -27.40 39.06
N PRO C 116 11.56 -28.33 39.78
CA PRO C 116 11.01 -29.50 39.11
C PRO C 116 9.70 -29.21 38.40
N VAL C 117 9.63 -29.56 37.12
CA VAL C 117 8.44 -29.40 36.30
C VAL C 117 7.93 -30.79 35.95
N ARG C 118 6.62 -30.91 35.72
CA ARG C 118 6.04 -32.17 35.28
C ARG C 118 5.56 -32.07 33.82
N ARG C 119 6.27 -32.74 32.93
CA ARG C 119 5.93 -32.78 31.50
C ARG C 119 4.44 -33.05 31.28
N ARG C 120 3.85 -32.33 30.34
CA ARG C 120 2.40 -32.47 30.05
C ARG C 120 2.03 -32.64 28.57
N GLY C 121 2.86 -32.15 27.66
CA GLY C 121 2.63 -32.34 26.23
C GLY C 121 3.95 -32.44 25.48
N ASP C 122 4.11 -31.60 24.47
CA ASP C 122 5.40 -31.43 23.81
C ASP C 122 6.02 -30.05 24.13
N SER C 123 5.17 -29.09 24.50
CA SER C 123 5.62 -27.75 24.89
C SER C 123 4.91 -27.26 26.16
N ARG C 124 4.58 -28.18 27.06
CA ARG C 124 3.86 -27.86 28.29
C ARG C 124 4.34 -28.71 29.47
N GLY C 125 4.38 -28.09 30.64
CA GLY C 125 4.83 -28.75 31.85
C GLY C 125 4.33 -28.04 33.09
N SER C 126 3.80 -28.79 34.04
CA SER C 126 3.19 -28.21 35.23
C SER C 126 4.19 -28.06 36.38
N LEU C 127 4.15 -26.90 37.03
CA LEU C 127 4.97 -26.63 38.21
C LEU C 127 4.45 -27.40 39.41
N LEU C 128 5.23 -28.38 39.86
CA LEU C 128 4.87 -29.17 41.03
C LEU C 128 4.63 -28.24 42.22
N SER C 129 5.57 -27.31 42.44
CA SER C 129 5.40 -26.25 43.43
C SER C 129 5.15 -24.91 42.74
N PRO C 130 3.93 -24.34 42.88
CA PRO C 130 3.65 -23.04 42.26
C PRO C 130 4.53 -21.92 42.82
N ARG C 131 5.14 -21.13 41.93
CA ARG C 131 6.01 -20.05 42.32
C ARG C 131 5.41 -18.68 41.99
N PRO C 132 5.92 -17.63 42.63
CA PRO C 132 5.56 -16.29 42.18
C PRO C 132 6.13 -16.08 40.77
N VAL C 133 5.45 -15.27 39.98
CA VAL C 133 5.83 -15.06 38.59
C VAL C 133 7.15 -14.27 38.49
N SER C 134 7.46 -13.49 39.52
CA SER C 134 8.75 -12.79 39.62
C SER C 134 9.91 -13.74 39.89
N TYR C 135 9.61 -14.95 40.36
CA TYR C 135 10.63 -15.97 40.57
C TYR C 135 11.11 -16.55 39.26
N LEU C 136 10.29 -16.44 38.22
CA LEU C 136 10.60 -16.92 36.87
C LEU C 136 10.94 -15.78 35.89
N LYS C 137 10.39 -14.58 36.14
CA LYS C 137 10.65 -13.46 35.23
C LYS C 137 12.13 -13.32 35.00
N GLY C 138 12.51 -13.27 33.73
CA GLY C 138 13.89 -13.10 33.32
C GLY C 138 14.57 -14.40 32.92
N SER C 139 13.86 -15.52 32.99
CA SER C 139 14.50 -16.81 32.75
C SER C 139 14.18 -17.43 31.39
N SER C 140 13.37 -16.74 30.57
CA SER C 140 13.14 -17.16 29.19
C SER C 140 14.46 -17.42 28.47
N GLY C 141 14.49 -18.53 27.73
CA GLY C 141 15.70 -18.98 27.04
C GLY C 141 16.51 -19.92 27.90
N GLY C 142 15.96 -20.25 29.07
CA GLY C 142 16.63 -21.14 30.02
C GLY C 142 16.23 -22.58 29.77
N PRO C 143 17.13 -23.52 30.05
CA PRO C 143 16.88 -24.90 29.64
C PRO C 143 15.91 -25.63 30.57
N LEU C 144 15.14 -26.52 29.96
CA LEU C 144 14.45 -27.56 30.71
C LEU C 144 15.30 -28.80 30.49
N LEU C 145 15.65 -29.46 31.59
CA LEU C 145 16.55 -30.62 31.55
C LEU C 145 15.81 -31.86 32.00
N CYS C 146 16.22 -33.01 31.47
CA CYS C 146 15.72 -34.29 31.96
C CYS C 146 16.65 -34.74 33.10
N PRO C 147 16.27 -35.81 33.83
CA PRO C 147 17.03 -36.27 35.01
C PRO C 147 18.55 -36.42 34.80
N SER C 148 18.95 -36.96 33.66
CA SER C 148 20.38 -37.16 33.36
C SER C 148 21.14 -35.84 33.09
N GLY C 149 20.41 -34.77 32.77
CA GLY C 149 21.01 -33.47 32.47
C GLY C 149 21.04 -33.15 30.98
N HIS C 150 20.10 -33.74 30.22
CA HIS C 150 20.04 -33.55 28.77
C HIS C 150 18.87 -32.64 28.41
N ALA C 151 19.05 -31.83 27.37
CA ALA C 151 18.12 -30.75 27.03
C ALA C 151 16.87 -31.25 26.35
N VAL C 152 15.70 -30.91 26.90
CA VAL C 152 14.41 -31.20 26.24
C VAL C 152 13.83 -29.96 25.53
N GLY C 153 14.29 -28.77 25.91
CA GLY C 153 13.76 -27.53 25.33
C GLY C 153 14.20 -26.28 26.06
N ILE C 154 13.61 -25.15 25.70
CA ILE C 154 13.95 -23.90 26.36
C ILE C 154 12.70 -23.15 26.82
N PHE C 155 12.81 -22.54 27.99
CA PHE C 155 11.71 -21.85 28.65
C PHE C 155 11.24 -20.68 27.79
N ARG C 156 9.92 -20.53 27.64
CA ARG C 156 9.34 -19.61 26.68
C ARG C 156 8.36 -18.67 27.37
N ALA C 157 7.30 -19.23 27.95
CA ALA C 157 6.32 -18.44 28.69
C ALA C 157 5.85 -19.17 29.94
N ALA C 158 5.07 -18.48 30.78
CA ALA C 158 4.41 -19.12 31.91
C ALA C 158 2.92 -18.84 31.87
N VAL C 159 2.15 -19.82 32.34
CA VAL C 159 0.71 -19.70 32.49
C VAL C 159 0.44 -19.66 33.98
N CYS C 160 -0.44 -18.77 34.43
CA CYS C 160 -0.44 -18.37 35.83
C CYS C 160 -1.73 -17.70 36.27
N THR C 161 -1.78 -17.28 37.54
CA THR C 161 -2.91 -16.55 38.09
C THR C 161 -2.42 -15.50 39.07
N ARG C 162 -2.95 -14.27 38.98
CA ARG C 162 -2.68 -13.20 39.95
C ARG C 162 -1.22 -13.11 40.46
N GLY C 163 -0.27 -13.37 39.55
CA GLY C 163 1.16 -13.30 39.87
C GLY C 163 1.82 -14.58 40.36
N VAL C 164 1.13 -15.72 40.25
CA VAL C 164 1.68 -17.01 40.67
C VAL C 164 1.59 -18.05 39.54
N ALA C 165 2.75 -18.49 39.07
CA ALA C 165 2.83 -19.39 37.93
C ALA C 165 2.43 -20.81 38.32
N LYS C 166 1.67 -21.45 37.43
CA LYS C 166 1.17 -22.81 37.66
C LYS C 166 1.70 -23.82 36.65
N ALA C 167 1.98 -23.37 35.42
CA ALA C 167 2.66 -24.22 34.44
C ALA C 167 3.52 -23.36 33.51
N VAL C 168 4.29 -24.02 32.63
CA VAL C 168 5.25 -23.32 31.77
C VAL C 168 5.22 -23.79 30.33
N ASP C 169 5.34 -22.85 29.41
CA ASP C 169 5.46 -23.13 27.99
C ASP C 169 6.93 -23.11 27.60
N PHE C 170 7.37 -24.13 26.87
CA PHE C 170 8.75 -24.21 26.41
C PHE C 170 8.81 -24.72 24.98
N VAL C 171 9.88 -24.37 24.28
CA VAL C 171 10.08 -24.82 22.90
C VAL C 171 10.64 -26.23 22.94
N PRO C 172 9.93 -27.21 22.35
CA PRO C 172 10.53 -28.54 22.37
C PRO C 172 11.79 -28.61 21.53
N VAL C 173 12.77 -29.37 22.01
CA VAL C 173 14.05 -29.53 21.32
C VAL C 173 13.86 -30.03 19.87
N GLU C 174 12.77 -30.74 19.62
CA GLU C 174 12.40 -31.17 18.26
C GLU C 174 12.30 -29.98 17.32
N SER C 175 11.71 -28.88 17.81
CA SER C 175 11.53 -27.65 17.01
C SER C 175 12.86 -27.04 16.64
N MET C 176 13.82 -27.13 17.55
CA MET C 176 15.13 -26.58 17.31
C MET C 176 15.79 -27.29 16.15
N GLU C 177 15.67 -28.62 16.10
CA GLU C 177 16.26 -29.38 15.02
C GLU C 177 15.50 -29.23 13.71
N THR C 178 14.18 -29.03 13.81
CA THR C 178 13.35 -28.68 12.66
C THR C 178 13.72 -27.30 12.11
N THR C 179 14.08 -26.39 13.00
CA THR C 179 14.52 -25.04 12.61
C THR C 179 15.90 -25.07 11.96
N MET C 180 16.73 -26.03 12.39
CA MET C 180 18.06 -26.24 11.80
C MET C 180 17.98 -26.85 10.40
N ARG C 181 17.18 -27.90 10.25
CA ARG C 181 16.94 -28.56 8.96
C ARG C 181 16.46 -27.57 7.87
N ALA C 182 15.81 -26.48 8.27
CA ALA C 182 15.45 -25.41 7.34
C ALA C 182 16.71 -24.71 6.83
N SER C 183 17.17 -25.09 5.64
CA SER C 183 18.41 -24.56 5.07
C SER C 183 18.20 -23.20 4.44
N ALA D 2 -12.29 40.39 -3.81
CA ALA D 2 -11.31 39.84 -4.81
C ALA D 2 -11.67 40.24 -6.24
N PRO D 3 -10.72 40.87 -6.98
CA PRO D 3 -10.93 41.04 -8.42
C PRO D 3 -10.43 39.77 -9.15
N ILE D 4 -9.72 38.91 -8.40
CA ILE D 4 -9.28 37.62 -8.90
C ILE D 4 -10.35 36.59 -8.55
N THR D 5 -10.50 35.59 -9.41
CA THR D 5 -11.50 34.54 -9.23
C THR D 5 -10.86 33.17 -9.42
N ALA D 6 -11.61 32.12 -9.04
CA ALA D 6 -11.15 30.75 -9.25
C ALA D 6 -12.29 29.74 -9.23
N TYR D 7 -12.15 28.71 -10.07
CA TYR D 7 -13.03 27.54 -10.04
C TYR D 7 -12.14 26.31 -10.06
N SER D 8 -12.63 25.20 -9.51
CA SER D 8 -11.82 23.99 -9.39
C SER D 8 -12.27 22.90 -10.36
N GLN D 9 -11.43 21.89 -10.55
CA GLN D 9 -11.73 20.75 -11.41
C GLN D 9 -11.04 19.50 -10.93
N GLN D 10 -11.80 18.41 -10.83
CA GLN D 10 -11.28 17.12 -10.42
C GLN D 10 -10.87 16.30 -11.63
N THR D 11 -9.67 15.73 -11.58
CA THR D 11 -9.13 14.96 -12.68
C THR D 11 -8.92 13.46 -12.34
N ARG D 12 -8.96 13.11 -11.05
CA ARG D 12 -8.83 11.72 -10.64
C ARG D 12 -9.80 11.36 -9.52
N GLY D 13 -10.17 10.08 -9.48
CA GLY D 13 -10.94 9.52 -8.38
C GLY D 13 -10.03 8.84 -7.40
N LEU D 14 -10.62 8.19 -6.40
CA LEU D 14 -9.85 7.54 -5.35
C LEU D 14 -8.90 6.51 -5.96
N LEU D 15 -9.44 5.57 -6.73
CA LEU D 15 -8.64 4.45 -7.24
C LEU D 15 -7.43 4.93 -8.05
N GLY D 16 -7.68 5.60 -9.17
CA GLY D 16 -6.61 6.07 -10.05
C GLY D 16 -5.52 6.81 -9.29
N CYS D 17 -5.92 7.55 -8.26
CA CYS D 17 -4.97 8.21 -7.40
C CYS D 17 -4.07 7.19 -6.74
N ILE D 18 -4.68 6.24 -6.05
CA ILE D 18 -3.92 5.15 -5.39
C ILE D 18 -3.00 4.37 -6.35
N ILE D 19 -3.54 3.95 -7.49
CA ILE D 19 -2.71 3.32 -8.51
C ILE D 19 -1.55 4.20 -8.95
N THR D 20 -1.79 5.50 -9.07
CA THR D 20 -0.76 6.44 -9.52
C THR D 20 0.30 6.67 -8.45
N SER D 21 -0.15 6.86 -7.21
CA SER D 21 0.72 6.95 -6.05
C SER D 21 1.77 5.84 -6.05
N LEU D 22 1.29 4.60 -6.15
CA LEU D 22 2.17 3.44 -6.11
C LEU D 22 3.11 3.35 -7.31
N THR D 23 2.59 3.59 -8.52
CA THR D 23 3.40 3.48 -9.74
C THR D 23 4.34 4.66 -9.90
N GLY D 24 3.82 5.86 -9.61
CA GLY D 24 4.54 7.10 -9.87
C GLY D 24 4.40 7.66 -11.28
N ARG D 25 3.64 6.99 -12.15
CA ARG D 25 3.47 7.44 -13.54
C ARG D 25 2.14 8.18 -13.73
N ASP D 26 2.21 9.47 -14.05
CA ASP D 26 1.03 10.32 -14.24
C ASP D 26 1.00 10.90 -15.66
N ARG D 27 0.30 10.21 -16.57
CA ARG D 27 0.21 10.67 -17.95
C ARG D 27 -0.98 11.60 -18.24
N ASN D 28 -1.68 12.05 -17.20
CA ASN D 28 -2.73 13.03 -17.37
C ASN D 28 -2.12 14.38 -17.73
N GLN D 29 -2.83 15.14 -18.56
CA GLN D 29 -2.38 16.44 -19.01
C GLN D 29 -2.48 17.45 -17.87
N VAL D 30 -1.38 18.12 -17.53
CA VAL D 30 -1.35 19.09 -16.44
C VAL D 30 -1.74 20.48 -16.97
N GLU D 31 -2.54 21.20 -16.19
CA GLU D 31 -3.02 22.54 -16.56
C GLU D 31 -3.22 23.38 -15.31
N GLY D 32 -3.02 24.68 -15.45
CA GLY D 32 -3.25 25.63 -14.37
C GLY D 32 -2.00 25.95 -13.58
N GLU D 33 -2.17 26.76 -12.54
CA GLU D 33 -1.07 27.24 -11.69
C GLU D 33 -1.06 26.55 -10.35
N VAL D 34 -2.25 26.12 -9.92
CA VAL D 34 -2.50 25.54 -8.61
C VAL D 34 -3.06 24.14 -8.79
N GLN D 35 -2.24 23.12 -8.57
CA GLN D 35 -2.74 21.74 -8.57
C GLN D 35 -3.29 21.31 -7.19
N VAL D 36 -4.43 20.62 -7.19
CA VAL D 36 -4.86 19.88 -6.02
C VAL D 36 -4.13 18.53 -5.98
N VAL D 37 -3.48 18.27 -4.86
CA VAL D 37 -2.46 17.25 -4.77
C VAL D 37 -2.84 16.27 -3.66
N SER D 38 -2.36 15.02 -3.75
CA SER D 38 -2.83 14.02 -2.79
C SER D 38 -1.97 12.78 -2.57
N THR D 39 -1.99 12.29 -1.33
CA THR D 39 -1.45 10.99 -0.99
C THR D 39 -2.60 10.03 -0.63
N ALA D 40 -2.27 8.80 -0.27
CA ALA D 40 -3.28 7.84 0.17
C ALA D 40 -4.14 8.41 1.30
N THR D 41 -3.53 9.09 2.28
CA THR D 41 -4.24 9.52 3.49
C THR D 41 -4.70 10.99 3.49
N GLN D 42 -3.92 11.88 2.90
CA GLN D 42 -4.27 13.30 2.98
C GLN D 42 -4.10 14.07 1.68
N SER D 43 -4.78 15.21 1.62
CA SER D 43 -4.82 16.01 0.41
C SER D 43 -4.68 17.53 0.67
N PHE D 44 -3.84 18.18 -0.16
CA PHE D 44 -3.47 19.57 0.05
C PHE D 44 -3.20 20.17 -1.33
N LEU D 45 -2.55 21.34 -1.39
CA LEU D 45 -2.33 22.03 -2.66
C LEU D 45 -0.84 22.19 -3.00
N ALA D 46 -0.59 22.41 -4.30
CA ALA D 46 0.75 22.72 -4.79
C ALA D 46 0.68 23.89 -5.74
N THR D 47 1.53 24.90 -5.52
CA THR D 47 1.57 26.10 -6.35
C THR D 47 2.86 26.13 -7.19
N CYS D 48 2.70 26.36 -8.51
CA CYS D 48 3.85 26.50 -9.41
C CYS D 48 4.35 27.93 -9.56
N VAL D 49 5.63 28.14 -9.24
CA VAL D 49 6.31 29.43 -9.48
C VAL D 49 7.69 29.17 -10.07
N ASN D 50 8.06 29.96 -11.08
CA ASN D 50 9.38 29.83 -11.73
C ASN D 50 9.75 28.41 -12.17
N GLY D 51 8.74 27.71 -12.67
CA GLY D 51 8.91 26.37 -13.21
C GLY D 51 9.10 25.31 -12.17
N VAL D 52 8.59 25.56 -10.95
CA VAL D 52 8.75 24.63 -9.82
C VAL D 52 7.45 24.51 -9.04
N CYS D 53 7.01 23.28 -8.74
CA CYS D 53 5.85 23.05 -7.85
C CYS D 53 6.23 23.20 -6.40
N TRP D 54 5.66 24.17 -5.72
CA TRP D 54 5.91 24.31 -4.29
C TRP D 54 4.70 23.85 -3.51
N THR D 55 4.93 22.91 -2.62
CA THR D 55 3.92 22.55 -1.64
C THR D 55 4.58 22.49 -0.29
N VAL D 56 3.94 21.87 0.69
CA VAL D 56 4.49 21.79 2.03
C VAL D 56 5.06 20.40 2.37
N TYR D 57 6.14 20.43 3.14
CA TYR D 57 6.73 19.24 3.72
C TYR D 57 5.70 18.50 4.55
N HIS D 58 4.98 19.20 5.42
CA HIS D 58 4.09 18.53 6.37
C HIS D 58 2.97 17.77 5.69
N GLY D 59 2.82 17.93 4.39
CA GLY D 59 1.89 17.15 3.61
C GLY D 59 2.59 16.09 2.78
N ALA D 60 3.68 16.49 2.12
CA ALA D 60 4.30 15.70 1.06
C ALA D 60 5.51 14.91 1.54
N GLY D 61 6.01 15.22 2.74
CA GLY D 61 7.28 14.68 3.19
C GLY D 61 8.39 14.81 2.13
N SER D 62 9.17 13.76 2.00
CA SER D 62 10.24 13.68 1.01
C SER D 62 9.83 12.88 -0.20
N LYS D 63 8.53 12.65 -0.36
CA LYS D 63 8.01 11.82 -1.44
C LYS D 63 8.34 12.40 -2.81
N THR D 64 8.31 11.54 -3.82
CA THR D 64 8.37 11.92 -5.22
C THR D 64 7.01 12.44 -5.67
N LEU D 65 6.96 13.08 -6.85
CA LEU D 65 5.72 13.50 -7.48
C LEU D 65 5.49 12.69 -8.74
N ALA D 66 4.28 12.19 -8.92
CA ALA D 66 3.96 11.38 -10.08
C ALA D 66 4.09 12.20 -11.37
N GLY D 67 5.01 11.80 -12.24
CA GLY D 67 5.22 12.48 -13.52
C GLY D 67 5.11 11.53 -14.71
N PRO D 68 4.91 12.10 -15.91
CA PRO D 68 4.61 11.35 -17.13
C PRO D 68 5.65 10.29 -17.51
N LYS D 69 6.90 10.52 -17.12
CA LYS D 69 7.95 9.54 -17.35
C LYS D 69 8.39 8.99 -16.00
N GLY D 70 7.41 8.63 -15.16
CA GLY D 70 7.69 8.08 -13.85
C GLY D 70 7.81 9.16 -12.79
N PRO D 71 8.21 8.77 -11.57
CA PRO D 71 8.21 9.68 -10.43
C PRO D 71 9.30 10.75 -10.52
N ILE D 72 9.05 11.90 -9.88
CA ILE D 72 9.98 13.02 -9.89
C ILE D 72 10.60 13.23 -8.50
N THR D 73 11.92 13.14 -8.39
CA THR D 73 12.60 13.47 -7.14
C THR D 73 12.45 14.95 -6.82
N GLN D 74 12.32 15.27 -5.53
CA GLN D 74 12.27 16.65 -5.07
C GLN D 74 13.59 17.30 -5.38
N MET D 75 13.55 18.45 -6.05
CA MET D 75 14.75 19.28 -6.20
C MET D 75 15.07 19.89 -4.85
N TYR D 76 14.08 20.53 -4.24
CA TYR D 76 14.29 21.35 -3.06
C TYR D 76 13.54 20.79 -1.85
N THR D 77 14.23 20.78 -0.71
CA THR D 77 13.65 20.25 0.51
C THR D 77 14.11 21.07 1.71
N ASN D 78 13.38 22.15 1.98
CA ASN D 78 13.66 22.99 3.13
C ASN D 78 12.74 22.64 4.30
N VAL D 79 13.20 21.67 5.09
CA VAL D 79 12.46 21.20 6.27
C VAL D 79 12.28 22.36 7.26
N ASP D 80 13.33 23.17 7.38
CA ASP D 80 13.32 24.31 8.29
C ASP D 80 12.25 25.37 7.98
N GLN D 81 11.67 25.33 6.78
CA GLN D 81 10.56 26.21 6.43
C GLN D 81 9.28 25.48 6.04
N ASP D 82 9.26 24.15 6.13
CA ASP D 82 8.09 23.36 5.74
C ASP D 82 7.83 23.53 4.24
N LEU D 83 8.90 23.62 3.45
CA LEU D 83 8.80 23.81 1.99
C LEU D 83 9.50 22.69 1.20
N VAL D 84 8.85 22.23 0.13
CA VAL D 84 9.43 21.27 -0.79
C VAL D 84 9.04 21.63 -2.23
N GLY D 85 9.88 21.23 -3.17
CA GLY D 85 9.64 21.52 -4.57
C GLY D 85 10.06 20.41 -5.51
N TRP D 86 9.30 20.26 -6.58
CA TRP D 86 9.65 19.41 -7.70
C TRP D 86 9.67 20.27 -8.97
N GLN D 87 10.39 19.81 -9.99
CA GLN D 87 10.37 20.52 -11.27
C GLN D 87 8.99 20.44 -11.91
N ALA D 88 8.40 21.59 -12.22
CA ALA D 88 7.05 21.64 -12.76
C ALA D 88 6.92 20.72 -13.97
N PRO D 89 5.98 19.76 -13.93
CA PRO D 89 5.70 18.92 -15.09
C PRO D 89 5.19 19.70 -16.30
N PRO D 90 5.37 19.14 -17.50
CA PRO D 90 4.88 19.84 -18.67
C PRO D 90 3.38 20.11 -18.58
N GLY D 91 2.99 21.31 -18.99
CA GLY D 91 1.59 21.72 -19.01
C GLY D 91 1.30 22.74 -17.91
N ALA D 92 1.82 22.46 -16.72
CA ALA D 92 1.67 23.33 -15.57
C ALA D 92 2.07 24.77 -15.89
N ARG D 93 1.16 25.68 -15.59
CA ARG D 93 1.38 27.11 -15.82
C ARG D 93 2.08 27.65 -14.59
N SER D 94 3.16 28.39 -14.78
CA SER D 94 3.96 28.84 -13.64
C SER D 94 3.72 30.31 -13.34
N LEU D 95 3.26 30.61 -12.13
CA LEU D 95 3.07 31.99 -11.70
C LEU D 95 4.40 32.72 -11.60
N THR D 96 4.33 34.04 -11.59
CA THR D 96 5.49 34.93 -11.52
C THR D 96 5.35 35.69 -10.19
N PRO D 97 6.45 35.87 -9.43
CA PRO D 97 6.42 36.60 -8.15
C PRO D 97 5.89 38.03 -8.19
N CYS D 98 5.63 38.60 -7.02
CA CYS D 98 5.17 39.98 -6.88
C CYS D 98 6.36 40.89 -6.57
N THR D 99 6.46 42.02 -7.28
CA THR D 99 7.54 42.99 -7.06
C THR D 99 7.01 44.32 -6.50
N CYS D 100 5.69 44.44 -6.37
CA CYS D 100 5.04 45.71 -6.01
C CYS D 100 5.00 46.01 -4.50
N GLY D 101 5.23 45.01 -3.67
CA GLY D 101 5.18 45.21 -2.21
C GLY D 101 3.81 45.52 -1.64
N SER D 102 2.75 44.96 -2.25
CA SER D 102 1.37 45.22 -1.80
C SER D 102 1.02 44.47 -0.51
N SER D 103 0.16 45.09 0.30
CA SER D 103 -0.32 44.51 1.55
C SER D 103 -1.77 44.03 1.44
N ASP D 104 -2.22 43.77 0.21
CA ASP D 104 -3.58 43.30 -0.03
C ASP D 104 -3.53 41.90 -0.67
N LEU D 105 -3.58 40.88 0.18
CA LEU D 105 -3.38 39.53 -0.29
C LEU D 105 -4.70 38.78 -0.44
N TYR D 106 -4.68 37.76 -1.27
CA TYR D 106 -5.84 36.91 -1.49
C TYR D 106 -5.37 35.47 -1.38
N LEU D 107 -5.88 34.78 -0.37
CA LEU D 107 -5.55 33.37 -0.20
C LEU D 107 -6.54 32.55 -1.03
N VAL D 108 -6.02 31.68 -1.87
CA VAL D 108 -6.88 30.82 -2.69
C VAL D 108 -6.93 29.47 -2.01
N THR D 109 -8.14 28.94 -1.84
CA THR D 109 -8.31 27.71 -1.08
C THR D 109 -8.71 26.53 -1.95
N ARG D 110 -8.43 25.36 -1.40
CA ARG D 110 -8.90 24.06 -1.88
C ARG D 110 -10.26 24.06 -2.60
N HIS D 111 -11.22 24.81 -2.10
CA HIS D 111 -12.57 24.88 -2.72
C HIS D 111 -12.75 26.09 -3.61
N ALA D 112 -11.65 26.53 -4.24
CA ALA D 112 -11.68 27.64 -5.18
C ALA D 112 -12.28 28.93 -4.59
N ASP D 113 -12.10 29.13 -3.28
CA ASP D 113 -12.55 30.33 -2.60
C ASP D 113 -11.38 31.28 -2.46
N VAL D 114 -11.55 32.49 -2.96
CA VAL D 114 -10.51 33.51 -2.86
C VAL D 114 -10.86 34.40 -1.68
N ILE D 115 -10.01 34.38 -0.66
CA ILE D 115 -10.31 35.14 0.56
C ILE D 115 -9.23 36.16 0.87
N PRO D 116 -9.63 37.41 1.19
CA PRO D 116 -8.69 38.51 1.32
C PRO D 116 -8.02 38.55 2.69
N VAL D 117 -6.73 38.87 2.66
CA VAL D 117 -5.86 38.77 3.82
C VAL D 117 -4.97 40.00 3.86
N ARG D 118 -4.80 40.57 5.06
CA ARG D 118 -4.01 41.78 5.24
C ARG D 118 -2.60 41.43 5.69
N ARG D 119 -1.62 41.67 4.83
CA ARG D 119 -0.19 41.41 5.15
C ARG D 119 0.22 42.08 6.46
N ARG D 120 1.06 41.41 7.25
CA ARG D 120 1.57 41.97 8.52
C ARG D 120 3.08 41.93 8.67
N GLY D 121 3.71 40.84 8.23
CA GLY D 121 5.16 40.73 8.24
C GLY D 121 5.64 40.11 6.95
N ASP D 122 6.82 39.51 6.97
CA ASP D 122 7.32 38.78 5.81
C ASP D 122 6.44 37.55 5.52
N SER D 123 5.93 36.92 6.58
CA SER D 123 5.21 35.64 6.47
C SER D 123 3.94 35.60 7.35
N ARG D 124 3.37 36.77 7.61
CA ARG D 124 2.17 36.87 8.46
C ARG D 124 1.12 37.74 7.78
N GLY D 125 -0.08 37.20 7.67
CA GLY D 125 -1.24 37.98 7.20
C GLY D 125 -2.44 37.70 8.08
N SER D 126 -3.19 38.74 8.43
CA SER D 126 -4.42 38.59 9.21
C SER D 126 -5.67 38.57 8.32
N LEU D 127 -6.69 37.83 8.73
CA LEU D 127 -7.94 37.69 7.96
C LEU D 127 -8.90 38.85 8.23
N LEU D 128 -9.55 39.33 7.19
CA LEU D 128 -10.49 40.44 7.32
C LEU D 128 -11.82 39.92 7.87
N SER D 129 -12.18 38.70 7.45
CA SER D 129 -13.31 37.99 8.01
C SER D 129 -12.79 36.67 8.56
N PRO D 130 -12.96 36.44 9.88
CA PRO D 130 -12.56 35.14 10.42
C PRO D 130 -13.38 34.01 9.84
N ARG D 131 -12.73 32.88 9.60
CA ARG D 131 -13.42 31.69 9.12
C ARG D 131 -13.25 30.56 10.14
N PRO D 132 -14.15 29.57 10.09
CA PRO D 132 -13.89 28.32 10.79
C PRO D 132 -12.69 27.58 10.18
N VAL D 133 -11.89 26.99 11.04
CA VAL D 133 -10.67 26.26 10.63
C VAL D 133 -10.95 25.26 9.50
N SER D 134 -12.09 24.59 9.54
CA SER D 134 -12.49 23.65 8.50
C SER D 134 -12.49 24.28 7.11
N TYR D 135 -12.83 25.56 7.03
CA TYR D 135 -12.88 26.28 5.76
C TYR D 135 -11.51 26.28 5.08
N LEU D 136 -10.45 26.37 5.88
CA LEU D 136 -9.07 26.43 5.39
C LEU D 136 -8.39 25.07 5.29
N LYS D 137 -8.66 24.17 6.24
CA LYS D 137 -7.99 22.86 6.30
C LYS D 137 -7.98 22.08 4.99
N GLY D 138 -6.80 21.72 4.53
CA GLY D 138 -6.64 21.04 3.24
C GLY D 138 -6.07 21.95 2.17
N SER D 139 -5.81 23.21 2.52
CA SER D 139 -5.38 24.19 1.54
C SER D 139 -3.90 24.55 1.61
N SER D 140 -3.16 23.96 2.55
CA SER D 140 -1.73 24.27 2.67
C SER D 140 -1.04 24.04 1.33
N GLY D 141 -0.08 24.92 1.00
CA GLY D 141 0.56 24.90 -0.31
C GLY D 141 -0.25 25.60 -1.39
N GLY D 142 -1.33 26.26 -0.99
CA GLY D 142 -2.09 27.11 -1.91
C GLY D 142 -1.43 28.47 -2.00
N PRO D 143 -1.79 29.26 -3.01
CA PRO D 143 -1.11 30.54 -3.20
C PRO D 143 -1.68 31.70 -2.38
N LEU D 144 -0.80 32.60 -1.96
CA LEU D 144 -1.21 33.96 -1.63
C LEU D 144 -0.84 34.85 -2.80
N LEU D 145 -1.83 35.59 -3.29
CA LEU D 145 -1.66 36.44 -4.45
C LEU D 145 -1.79 37.88 -4.06
N CYS D 146 -1.06 38.75 -4.76
CA CYS D 146 -1.25 40.18 -4.64
C CYS D 146 -2.41 40.49 -5.57
N PRO D 147 -2.95 41.73 -5.51
CA PRO D 147 -4.15 42.04 -6.29
C PRO D 147 -3.95 41.98 -7.81
N SER D 148 -2.69 42.08 -8.25
CA SER D 148 -2.36 41.95 -9.67
C SER D 148 -2.50 40.51 -10.15
N GLY D 149 -2.33 39.56 -9.22
CA GLY D 149 -2.43 38.13 -9.55
C GLY D 149 -1.13 37.36 -9.45
N HIS D 150 -0.10 37.98 -8.87
CA HIS D 150 1.22 37.37 -8.74
C HIS D 150 1.41 36.77 -7.36
N ALA D 151 2.40 35.89 -7.20
CA ALA D 151 2.60 35.14 -5.96
C ALA D 151 3.42 35.89 -4.92
N VAL D 152 2.91 35.95 -3.70
CA VAL D 152 3.67 36.43 -2.55
C VAL D 152 4.12 35.26 -1.64
N GLY D 153 3.31 34.20 -1.52
CA GLY D 153 3.70 33.01 -0.75
C GLY D 153 2.94 31.71 -0.99
N ILE D 154 3.17 30.71 -0.15
CA ILE D 154 2.27 29.57 -0.09
C ILE D 154 1.82 29.29 1.33
N PHE D 155 0.51 29.10 1.49
CA PHE D 155 -0.12 28.86 2.78
C PHE D 155 0.59 27.72 3.53
N ARG D 156 0.87 27.94 4.82
CA ARG D 156 1.61 27.01 5.65
C ARG D 156 0.90 26.62 6.97
N ALA D 157 0.27 27.59 7.61
CA ALA D 157 -0.41 27.37 8.88
C ALA D 157 -1.30 28.56 9.21
N ALA D 158 -2.15 28.38 10.21
CA ALA D 158 -3.09 29.42 10.63
C ALA D 158 -3.05 29.52 12.14
N VAL D 159 -3.40 30.69 12.65
CA VAL D 159 -3.41 30.97 14.08
C VAL D 159 -4.83 31.36 14.50
N CYS D 160 -5.35 30.71 15.53
CA CYS D 160 -6.79 30.67 15.78
C CYS D 160 -7.18 30.32 17.21
N THR D 161 -8.47 30.47 17.52
CA THR D 161 -9.00 30.19 18.85
C THR D 161 -10.32 29.43 18.76
N ARG D 162 -10.32 28.17 19.20
CA ARG D 162 -11.53 27.35 19.26
C ARG D 162 -12.15 27.10 17.88
N GLY D 163 -11.32 26.71 16.92
CA GLY D 163 -11.80 26.35 15.58
C GLY D 163 -12.15 27.50 14.64
N VAL D 164 -11.81 28.74 15.01
CA VAL D 164 -12.02 29.87 14.10
C VAL D 164 -10.69 30.54 13.79
N ALA D 165 -10.35 30.59 12.50
CA ALA D 165 -9.08 31.15 12.03
C ALA D 165 -9.11 32.65 12.10
N LYS D 166 -7.98 33.21 12.51
CA LYS D 166 -7.84 34.65 12.69
C LYS D 166 -6.68 35.22 11.88
N ALA D 167 -5.73 34.38 11.50
CA ALA D 167 -4.57 34.82 10.72
C ALA D 167 -3.81 33.63 10.16
N VAL D 168 -3.01 33.88 9.12
CA VAL D 168 -2.33 32.81 8.37
C VAL D 168 -0.83 33.01 8.22
N ASP D 169 -0.07 31.96 8.51
CA ASP D 169 1.37 31.91 8.22
C ASP D 169 1.55 31.40 6.77
N PHE D 170 2.48 32.03 6.04
CA PHE D 170 2.85 31.56 4.70
C PHE D 170 4.36 31.58 4.52
N VAL D 171 4.86 30.76 3.62
CA VAL D 171 6.27 30.78 3.27
C VAL D 171 6.42 31.97 2.34
N PRO D 172 7.33 32.90 2.62
CA PRO D 172 7.48 34.04 1.72
C PRO D 172 8.20 33.66 0.44
N VAL D 173 7.73 34.19 -0.69
CA VAL D 173 8.31 33.94 -2.03
C VAL D 173 9.84 34.14 -2.09
N GLU D 174 10.37 35.01 -1.23
CA GLU D 174 11.81 35.15 -1.07
C GLU D 174 12.47 33.80 -0.81
N SER D 175 11.95 33.09 0.21
CA SER D 175 12.48 31.79 0.65
C SER D 175 12.69 30.80 -0.48
N MET D 176 11.69 30.70 -1.35
CA MET D 176 11.79 29.88 -2.56
C MET D 176 13.08 30.20 -3.32
N GLU D 177 13.35 31.49 -3.51
CA GLU D 177 14.50 31.92 -4.31
C GLU D 177 15.81 31.86 -3.53
N THR D 178 15.72 31.84 -2.20
CA THR D 178 16.88 31.54 -1.34
C THR D 178 17.19 30.05 -1.36
N THR D 179 16.14 29.23 -1.36
CA THR D 179 16.28 27.78 -1.48
C THR D 179 16.85 27.42 -2.85
N MET D 180 16.33 28.07 -3.89
CA MET D 180 16.79 27.84 -5.26
C MET D 180 18.26 28.23 -5.48
N ARG D 181 18.75 29.21 -4.71
CA ARG D 181 20.16 29.60 -4.74
C ARG D 181 21.07 28.60 -4.01
N ALA D 182 20.51 27.79 -3.11
CA ALA D 182 21.27 26.70 -2.46
C ALA D 182 21.37 25.50 -3.40
N SER D 183 22.43 25.50 -4.22
CA SER D 183 22.65 24.45 -5.22
C SER D 183 23.09 23.15 -4.55
N ALA E 2 -23.43 -27.08 21.79
CA ALA E 2 -23.41 -25.57 21.67
C ALA E 2 -24.84 -25.01 21.67
N PRO E 3 -25.25 -24.34 22.76
CA PRO E 3 -26.53 -23.62 22.74
C PRO E 3 -26.41 -22.25 22.03
N ILE E 4 -25.19 -21.81 21.78
CA ILE E 4 -24.92 -20.58 21.03
C ILE E 4 -24.67 -20.92 19.56
N THR E 5 -25.17 -20.07 18.65
CA THR E 5 -25.07 -20.30 17.21
C THR E 5 -24.57 -19.07 16.46
N ALA E 6 -24.07 -19.29 15.26
CA ALA E 6 -23.44 -18.21 14.51
C ALA E 6 -23.32 -18.49 13.01
N TYR E 7 -23.58 -17.45 12.21
CA TYR E 7 -23.28 -17.47 10.79
C TYR E 7 -22.38 -16.28 10.45
N SER E 8 -21.76 -16.34 9.26
CA SER E 8 -20.79 -15.32 8.85
C SER E 8 -21.20 -14.63 7.54
N GLN E 9 -20.94 -13.33 7.47
CA GLN E 9 -21.19 -12.54 6.28
C GLN E 9 -19.91 -11.87 5.81
N GLN E 10 -19.55 -12.08 4.56
CA GLN E 10 -18.48 -11.31 3.94
C GLN E 10 -19.07 -9.94 3.53
N THR E 11 -18.30 -8.87 3.73
CA THR E 11 -18.72 -7.52 3.34
C THR E 11 -17.69 -6.77 2.46
N ARG E 12 -16.44 -7.22 2.43
CA ARG E 12 -15.46 -6.62 1.52
C ARG E 12 -14.66 -7.64 0.74
N GLY E 13 -14.38 -7.30 -0.51
CA GLY E 13 -13.50 -8.06 -1.35
C GLY E 13 -12.06 -7.64 -1.13
N LEU E 14 -11.16 -8.25 -1.89
CA LEU E 14 -9.73 -7.99 -1.80
C LEU E 14 -9.37 -6.57 -2.16
N LEU E 15 -9.94 -6.09 -3.26
CA LEU E 15 -9.67 -4.74 -3.77
C LEU E 15 -10.24 -3.69 -2.82
N GLY E 16 -11.49 -3.87 -2.43
CA GLY E 16 -12.12 -2.99 -1.45
C GLY E 16 -11.27 -2.91 -0.19
N CYS E 17 -10.76 -4.07 0.22
CA CYS E 17 -9.95 -4.17 1.43
C CYS E 17 -8.61 -3.46 1.33
N ILE E 18 -7.98 -3.55 0.17
CA ILE E 18 -6.67 -2.89 -0.01
C ILE E 18 -6.83 -1.38 0.01
N ILE E 19 -7.78 -0.84 -0.77
CA ILE E 19 -8.00 0.62 -0.84
C ILE E 19 -8.29 1.21 0.54
N THR E 20 -9.22 0.60 1.27
CA THR E 20 -9.59 1.04 2.62
C THR E 20 -8.40 1.01 3.59
N SER E 21 -7.60 -0.04 3.52
CA SER E 21 -6.36 -0.14 4.31
C SER E 21 -5.46 1.09 4.12
N LEU E 22 -5.24 1.49 2.88
CA LEU E 22 -4.38 2.61 2.55
C LEU E 22 -4.98 3.96 2.93
N THR E 23 -6.29 4.12 2.75
CA THR E 23 -6.96 5.38 3.10
C THR E 23 -7.29 5.46 4.59
N GLY E 24 -7.88 4.38 5.12
CA GLY E 24 -8.31 4.35 6.51
C GLY E 24 -9.72 4.88 6.70
N ARG E 25 -10.39 5.23 5.60
CA ARG E 25 -11.78 5.66 5.65
C ARG E 25 -12.67 4.50 5.25
N ASP E 26 -13.40 3.96 6.21
CA ASP E 26 -14.41 2.92 5.94
C ASP E 26 -15.79 3.43 6.35
N ARG E 27 -16.70 3.50 5.38
CA ARG E 27 -18.05 4.01 5.61
C ARG E 27 -19.13 2.92 5.59
N ASN E 28 -18.73 1.66 5.43
CA ASN E 28 -19.65 0.52 5.60
C ASN E 28 -20.25 0.52 7.00
N GLN E 29 -21.53 0.17 7.12
CA GLN E 29 -22.17 0.10 8.43
C GLN E 29 -21.77 -1.17 9.17
N VAL E 30 -21.39 -1.00 10.43
CA VAL E 30 -20.83 -2.09 11.25
C VAL E 30 -21.93 -2.83 12.01
N GLU E 31 -21.78 -4.15 12.13
CA GLU E 31 -22.76 -4.99 12.83
C GLU E 31 -22.12 -6.13 13.63
N GLY E 32 -22.89 -6.65 14.58
CA GLY E 32 -22.50 -7.85 15.30
C GLY E 32 -21.44 -7.62 16.35
N GLU E 33 -20.97 -8.72 16.93
CA GLU E 33 -20.09 -8.71 18.09
C GLU E 33 -18.65 -9.09 17.74
N VAL E 34 -18.50 -9.84 16.66
CA VAL E 34 -17.21 -10.27 16.16
C VAL E 34 -17.10 -9.75 14.75
N GLN E 35 -15.97 -9.14 14.44
CA GLN E 35 -15.70 -8.64 13.10
C GLN E 35 -14.57 -9.46 12.50
N VAL E 36 -14.79 -9.99 11.31
CA VAL E 36 -13.67 -10.47 10.51
C VAL E 36 -12.91 -9.21 10.07
N VAL E 37 -11.60 -9.33 10.11
CA VAL E 37 -10.72 -8.20 10.11
C VAL E 37 -9.49 -8.56 9.27
N SER E 38 -8.87 -7.58 8.62
CA SER E 38 -7.73 -7.90 7.75
C SER E 38 -6.79 -6.75 7.40
N THR E 39 -5.53 -7.12 7.18
CA THR E 39 -4.53 -6.27 6.54
C THR E 39 -4.38 -6.77 5.10
N ALA E 40 -3.56 -6.09 4.30
CA ALA E 40 -3.24 -6.58 2.96
C ALA E 40 -2.86 -8.07 2.98
N THR E 41 -2.03 -8.46 3.96
CA THR E 41 -1.37 -9.77 3.97
C THR E 41 -2.08 -10.85 4.78
N GLN E 42 -2.64 -10.50 5.93
CA GLN E 42 -3.24 -11.49 6.82
C GLN E 42 -4.58 -11.12 7.45
N SER E 43 -5.46 -12.11 7.61
CA SER E 43 -6.79 -11.91 8.18
C SER E 43 -7.01 -12.64 9.51
N PHE E 44 -7.73 -12.00 10.42
CA PHE E 44 -8.01 -12.58 11.73
C PHE E 44 -9.39 -12.13 12.19
N LEU E 45 -9.63 -12.10 13.50
CA LEU E 45 -10.91 -11.61 14.04
C LEU E 45 -10.67 -10.61 15.15
N ALA E 46 -11.74 -9.94 15.56
CA ALA E 46 -11.70 -8.95 16.62
C ALA E 46 -13.06 -8.97 17.30
N THR E 47 -13.06 -8.98 18.63
CA THR E 47 -14.30 -9.12 19.41
C THR E 47 -14.57 -7.83 20.19
N CYS E 48 -15.83 -7.39 20.20
CA CYS E 48 -16.23 -6.20 20.93
C CYS E 48 -16.60 -6.51 22.37
N VAL E 49 -15.97 -5.84 23.32
CA VAL E 49 -16.30 -5.97 24.74
C VAL E 49 -16.18 -4.62 25.46
N ASN E 50 -17.22 -4.25 26.21
CA ASN E 50 -17.29 -2.96 26.91
C ASN E 50 -17.01 -1.79 25.98
N GLY E 51 -17.65 -1.80 24.81
CA GLY E 51 -17.45 -0.76 23.80
C GLY E 51 -16.02 -0.62 23.31
N VAL E 52 -15.24 -1.70 23.38
CA VAL E 52 -13.86 -1.68 22.88
C VAL E 52 -13.67 -2.88 21.97
N CYS E 53 -13.14 -2.64 20.77
CA CYS E 53 -12.93 -3.68 19.78
C CYS E 53 -11.53 -4.22 19.95
N TRP E 54 -11.43 -5.42 20.54
CA TRP E 54 -10.14 -6.00 20.91
C TRP E 54 -9.68 -7.00 19.87
N THR E 55 -8.38 -7.04 19.63
CA THR E 55 -7.81 -8.09 18.77
C THR E 55 -6.38 -8.42 19.20
N VAL E 56 -5.74 -9.35 18.49
CA VAL E 56 -4.38 -9.75 18.82
C VAL E 56 -3.31 -8.83 18.23
N TYR E 57 -2.25 -8.64 18.99
CA TYR E 57 -1.14 -7.82 18.55
C TYR E 57 -0.39 -8.48 17.41
N HIS E 58 -0.31 -9.82 17.45
CA HIS E 58 0.52 -10.52 16.49
C HIS E 58 -0.12 -10.53 15.11
N GLY E 59 -1.25 -9.83 15.00
CA GLY E 59 -1.91 -9.64 13.71
C GLY E 59 -2.08 -8.17 13.35
N ALA E 60 -2.47 -7.36 14.34
CA ALA E 60 -2.78 -5.97 14.08
C ALA E 60 -1.56 -5.06 14.22
N GLY E 61 -0.53 -5.54 14.90
CA GLY E 61 0.61 -4.68 15.22
C GLY E 61 0.13 -3.43 15.93
N SER E 62 0.72 -2.30 15.61
CA SER E 62 0.27 -1.00 16.14
C SER E 62 -0.68 -0.28 15.18
N LYS E 63 -1.28 -1.01 14.22
CA LYS E 63 -2.02 -0.37 13.14
C LYS E 63 -3.30 0.27 13.64
N THR E 64 -3.68 1.36 12.98
CA THR E 64 -4.98 1.98 13.23
C THR E 64 -6.05 1.12 12.54
N LEU E 65 -7.32 1.37 12.90
CA LEU E 65 -8.44 0.66 12.31
C LEU E 65 -9.17 1.60 11.39
N ALA E 66 -9.46 1.13 10.19
CA ALA E 66 -10.20 1.94 9.22
C ALA E 66 -11.56 2.31 9.79
N GLY E 67 -11.90 3.59 9.76
CA GLY E 67 -13.15 4.07 10.37
C GLY E 67 -13.90 5.08 9.53
N PRO E 68 -15.15 5.40 9.95
CA PRO E 68 -16.04 6.25 9.14
C PRO E 68 -15.54 7.68 8.97
N LYS E 69 -14.74 8.17 9.89
CA LYS E 69 -14.25 9.55 9.85
C LYS E 69 -12.72 9.59 9.72
N GLY E 70 -12.14 8.55 9.14
CA GLY E 70 -10.68 8.37 9.09
C GLY E 70 -10.21 7.20 9.94
N PRO E 71 -8.89 6.92 9.95
CA PRO E 71 -8.33 5.84 10.77
C PRO E 71 -8.41 6.07 12.29
N ILE E 72 -8.63 5.00 13.05
CA ILE E 72 -8.81 5.05 14.50
C ILE E 72 -7.56 4.56 15.22
N THR E 73 -7.02 5.40 16.10
CA THR E 73 -5.85 5.06 16.88
C THR E 73 -6.18 4.02 17.95
N GLN E 74 -5.18 3.20 18.30
CA GLN E 74 -5.34 2.18 19.33
C GLN E 74 -5.38 2.85 20.68
N MET E 75 -6.46 2.62 21.44
CA MET E 75 -6.53 3.13 22.81
C MET E 75 -5.61 2.37 23.75
N TYR E 76 -5.49 1.06 23.50
CA TYR E 76 -4.83 0.15 24.43
C TYR E 76 -3.97 -0.82 23.66
N THR E 77 -2.75 -1.02 24.13
CA THR E 77 -1.76 -1.79 23.39
C THR E 77 -0.85 -2.53 24.37
N ASN E 78 -1.22 -3.77 24.68
CA ASN E 78 -0.53 -4.57 25.69
C ASN E 78 0.26 -5.70 25.06
N VAL E 79 1.42 -5.35 24.52
CA VAL E 79 2.29 -6.31 23.85
C VAL E 79 2.58 -7.54 24.71
N ASP E 80 2.79 -7.30 26.00
CA ASP E 80 3.12 -8.36 26.95
C ASP E 80 2.02 -9.43 27.03
N GLN E 81 0.83 -9.10 26.51
CA GLN E 81 -0.32 -10.02 26.52
C GLN E 81 -0.96 -10.23 25.13
N ASP E 82 -0.23 -9.84 24.09
CA ASP E 82 -0.71 -9.97 22.71
C ASP E 82 -2.09 -9.32 22.53
N LEU E 83 -2.25 -8.09 23.03
CA LEU E 83 -3.56 -7.45 23.06
C LEU E 83 -3.52 -6.00 22.54
N VAL E 84 -4.53 -5.63 21.76
CA VAL E 84 -4.72 -4.25 21.30
C VAL E 84 -6.21 -3.94 21.25
N GLY E 85 -6.53 -2.64 21.27
CA GLY E 85 -7.92 -2.21 21.32
C GLY E 85 -8.25 -0.85 20.72
N TRP E 86 -9.38 -0.79 20.02
CA TRP E 86 -9.91 0.44 19.44
C TRP E 86 -11.29 0.71 20.04
N GLN E 87 -11.69 1.97 20.09
CA GLN E 87 -13.04 2.30 20.51
C GLN E 87 -14.01 1.71 19.51
N ALA E 88 -14.99 0.97 20.00
CA ALA E 88 -15.99 0.34 19.14
C ALA E 88 -16.52 1.36 18.17
N PRO E 89 -16.46 1.05 16.87
CA PRO E 89 -17.13 1.93 15.93
C PRO E 89 -18.63 1.96 16.24
N PRO E 90 -19.33 3.01 15.81
CA PRO E 90 -20.78 3.00 15.96
C PRO E 90 -21.46 1.88 15.14
N GLY E 91 -22.57 1.34 15.65
CA GLY E 91 -23.28 0.25 14.99
C GLY E 91 -22.87 -1.13 15.47
N ALA E 92 -21.63 -1.27 15.98
CA ALA E 92 -21.15 -2.54 16.51
C ALA E 92 -21.84 -2.87 17.85
N ARG E 93 -22.33 -4.11 17.95
CA ARG E 93 -22.87 -4.62 19.22
C ARG E 93 -21.71 -5.11 20.09
N SER E 94 -21.74 -4.76 21.37
CA SER E 94 -20.67 -5.14 22.30
C SER E 94 -21.11 -6.31 23.17
N LEU E 95 -20.15 -7.15 23.57
CA LEU E 95 -20.42 -8.24 24.51
C LEU E 95 -20.16 -7.78 25.93
N THR E 96 -20.66 -8.56 26.88
CA THR E 96 -20.45 -8.31 28.29
C THR E 96 -19.62 -9.45 28.91
N PRO E 97 -18.73 -9.13 29.86
CA PRO E 97 -17.91 -10.16 30.52
C PRO E 97 -18.72 -11.19 31.29
N CYS E 98 -18.14 -12.36 31.50
CA CYS E 98 -18.76 -13.43 32.29
C CYS E 98 -18.31 -13.32 33.74
N THR E 99 -19.27 -13.26 34.65
CA THR E 99 -19.00 -13.16 36.09
C THR E 99 -19.32 -14.48 36.82
N CYS E 100 -19.82 -15.47 36.10
CA CYS E 100 -20.37 -16.68 36.72
C CYS E 100 -19.30 -17.70 37.17
N GLY E 101 -18.22 -17.81 36.40
CA GLY E 101 -17.13 -18.73 36.70
C GLY E 101 -17.22 -20.10 36.05
N SER E 102 -18.17 -20.28 35.13
CA SER E 102 -18.33 -21.55 34.40
C SER E 102 -17.02 -22.05 33.79
N SER E 103 -16.92 -23.37 33.66
CA SER E 103 -15.76 -23.97 33.02
C SER E 103 -16.07 -24.51 31.62
N ASP E 104 -17.31 -24.30 31.17
CA ASP E 104 -17.78 -24.87 29.90
C ASP E 104 -17.87 -23.80 28.82
N LEU E 105 -16.82 -23.71 28.01
CA LEU E 105 -16.66 -22.58 27.07
C LEU E 105 -16.99 -22.92 25.61
N TYR E 106 -17.13 -21.89 24.79
CA TYR E 106 -17.37 -22.04 23.34
C TYR E 106 -16.54 -21.05 22.53
N LEU E 107 -15.52 -21.55 21.84
CA LEU E 107 -14.73 -20.74 20.91
C LEU E 107 -15.46 -20.56 19.59
N VAL E 108 -15.59 -19.32 19.14
CA VAL E 108 -16.25 -19.00 17.87
C VAL E 108 -15.17 -18.77 16.82
N THR E 109 -15.08 -19.65 15.82
CA THR E 109 -13.99 -19.57 14.83
C THR E 109 -14.32 -18.64 13.67
N ARG E 110 -13.30 -18.40 12.87
CA ARG E 110 -13.40 -17.64 11.64
C ARG E 110 -14.58 -18.07 10.78
N HIS E 111 -14.77 -19.39 10.64
CA HIS E 111 -15.79 -19.95 9.75
C HIS E 111 -17.16 -20.17 10.42
N ALA E 112 -17.43 -19.42 11.50
CA ALA E 112 -18.71 -19.44 12.22
C ALA E 112 -18.99 -20.75 12.97
N ASP E 113 -17.96 -21.53 13.27
CA ASP E 113 -18.10 -22.79 13.99
C ASP E 113 -17.90 -22.60 15.50
N VAL E 114 -18.88 -22.99 16.30
CA VAL E 114 -18.84 -22.82 17.75
C VAL E 114 -18.37 -24.12 18.39
N ILE E 115 -17.08 -24.21 18.72
CA ILE E 115 -16.49 -25.45 19.22
C ILE E 115 -16.25 -25.40 20.73
N PRO E 116 -16.53 -26.52 21.44
CA PRO E 116 -16.57 -26.51 22.89
C PRO E 116 -15.18 -26.63 23.51
N VAL E 117 -14.90 -25.80 24.51
CA VAL E 117 -13.62 -25.77 25.20
C VAL E 117 -13.83 -26.00 26.71
N ARG E 118 -12.81 -26.57 27.34
CA ARG E 118 -12.86 -26.87 28.77
C ARG E 118 -11.87 -25.99 29.53
N ARG E 119 -12.40 -24.93 30.15
CA ARG E 119 -11.62 -24.02 31.00
C ARG E 119 -10.63 -24.75 31.90
N ARG E 120 -9.36 -24.36 31.84
CA ARG E 120 -8.31 -24.96 32.67
C ARG E 120 -7.75 -23.95 33.66
N GLY E 121 -6.99 -22.98 33.17
CA GLY E 121 -6.39 -21.96 34.02
C GLY E 121 -7.14 -20.64 33.90
N ASP E 122 -6.39 -19.56 33.73
CA ASP E 122 -6.95 -18.24 33.46
C ASP E 122 -6.98 -17.96 31.96
N SER E 123 -5.96 -18.45 31.27
CA SER E 123 -5.77 -18.22 29.85
C SER E 123 -5.86 -19.51 29.05
N ARG E 124 -6.37 -20.57 29.68
CA ARG E 124 -6.22 -21.91 29.12
C ARG E 124 -7.50 -22.71 29.09
N GLY E 125 -7.63 -23.53 28.05
CA GLY E 125 -8.78 -24.41 27.85
C GLY E 125 -8.44 -25.49 26.82
N SER E 126 -9.02 -26.67 27.00
CA SER E 126 -8.65 -27.84 26.20
C SER E 126 -9.80 -28.26 25.31
N LEU E 127 -9.47 -28.51 24.04
CA LEU E 127 -10.46 -28.86 23.04
C LEU E 127 -10.99 -30.26 23.24
N LEU E 128 -12.28 -30.36 23.54
CA LEU E 128 -12.91 -31.66 23.81
C LEU E 128 -12.57 -32.63 22.69
N SER E 129 -12.90 -32.25 21.46
CA SER E 129 -12.42 -32.95 20.27
C SER E 129 -11.25 -32.15 19.70
N PRO E 130 -10.09 -32.80 19.51
CA PRO E 130 -8.97 -32.11 18.85
C PRO E 130 -9.25 -31.79 17.37
N ARG E 131 -8.76 -30.64 16.92
CA ARG E 131 -8.98 -30.20 15.55
C ARG E 131 -7.65 -30.05 14.81
N PRO E 132 -7.67 -30.14 13.47
CA PRO E 132 -6.44 -29.83 12.74
C PRO E 132 -6.17 -28.33 12.81
N VAL E 133 -4.91 -27.95 12.73
CA VAL E 133 -4.51 -26.58 13.00
C VAL E 133 -4.99 -25.61 11.90
N SER E 134 -5.26 -26.15 10.72
CA SER E 134 -5.84 -25.38 9.62
C SER E 134 -7.26 -24.93 9.97
N TYR E 135 -7.94 -25.73 10.78
CA TYR E 135 -9.29 -25.40 11.23
C TYR E 135 -9.32 -24.20 12.16
N LEU E 136 -8.21 -23.95 12.85
CA LEU E 136 -8.15 -22.86 13.82
C LEU E 136 -7.50 -21.55 13.32
N LYS E 137 -6.62 -21.66 12.31
CA LYS E 137 -5.85 -20.51 11.81
C LYS E 137 -6.73 -19.43 11.23
N GLY E 138 -6.40 -18.18 11.55
CA GLY E 138 -7.19 -17.03 11.14
C GLY E 138 -8.34 -16.71 12.09
N SER E 139 -8.38 -17.37 13.23
CA SER E 139 -9.46 -17.14 14.20
C SER E 139 -8.96 -16.46 15.47
N SER E 140 -7.69 -16.05 15.49
CA SER E 140 -7.17 -15.24 16.60
C SER E 140 -7.99 -13.98 16.76
N GLY E 141 -8.27 -13.62 18.01
CA GLY E 141 -9.12 -12.47 18.32
C GLY E 141 -10.59 -12.86 18.41
N GLY E 142 -10.91 -14.10 18.05
CA GLY E 142 -12.25 -14.66 18.22
C GLY E 142 -12.57 -14.84 19.70
N PRO E 143 -13.87 -14.85 20.05
CA PRO E 143 -14.27 -14.95 21.44
C PRO E 143 -14.22 -16.38 22.02
N LEU E 144 -14.14 -16.45 23.34
CA LEU E 144 -14.53 -17.64 24.08
C LEU E 144 -15.68 -17.23 24.96
N LEU E 145 -16.81 -17.90 24.78
CA LEU E 145 -18.03 -17.57 25.51
C LEU E 145 -18.29 -18.59 26.62
N CYS E 146 -19.00 -18.15 27.65
CA CYS E 146 -19.57 -19.06 28.62
C CYS E 146 -20.94 -19.47 28.06
N PRO E 147 -21.62 -20.43 28.70
CA PRO E 147 -22.89 -20.93 28.15
C PRO E 147 -23.98 -19.86 27.98
N SER E 148 -24.00 -18.87 28.87
CA SER E 148 -24.95 -17.76 28.77
C SER E 148 -24.65 -16.83 27.59
N GLY E 149 -23.52 -17.03 26.93
CA GLY E 149 -23.17 -16.25 25.75
C GLY E 149 -22.39 -14.99 26.09
N HIS E 150 -21.75 -15.00 27.26
CA HIS E 150 -20.95 -13.87 27.71
C HIS E 150 -19.47 -14.13 27.45
N ALA E 151 -18.69 -13.07 27.37
CA ALA E 151 -17.28 -13.19 27.01
C ALA E 151 -16.43 -13.60 28.21
N VAL E 152 -15.57 -14.59 28.03
CA VAL E 152 -14.54 -14.91 29.04
C VAL E 152 -13.12 -14.56 28.52
N GLY E 153 -12.94 -14.57 27.20
CA GLY E 153 -11.65 -14.18 26.62
C GLY E 153 -11.64 -14.16 25.10
N ILE E 154 -10.49 -13.79 24.53
CA ILE E 154 -10.29 -13.82 23.08
C ILE E 154 -9.15 -14.77 22.69
N PHE E 155 -9.35 -15.50 21.61
CA PHE E 155 -8.40 -16.51 21.14
C PHE E 155 -7.03 -15.90 20.76
N ARG E 156 -5.96 -16.55 21.20
CA ARG E 156 -4.60 -16.02 21.10
C ARG E 156 -3.67 -16.99 20.36
N ALA E 157 -3.50 -18.19 20.93
CA ALA E 157 -2.62 -19.22 20.37
C ALA E 157 -3.24 -20.58 20.59
N ALA E 158 -2.70 -21.57 19.90
CA ALA E 158 -3.07 -22.95 20.15
C ALA E 158 -1.83 -23.75 20.48
N VAL E 159 -2.00 -24.76 21.34
CA VAL E 159 -0.96 -25.73 21.59
C VAL E 159 -1.40 -26.98 20.82
N CYS E 160 -0.43 -27.68 20.23
CA CYS E 160 -0.71 -28.69 19.21
C CYS E 160 0.42 -29.72 19.05
N THR E 161 0.26 -30.65 18.10
CA THR E 161 1.33 -31.59 17.73
C THR E 161 1.14 -32.11 16.30
N ARG E 162 2.12 -31.86 15.43
CA ARG E 162 2.07 -32.32 14.03
C ARG E 162 0.82 -31.83 13.30
N GLY E 163 0.43 -30.59 13.56
CA GLY E 163 -0.69 -29.98 12.84
C GLY E 163 -2.07 -30.16 13.45
N VAL E 164 -2.16 -30.82 14.61
CA VAL E 164 -3.46 -30.99 15.30
C VAL E 164 -3.40 -30.31 16.67
N ALA E 165 -4.45 -29.53 16.96
CA ALA E 165 -4.48 -28.69 18.14
C ALA E 165 -5.31 -29.35 19.23
N LYS E 166 -4.76 -29.36 20.44
CA LYS E 166 -5.35 -30.06 21.57
C LYS E 166 -5.88 -29.11 22.64
N ALA E 167 -5.21 -27.96 22.80
CA ALA E 167 -5.70 -26.93 23.70
C ALA E 167 -5.41 -25.56 23.12
N VAL E 168 -5.98 -24.54 23.75
CA VAL E 168 -5.93 -23.17 23.23
C VAL E 168 -5.58 -22.16 24.30
N ASP E 169 -4.84 -21.12 23.88
CA ASP E 169 -4.47 -19.99 24.72
C ASP E 169 -5.37 -18.80 24.37
N PHE E 170 -5.86 -18.10 25.38
CA PHE E 170 -6.67 -16.89 25.19
C PHE E 170 -6.35 -15.81 26.20
N VAL E 171 -6.58 -14.56 25.83
CA VAL E 171 -6.39 -13.45 26.77
C VAL E 171 -7.64 -13.43 27.62
N PRO E 172 -7.48 -13.41 28.96
CA PRO E 172 -8.66 -13.37 29.82
C PRO E 172 -9.29 -11.98 29.84
N VAL E 173 -10.61 -11.95 29.89
CA VAL E 173 -11.36 -10.70 29.95
C VAL E 173 -10.81 -9.74 31.02
N GLU E 174 -10.19 -10.29 32.05
CA GLU E 174 -9.61 -9.51 33.14
C GLU E 174 -8.48 -8.63 32.63
N SER E 175 -7.59 -9.22 31.83
CA SER E 175 -6.44 -8.49 31.25
C SER E 175 -6.85 -7.26 30.46
N MET E 176 -8.04 -7.31 29.85
CA MET E 176 -8.58 -6.17 29.15
C MET E 176 -8.88 -5.03 30.12
N GLU E 177 -9.66 -5.34 31.16
CA GLU E 177 -10.02 -4.32 32.16
C GLU E 177 -8.82 -3.89 33.02
N THR E 178 -7.77 -4.73 33.04
CA THR E 178 -6.48 -4.36 33.62
C THR E 178 -5.82 -3.30 32.72
N THR E 179 -5.81 -3.55 31.42
CA THR E 179 -5.24 -2.62 30.44
C THR E 179 -6.08 -1.34 30.33
N MET E 180 -7.41 -1.49 30.37
CA MET E 180 -8.33 -0.35 30.39
C MET E 180 -8.09 0.57 31.59
N ARG E 181 -7.75 -0.03 32.73
CA ARG E 181 -7.43 0.74 33.94
C ARG E 181 -6.14 1.55 33.84
N ALA E 182 -5.17 1.07 33.03
CA ALA E 182 -3.91 1.78 32.84
C ALA E 182 -4.09 3.07 32.02
N SER E 183 -4.27 4.19 32.71
CA SER E 183 -4.44 5.49 32.07
C SER E 183 -3.09 6.11 31.69
N ALA F 2 21.64 -14.88 -34.95
CA ALA F 2 21.17 -15.77 -33.84
C ALA F 2 20.68 -17.12 -34.37
N PRO F 3 21.05 -18.23 -33.69
CA PRO F 3 20.40 -19.52 -33.91
C PRO F 3 19.19 -19.75 -32.96
N ILE F 4 19.08 -18.91 -31.94
CA ILE F 4 18.02 -19.01 -30.94
C ILE F 4 16.97 -17.96 -31.26
N THR F 5 15.73 -18.19 -30.85
CA THR F 5 14.64 -17.23 -31.06
C THR F 5 13.73 -17.11 -29.86
N ALA F 6 13.03 -15.98 -29.76
CA ALA F 6 12.14 -15.69 -28.64
C ALA F 6 10.97 -14.78 -29.01
N TYR F 7 9.87 -14.91 -28.26
CA TYR F 7 8.75 -13.96 -28.32
C TYR F 7 8.27 -13.67 -26.91
N SER F 8 7.36 -12.70 -26.78
CA SER F 8 6.90 -12.23 -25.48
C SER F 8 5.37 -12.28 -25.35
N GLN F 9 4.89 -12.55 -24.14
CA GLN F 9 3.45 -12.59 -23.84
C GLN F 9 3.10 -11.87 -22.53
N GLN F 10 2.08 -11.02 -22.57
CA GLN F 10 1.58 -10.33 -21.38
C GLN F 10 0.51 -11.17 -20.68
N THR F 11 0.62 -11.34 -19.37
CA THR F 11 -0.32 -12.16 -18.58
C THR F 11 -0.94 -11.43 -17.38
N ARG F 12 -0.85 -10.10 -17.37
CA ARG F 12 -1.36 -9.26 -16.28
C ARG F 12 -1.31 -7.80 -16.68
N GLY F 13 -2.38 -7.07 -16.37
CA GLY F 13 -2.43 -5.62 -16.56
C GLY F 13 -1.86 -4.88 -15.36
N LEU F 14 -2.02 -3.56 -15.36
CA LEU F 14 -1.53 -2.71 -14.28
C LEU F 14 -2.16 -3.06 -12.94
N LEU F 15 -3.48 -3.23 -12.93
CA LEU F 15 -4.24 -3.30 -11.69
C LEU F 15 -4.00 -4.62 -10.96
N GLY F 16 -4.16 -5.72 -11.66
CA GLY F 16 -3.90 -7.05 -11.11
C GLY F 16 -2.50 -7.18 -10.56
N CYS F 17 -1.53 -6.66 -11.31
CA CYS F 17 -0.16 -6.60 -10.84
C CYS F 17 -0.05 -5.97 -9.45
N ILE F 18 -0.65 -4.80 -9.27
CA ILE F 18 -0.65 -4.09 -7.99
C ILE F 18 -1.33 -4.87 -6.86
N ILE F 19 -2.45 -5.50 -7.16
CA ILE F 19 -3.13 -6.31 -6.16
C ILE F 19 -2.24 -7.46 -5.73
N THR F 20 -1.75 -8.21 -6.71
CA THR F 20 -0.91 -9.38 -6.45
C THR F 20 0.40 -9.00 -5.74
N SER F 21 0.84 -7.76 -5.93
CA SER F 21 1.97 -7.19 -5.18
C SER F 21 1.67 -7.15 -3.68
N LEU F 22 0.58 -6.48 -3.31
CA LEU F 22 0.25 -6.23 -1.92
C LEU F 22 -0.18 -7.49 -1.15
N THR F 23 -0.87 -8.40 -1.84
CA THR F 23 -1.37 -9.63 -1.22
C THR F 23 -0.29 -10.67 -1.02
N GLY F 24 0.40 -10.99 -2.11
CA GLY F 24 1.45 -12.02 -2.12
C GLY F 24 1.04 -13.25 -2.91
N ARG F 25 -0.22 -13.31 -3.33
CA ARG F 25 -0.80 -14.51 -3.94
C ARG F 25 -0.97 -14.41 -5.45
N ASP F 26 -0.06 -15.05 -6.18
CA ASP F 26 -0.17 -15.21 -7.64
C ASP F 26 -0.65 -16.63 -7.93
N ARG F 27 -1.82 -16.76 -8.56
CA ARG F 27 -2.33 -18.08 -8.96
C ARG F 27 -2.30 -18.31 -10.47
N ASN F 28 -1.77 -17.35 -11.24
CA ASN F 28 -1.66 -17.52 -12.70
C ASN F 28 -0.69 -18.65 -13.05
N GLN F 29 -0.95 -19.31 -14.18
CA GLN F 29 -0.09 -20.40 -14.61
C GLN F 29 1.26 -19.87 -15.07
N VAL F 30 2.31 -20.42 -14.48
CA VAL F 30 3.69 -20.07 -14.82
C VAL F 30 4.14 -20.96 -15.98
N GLU F 31 4.89 -20.38 -16.92
CA GLU F 31 5.45 -21.09 -18.05
C GLU F 31 6.82 -20.49 -18.39
N GLY F 32 7.53 -21.14 -19.32
CA GLY F 32 8.75 -20.57 -19.89
C GLY F 32 9.92 -20.49 -18.92
N GLU F 33 11.02 -19.94 -19.42
CA GLU F 33 12.27 -19.91 -18.70
C GLU F 33 12.58 -18.52 -18.16
N VAL F 34 12.24 -17.50 -18.96
CA VAL F 34 12.39 -16.11 -18.55
C VAL F 34 11.02 -15.53 -18.27
N GLN F 35 10.88 -14.89 -17.12
CA GLN F 35 9.64 -14.21 -16.77
C GLN F 35 9.87 -12.70 -16.75
N VAL F 36 8.99 -11.95 -17.38
CA VAL F 36 8.94 -10.51 -17.16
C VAL F 36 8.28 -10.32 -15.80
N VAL F 37 8.87 -9.44 -15.02
CA VAL F 37 8.67 -9.41 -13.59
C VAL F 37 8.51 -7.94 -13.25
N SER F 38 7.75 -7.63 -12.22
CA SER F 38 7.47 -6.23 -11.90
C SER F 38 7.25 -5.92 -10.42
N THR F 39 7.54 -4.66 -10.07
CA THR F 39 7.15 -4.05 -8.81
C THR F 39 6.36 -2.80 -9.17
N ALA F 40 5.52 -2.35 -8.25
CA ALA F 40 4.76 -1.12 -8.46
C ALA F 40 5.56 -0.07 -9.25
N THR F 41 6.80 0.17 -8.82
CA THR F 41 7.63 1.22 -9.40
C THR F 41 8.37 0.87 -10.70
N GLN F 42 8.90 -0.34 -10.81
CA GLN F 42 9.77 -0.67 -11.95
C GLN F 42 9.66 -2.13 -12.40
N SER F 43 10.04 -2.38 -13.66
CA SER F 43 9.93 -3.71 -14.26
C SER F 43 11.22 -4.16 -14.99
N PHE F 44 11.41 -5.47 -14.97
CA PHE F 44 12.66 -6.10 -15.40
C PHE F 44 12.43 -7.62 -15.47
N LEU F 45 13.45 -8.35 -15.91
CA LEU F 45 13.31 -9.78 -16.16
C LEU F 45 13.80 -10.65 -15.00
N ALA F 46 13.55 -11.95 -15.14
CA ALA F 46 14.12 -12.95 -14.26
C ALA F 46 14.26 -14.28 -15.00
N THR F 47 15.38 -14.97 -14.76
CA THR F 47 15.70 -16.20 -15.46
C THR F 47 15.77 -17.37 -14.49
N CYS F 48 15.25 -18.53 -14.92
CA CYS F 48 15.34 -19.76 -14.15
C CYS F 48 16.52 -20.63 -14.54
N VAL F 49 17.37 -20.92 -13.57
CA VAL F 49 18.51 -21.81 -13.76
C VAL F 49 18.58 -22.76 -12.57
N ASN F 50 18.56 -24.07 -12.84
CA ASN F 50 18.62 -25.10 -11.80
C ASN F 50 17.52 -24.96 -10.75
N GLY F 51 16.28 -24.78 -11.22
CA GLY F 51 15.13 -24.66 -10.33
C GLY F 51 15.09 -23.43 -9.42
N VAL F 52 15.84 -22.38 -9.77
CA VAL F 52 15.87 -21.14 -8.98
C VAL F 52 15.61 -19.95 -9.89
N CYS F 53 14.71 -19.06 -9.47
CA CYS F 53 14.45 -17.80 -10.20
C CYS F 53 15.37 -16.67 -9.80
N TRP F 54 16.34 -16.36 -10.66
CA TRP F 54 17.28 -15.29 -10.37
C TRP F 54 16.85 -13.98 -11.03
N THR F 55 17.00 -12.88 -10.31
CA THR F 55 16.92 -11.57 -10.91
C THR F 55 17.96 -10.67 -10.28
N VAL F 56 17.77 -9.36 -10.38
CA VAL F 56 18.75 -8.39 -9.85
C VAL F 56 18.26 -7.74 -8.56
N TYR F 57 19.18 -7.56 -7.62
CA TYR F 57 18.85 -6.88 -6.36
C TYR F 57 18.42 -5.43 -6.60
N HIS F 58 18.89 -4.82 -7.69
CA HIS F 58 18.61 -3.40 -7.95
C HIS F 58 17.29 -3.12 -8.62
N GLY F 59 16.53 -4.18 -8.89
CA GLY F 59 15.12 -4.07 -9.25
C GLY F 59 14.21 -4.72 -8.22
N ALA F 60 14.69 -5.76 -7.53
CA ALA F 60 13.90 -6.56 -6.61
C ALA F 60 14.09 -6.22 -5.13
N GLY F 61 15.25 -5.70 -4.78
CA GLY F 61 15.61 -5.49 -3.39
C GLY F 61 15.53 -6.80 -2.63
N SER F 62 14.95 -6.74 -1.43
CA SER F 62 14.74 -7.93 -0.60
C SER F 62 13.31 -8.47 -0.71
N LYS F 63 12.52 -7.98 -1.65
CA LYS F 63 11.12 -8.39 -1.78
C LYS F 63 10.94 -9.90 -2.01
N THR F 64 9.82 -10.42 -1.52
CA THR F 64 9.38 -11.79 -1.79
C THR F 64 8.76 -11.85 -3.20
N LEU F 65 8.47 -13.07 -3.68
CA LEU F 65 7.84 -13.25 -4.99
C LEU F 65 6.45 -13.80 -4.81
N ALA F 66 5.48 -13.19 -5.49
CA ALA F 66 4.09 -13.62 -5.39
C ALA F 66 4.00 -15.08 -5.82
N GLY F 67 3.28 -15.89 -5.05
CA GLY F 67 3.23 -17.32 -5.30
C GLY F 67 1.87 -17.98 -5.07
N PRO F 68 1.66 -19.16 -5.67
CA PRO F 68 0.36 -19.84 -5.63
C PRO F 68 -0.18 -20.09 -4.22
N LYS F 69 0.73 -20.22 -3.24
CA LYS F 69 0.34 -20.41 -1.85
C LYS F 69 0.84 -19.25 -0.97
N GLY F 70 0.89 -18.04 -1.53
CA GLY F 70 1.39 -16.86 -0.82
C GLY F 70 2.80 -16.50 -1.27
N PRO F 71 3.38 -15.44 -0.66
CA PRO F 71 4.67 -14.87 -1.09
C PRO F 71 5.86 -15.76 -0.74
N ILE F 72 6.85 -15.77 -1.63
CA ILE F 72 7.99 -16.64 -1.52
C ILE F 72 9.21 -15.81 -1.09
N THR F 73 9.75 -16.13 0.09
CA THR F 73 10.98 -15.51 0.58
C THR F 73 12.16 -15.85 -0.34
N GLN F 74 13.16 -14.97 -0.38
CA GLN F 74 14.38 -15.20 -1.13
C GLN F 74 15.23 -16.25 -0.42
N MET F 75 15.62 -17.29 -1.16
CA MET F 75 16.61 -18.27 -0.67
C MET F 75 18.01 -17.71 -0.74
N TYR F 76 18.24 -16.78 -1.67
CA TYR F 76 19.54 -16.21 -1.90
C TYR F 76 19.42 -14.70 -2.06
N THR F 77 20.41 -13.98 -1.53
CA THR F 77 20.42 -12.53 -1.52
C THR F 77 21.86 -12.04 -1.49
N ASN F 78 22.52 -12.03 -2.65
CA ASN F 78 23.92 -11.66 -2.74
C ASN F 78 24.06 -10.19 -3.18
N VAL F 79 23.72 -9.29 -2.28
CA VAL F 79 23.86 -7.84 -2.50
C VAL F 79 25.22 -7.45 -3.12
N ASP F 80 26.29 -8.10 -2.70
CA ASP F 80 27.64 -7.83 -3.25
C ASP F 80 27.65 -7.98 -4.79
N GLN F 81 26.82 -8.88 -5.31
CA GLN F 81 26.80 -9.22 -6.73
C GLN F 81 25.52 -8.78 -7.48
N ASP F 82 24.69 -7.96 -6.81
CA ASP F 82 23.42 -7.52 -7.36
C ASP F 82 22.59 -8.70 -7.86
N LEU F 83 22.36 -9.67 -6.97
CA LEU F 83 21.75 -10.95 -7.34
C LEU F 83 20.78 -11.46 -6.28
N VAL F 84 19.57 -11.86 -6.69
CA VAL F 84 18.65 -12.57 -5.79
C VAL F 84 18.10 -13.83 -6.43
N GLY F 85 17.69 -14.78 -5.59
CA GLY F 85 17.14 -16.05 -6.08
C GLY F 85 15.97 -16.56 -5.24
N TRP F 86 14.83 -16.76 -5.89
CA TRP F 86 13.69 -17.44 -5.28
C TRP F 86 13.62 -18.90 -5.76
N GLN F 87 12.88 -19.74 -5.05
CA GLN F 87 12.53 -21.07 -5.57
C GLN F 87 11.48 -20.92 -6.65
N ALA F 88 11.71 -21.59 -7.77
CA ALA F 88 10.87 -21.45 -8.95
C ALA F 88 9.44 -21.89 -8.64
N PRO F 89 8.45 -21.03 -8.95
CA PRO F 89 7.05 -21.45 -8.87
C PRO F 89 6.78 -22.67 -9.76
N PRO F 90 5.90 -23.58 -9.31
CA PRO F 90 5.61 -24.76 -10.16
C PRO F 90 5.04 -24.36 -11.52
N GLY F 91 5.70 -24.83 -12.59
CA GLY F 91 5.35 -24.43 -13.96
C GLY F 91 6.56 -23.92 -14.72
N ALA F 92 7.52 -23.32 -14.01
CA ALA F 92 8.66 -22.68 -14.65
C ALA F 92 9.66 -23.68 -15.26
N ARG F 93 9.90 -23.53 -16.55
CA ARG F 93 10.97 -24.25 -17.22
C ARG F 93 12.32 -23.67 -16.81
N SER F 94 13.10 -24.44 -16.08
CA SER F 94 14.45 -24.02 -15.71
C SER F 94 15.39 -24.22 -16.90
N LEU F 95 16.35 -23.31 -17.06
CA LEU F 95 17.45 -23.48 -18.01
C LEU F 95 18.60 -24.20 -17.34
N THR F 96 19.52 -24.68 -18.16
CA THR F 96 20.66 -25.44 -17.68
C THR F 96 21.95 -24.67 -18.01
N PRO F 97 22.91 -24.62 -17.05
CA PRO F 97 24.19 -23.97 -17.28
C PRO F 97 24.92 -24.43 -18.53
N CYS F 98 25.67 -23.54 -19.14
CA CYS F 98 26.53 -23.89 -20.27
C CYS F 98 27.82 -24.54 -19.77
N THR F 99 28.20 -25.65 -20.39
CA THR F 99 29.46 -26.34 -20.05
C THR F 99 30.43 -26.47 -21.23
N CYS F 100 30.07 -25.89 -22.38
CA CYS F 100 30.98 -25.88 -23.52
C CYS F 100 31.90 -24.67 -23.47
N GLY F 101 31.51 -23.66 -22.69
CA GLY F 101 32.36 -22.50 -22.42
C GLY F 101 32.63 -21.63 -23.63
N SER F 102 31.59 -21.36 -24.42
CA SER F 102 31.71 -20.52 -25.62
C SER F 102 31.94 -19.06 -25.26
N SER F 103 32.56 -18.31 -26.18
CA SER F 103 32.60 -16.84 -26.08
C SER F 103 31.51 -16.19 -26.92
N ASP F 104 30.86 -16.97 -27.77
CA ASP F 104 29.78 -16.48 -28.60
C ASP F 104 28.49 -16.46 -27.77
N LEU F 105 28.20 -15.32 -27.15
CA LEU F 105 27.01 -15.18 -26.31
C LEU F 105 25.88 -14.39 -27.00
N TYR F 106 24.65 -14.62 -26.55
CA TYR F 106 23.47 -13.91 -27.01
C TYR F 106 22.65 -13.48 -25.81
N LEU F 107 22.31 -12.19 -25.75
CA LEU F 107 21.51 -11.60 -24.69
C LEU F 107 20.10 -11.49 -25.16
N VAL F 108 19.14 -11.91 -24.34
CA VAL F 108 17.73 -11.75 -24.67
C VAL F 108 17.22 -10.53 -23.92
N THR F 109 16.57 -9.62 -24.65
CA THR F 109 16.10 -8.38 -24.07
C THR F 109 14.64 -8.48 -23.68
N ARG F 110 14.26 -7.58 -22.80
CA ARG F 110 12.86 -7.32 -22.45
C ARG F 110 11.92 -7.47 -23.65
N HIS F 111 12.30 -6.91 -24.80
CA HIS F 111 11.42 -6.91 -25.98
C HIS F 111 11.66 -8.11 -26.93
N ALA F 112 12.07 -9.25 -26.37
CA ALA F 112 12.26 -10.48 -27.14
C ALA F 112 13.24 -10.32 -28.31
N ASP F 113 14.29 -9.54 -28.12
CA ASP F 113 15.36 -9.41 -29.12
C ASP F 113 16.62 -10.14 -28.62
N VAL F 114 17.08 -11.10 -29.42
CA VAL F 114 18.29 -11.85 -29.13
C VAL F 114 19.45 -11.13 -29.81
N ILE F 115 20.32 -10.50 -29.02
CA ILE F 115 21.41 -9.71 -29.59
C ILE F 115 22.79 -10.27 -29.22
N PRO F 116 23.72 -10.32 -30.19
CA PRO F 116 24.96 -11.05 -30.00
C PRO F 116 25.97 -10.32 -29.12
N VAL F 117 26.65 -11.08 -28.26
CA VAL F 117 27.59 -10.53 -27.31
C VAL F 117 28.85 -11.35 -27.30
N ARG F 118 30.00 -10.68 -27.41
CA ARG F 118 31.27 -11.37 -27.39
C ARG F 118 31.83 -11.34 -25.98
N ARG F 119 32.05 -12.52 -25.42
CA ARG F 119 32.54 -12.70 -24.04
C ARG F 119 33.97 -12.20 -23.89
N ARG F 120 34.23 -11.46 -22.81
CA ARG F 120 35.55 -10.87 -22.57
C ARG F 120 36.26 -11.43 -21.32
N GLY F 121 35.64 -11.26 -20.15
CA GLY F 121 36.23 -11.75 -18.91
C GLY F 121 35.34 -12.81 -18.29
N ASP F 122 35.16 -12.77 -16.98
CA ASP F 122 34.22 -13.64 -16.29
C ASP F 122 32.82 -13.02 -16.30
N SER F 123 32.77 -11.70 -16.12
CA SER F 123 31.52 -10.99 -15.93
C SER F 123 31.28 -9.94 -17.02
N ARG F 124 32.00 -10.05 -18.13
CA ARG F 124 32.03 -9.01 -19.14
C ARG F 124 31.81 -9.49 -20.56
N GLY F 125 31.09 -8.68 -21.34
CA GLY F 125 30.74 -9.00 -22.72
C GLY F 125 30.57 -7.74 -23.56
N SER F 126 31.23 -7.71 -24.72
CA SER F 126 31.18 -6.56 -25.61
C SER F 126 30.12 -6.81 -26.66
N LEU F 127 29.26 -5.83 -26.88
CA LEU F 127 28.27 -5.91 -27.93
C LEU F 127 28.98 -5.81 -29.26
N LEU F 128 28.54 -6.57 -30.25
CA LEU F 128 29.16 -6.48 -31.58
C LEU F 128 28.65 -5.22 -32.30
N SER F 129 27.35 -4.99 -32.23
CA SER F 129 26.75 -3.72 -32.64
C SER F 129 26.39 -2.95 -31.38
N PRO F 130 26.83 -1.69 -31.26
CA PRO F 130 26.34 -0.88 -30.15
C PRO F 130 24.85 -0.65 -30.23
N ARG F 131 24.20 -0.45 -29.08
CA ARG F 131 22.77 -0.12 -29.04
C ARG F 131 22.51 1.13 -28.21
N PRO F 132 21.45 1.88 -28.55
CA PRO F 132 20.94 2.89 -27.64
C PRO F 132 20.63 2.24 -26.29
N VAL F 133 20.83 3.00 -25.23
CA VAL F 133 20.68 2.46 -23.89
C VAL F 133 19.22 2.08 -23.58
N SER F 134 18.28 2.86 -24.10
CA SER F 134 16.85 2.60 -23.93
C SER F 134 16.41 1.24 -24.48
N TYR F 135 17.18 0.71 -25.43
CA TYR F 135 16.94 -0.62 -26.00
C TYR F 135 17.18 -1.69 -24.93
N LEU F 136 18.06 -1.38 -23.98
CA LEU F 136 18.45 -2.34 -22.95
C LEU F 136 17.77 -2.13 -21.61
N LYS F 137 17.26 -0.93 -21.34
CA LYS F 137 16.62 -0.67 -20.05
C LYS F 137 15.41 -1.58 -19.79
N GLY F 138 15.41 -2.22 -18.63
CA GLY F 138 14.34 -3.12 -18.24
C GLY F 138 14.67 -4.57 -18.50
N SER F 139 15.86 -4.81 -19.03
CA SER F 139 16.31 -6.14 -19.41
C SER F 139 17.16 -6.80 -18.33
N SER F 140 17.49 -6.07 -17.27
CA SER F 140 18.30 -6.62 -16.18
C SER F 140 17.67 -7.92 -15.68
N GLY F 141 18.52 -8.89 -15.38
CA GLY F 141 18.06 -10.24 -15.02
C GLY F 141 17.61 -11.11 -16.20
N GLY F 142 17.72 -10.61 -17.42
CA GLY F 142 17.42 -11.40 -18.62
C GLY F 142 18.64 -12.21 -18.95
N PRO F 143 18.46 -13.35 -19.62
CA PRO F 143 19.56 -14.30 -19.74
C PRO F 143 20.62 -13.90 -20.76
N LEU F 144 21.81 -14.45 -20.55
CA LEU F 144 22.82 -14.53 -21.59
C LEU F 144 23.02 -16.00 -21.92
N LEU F 145 22.80 -16.33 -23.19
CA LEU F 145 22.78 -17.72 -23.66
C LEU F 145 23.93 -18.00 -24.63
N CYS F 146 24.62 -19.12 -24.42
CA CYS F 146 25.63 -19.62 -25.35
C CYS F 146 24.91 -20.21 -26.57
N PRO F 147 25.66 -20.55 -27.63
CA PRO F 147 24.99 -20.94 -28.90
C PRO F 147 23.98 -22.10 -28.84
N SER F 148 24.06 -22.95 -27.81
CA SER F 148 23.12 -24.07 -27.65
C SER F 148 21.94 -23.73 -26.72
N GLY F 149 21.84 -22.48 -26.30
CA GLY F 149 20.68 -22.00 -25.54
C GLY F 149 20.81 -22.13 -24.04
N HIS F 150 21.99 -22.51 -23.57
CA HIS F 150 22.23 -22.74 -22.16
C HIS F 150 22.62 -21.45 -21.47
N ALA F 151 22.26 -21.33 -20.20
CA ALA F 151 22.48 -20.10 -19.46
C ALA F 151 23.93 -19.91 -19.11
N VAL F 152 24.50 -18.73 -19.39
CA VAL F 152 25.84 -18.38 -18.92
C VAL F 152 25.84 -17.26 -17.86
N GLY F 153 24.73 -16.54 -17.74
CA GLY F 153 24.59 -15.47 -16.74
C GLY F 153 23.34 -14.64 -16.89
N ILE F 154 23.24 -13.61 -16.03
CA ILE F 154 22.12 -12.67 -16.12
C ILE F 154 22.60 -11.25 -16.22
N PHE F 155 21.95 -10.50 -17.12
CA PHE F 155 22.28 -9.11 -17.42
C PHE F 155 22.12 -8.27 -16.17
N ARG F 156 23.04 -7.35 -15.94
CA ARG F 156 23.13 -6.62 -14.68
C ARG F 156 23.29 -5.11 -14.89
N ALA F 157 24.27 -4.74 -15.71
CA ALA F 157 24.56 -3.34 -16.00
C ALA F 157 25.25 -3.20 -17.35
N ALA F 158 25.15 -2.02 -17.94
CA ALA F 158 25.76 -1.75 -19.22
C ALA F 158 26.80 -0.66 -19.04
N VAL F 159 27.89 -0.77 -19.79
CA VAL F 159 28.94 0.25 -19.85
C VAL F 159 28.69 1.01 -21.14
N CYS F 160 28.55 2.33 -21.02
CA CYS F 160 28.04 3.15 -22.13
C CYS F 160 28.54 4.59 -22.13
N THR F 161 28.36 5.25 -23.28
CA THR F 161 28.72 6.66 -23.42
C THR F 161 27.61 7.39 -24.15
N ARG F 162 27.20 8.55 -23.61
CA ARG F 162 26.14 9.38 -24.21
C ARG F 162 24.88 8.60 -24.63
N GLY F 163 24.49 7.61 -23.82
CA GLY F 163 23.26 6.87 -24.05
C GLY F 163 23.35 5.73 -25.05
N VAL F 164 24.55 5.42 -25.53
CA VAL F 164 24.74 4.26 -26.42
C VAL F 164 25.64 3.20 -25.76
N ALA F 165 25.09 1.99 -25.64
CA ALA F 165 25.74 0.89 -24.92
C ALA F 165 26.81 0.22 -25.74
N LYS F 166 28.03 0.13 -25.19
CA LYS F 166 29.14 -0.51 -25.90
C LYS F 166 29.59 -1.88 -25.33
N ALA F 167 29.20 -2.19 -24.09
CA ALA F 167 29.46 -3.51 -23.49
C ALA F 167 28.52 -3.76 -22.32
N VAL F 168 28.45 -5.01 -21.85
CA VAL F 168 27.53 -5.39 -20.77
C VAL F 168 28.17 -6.15 -19.61
N ASP F 169 27.65 -5.90 -18.41
CA ASP F 169 28.05 -6.61 -17.23
C ASP F 169 26.98 -7.65 -16.89
N PHE F 170 27.43 -8.85 -16.53
CA PHE F 170 26.52 -9.88 -16.08
C PHE F 170 27.07 -10.65 -14.89
N VAL F 171 26.15 -11.31 -14.20
CA VAL F 171 26.45 -12.19 -13.09
C VAL F 171 26.75 -13.54 -13.72
N PRO F 172 27.97 -14.03 -13.58
CA PRO F 172 28.24 -15.33 -14.20
C PRO F 172 27.60 -16.45 -13.41
N VAL F 173 27.11 -17.47 -14.12
CA VAL F 173 26.41 -18.59 -13.50
C VAL F 173 27.24 -19.31 -12.41
N GLU F 174 28.56 -19.13 -12.42
CA GLU F 174 29.40 -19.63 -11.33
C GLU F 174 29.05 -18.95 -10.02
N SER F 175 28.78 -17.65 -10.08
CA SER F 175 28.45 -16.85 -8.90
C SER F 175 27.02 -17.12 -8.42
N MET F 176 26.17 -17.65 -9.30
CA MET F 176 24.89 -18.17 -8.86
C MET F 176 25.14 -19.43 -8.04
N GLU F 177 26.00 -20.29 -8.55
CA GLU F 177 26.37 -21.52 -7.85
C GLU F 177 27.19 -21.23 -6.58
N THR F 178 27.91 -20.11 -6.56
CA THR F 178 28.68 -19.68 -5.40
C THR F 178 27.77 -19.18 -4.26
N THR F 179 26.68 -18.52 -4.62
CA THR F 179 25.66 -18.10 -3.65
C THR F 179 24.91 -19.32 -3.10
N MET F 180 24.60 -20.26 -3.98
CA MET F 180 23.91 -21.52 -3.62
C MET F 180 24.72 -22.42 -2.68
N ARG F 181 26.06 -22.31 -2.73
CA ARG F 181 26.95 -23.07 -1.83
C ARG F 181 26.82 -22.60 -0.37
N ALA F 182 26.62 -21.29 -0.18
CA ALA F 182 26.55 -20.70 1.16
C ALA F 182 25.24 -21.06 1.88
N SER F 183 25.29 -22.11 2.69
CA SER F 183 24.12 -22.60 3.42
C SER F 183 23.89 -21.84 4.71
N ALA G 2 -29.72 33.41 2.02
CA ALA G 2 -30.11 32.03 2.45
C ALA G 2 -29.83 31.82 3.94
N PRO G 3 -30.90 31.66 4.76
CA PRO G 3 -30.70 31.36 6.18
C PRO G 3 -30.40 29.87 6.41
N ILE G 4 -30.61 29.07 5.37
CA ILE G 4 -30.25 27.66 5.37
C ILE G 4 -28.82 27.55 4.80
N THR G 5 -28.04 26.60 5.32
CA THR G 5 -26.69 26.35 4.83
C THR G 5 -26.49 24.85 4.59
N ALA G 6 -25.57 24.52 3.69
CA ALA G 6 -25.37 23.14 3.26
C ALA G 6 -23.97 22.91 2.71
N TYR G 7 -23.45 21.71 2.95
CA TYR G 7 -22.20 21.25 2.34
C TYR G 7 -22.40 19.83 1.82
N SER G 8 -21.46 19.35 1.02
CA SER G 8 -21.60 18.05 0.35
C SER G 8 -20.43 17.13 0.67
N GLN G 9 -20.75 15.85 0.89
CA GLN G 9 -19.73 14.83 1.16
C GLN G 9 -19.80 13.74 0.10
N GLN G 10 -18.66 13.33 -0.42
CA GLN G 10 -18.59 12.24 -1.41
C GLN G 10 -18.22 10.93 -0.71
N THR G 11 -19.09 9.93 -0.84
CA THR G 11 -18.92 8.62 -0.19
C THR G 11 -18.44 7.52 -1.14
N ARG G 12 -18.61 7.72 -2.44
CA ARG G 12 -18.19 6.74 -3.43
C ARG G 12 -17.55 7.38 -4.65
N GLY G 13 -16.57 6.67 -5.21
CA GLY G 13 -15.97 7.03 -6.47
C GLY G 13 -16.68 6.28 -7.58
N LEU G 14 -15.99 6.09 -8.69
CA LEU G 14 -16.59 5.58 -9.91
C LEU G 14 -16.77 4.06 -9.85
N LEU G 15 -15.72 3.35 -9.44
CA LEU G 15 -15.72 1.90 -9.57
C LEU G 15 -16.71 1.29 -8.58
N GLY G 16 -16.58 1.68 -7.31
CA GLY G 16 -17.49 1.21 -6.26
C GLY G 16 -18.93 1.52 -6.60
N CYS G 17 -19.15 2.65 -7.26
CA CYS G 17 -20.47 3.00 -7.76
C CYS G 17 -21.00 1.99 -8.78
N ILE G 18 -20.16 1.55 -9.70
CA ILE G 18 -20.56 0.60 -10.74
C ILE G 18 -20.80 -0.80 -10.19
N ILE G 19 -19.91 -1.29 -9.32
CA ILE G 19 -20.14 -2.57 -8.69
C ILE G 19 -21.49 -2.54 -7.98
N THR G 20 -21.73 -1.47 -7.21
CA THR G 20 -22.96 -1.35 -6.46
C THR G 20 -24.14 -1.40 -7.39
N SER G 21 -24.04 -0.70 -8.54
CA SER G 21 -25.12 -0.65 -9.52
C SER G 21 -25.55 -2.04 -10.01
N LEU G 22 -24.57 -2.89 -10.27
CA LEU G 22 -24.81 -4.23 -10.83
C LEU G 22 -25.38 -5.19 -9.80
N THR G 23 -24.88 -5.14 -8.57
CA THR G 23 -25.35 -6.05 -7.49
C THR G 23 -26.53 -5.50 -6.71
N GLY G 24 -26.57 -4.18 -6.54
CA GLY G 24 -27.62 -3.52 -5.75
C GLY G 24 -27.45 -3.62 -4.23
N ARG G 25 -26.29 -4.09 -3.78
CA ARG G 25 -25.99 -4.19 -2.35
C ARG G 25 -25.10 -3.01 -1.94
N ASP G 26 -25.67 -2.15 -1.10
CA ASP G 26 -25.01 -0.91 -0.71
C ASP G 26 -25.00 -0.85 0.82
N ARG G 27 -23.90 -1.30 1.41
CA ARG G 27 -23.78 -1.40 2.86
C ARG G 27 -23.33 -0.08 3.49
N ASN G 28 -22.87 0.87 2.67
CA ASN G 28 -22.47 2.18 3.18
C ASN G 28 -23.55 2.83 4.04
N GLN G 29 -23.14 3.66 4.99
CA GLN G 29 -24.07 4.27 5.92
C GLN G 29 -24.67 5.51 5.32
N VAL G 30 -25.99 5.61 5.42
CA VAL G 30 -26.78 6.70 4.84
C VAL G 30 -27.04 7.78 5.87
N GLU G 31 -26.83 9.03 5.48
CA GLU G 31 -27.12 10.17 6.34
C GLU G 31 -27.70 11.30 5.53
N GLY G 32 -28.30 12.26 6.22
CA GLY G 32 -28.73 13.50 5.60
C GLY G 32 -30.07 13.39 4.89
N GLU G 33 -30.56 14.54 4.45
CA GLU G 33 -31.91 14.68 3.92
C GLU G 33 -31.91 14.54 2.40
N VAL G 34 -30.83 14.98 1.77
CA VAL G 34 -30.67 14.96 0.32
C VAL G 34 -29.55 13.97 0.00
N GLN G 35 -29.72 13.19 -1.06
CA GLN G 35 -28.70 12.22 -1.46
C GLN G 35 -28.21 12.50 -2.88
N VAL G 36 -26.90 12.57 -3.06
CA VAL G 36 -26.34 12.58 -4.40
C VAL G 36 -26.39 11.15 -4.89
N VAL G 37 -26.91 11.00 -6.09
CA VAL G 37 -27.30 9.71 -6.60
C VAL G 37 -26.77 9.58 -8.01
N SER G 38 -26.55 8.34 -8.44
CA SER G 38 -26.00 8.10 -9.77
C SER G 38 -26.41 6.75 -10.36
N THR G 39 -26.45 6.69 -11.69
CA THR G 39 -26.40 5.46 -12.47
C THR G 39 -25.02 5.47 -13.13
N ALA G 40 -24.73 4.46 -13.95
CA ALA G 40 -23.46 4.42 -14.69
C ALA G 40 -23.23 5.71 -15.45
N THR G 41 -24.23 6.10 -16.24
CA THR G 41 -24.09 7.18 -17.20
C THR G 41 -24.29 8.56 -16.59
N GLN G 42 -25.34 8.73 -15.79
CA GLN G 42 -25.72 10.07 -15.32
C GLN G 42 -26.02 10.17 -13.83
N SER G 43 -25.71 11.34 -13.26
CA SER G 43 -25.81 11.56 -11.82
C SER G 43 -26.61 12.81 -11.44
N PHE G 44 -27.42 12.68 -10.39
CA PHE G 44 -28.39 13.70 -9.99
C PHE G 44 -28.66 13.58 -8.49
N LEU G 45 -29.73 14.19 -8.00
CA LEU G 45 -30.02 14.20 -6.56
C LEU G 45 -31.33 13.57 -6.27
N ALA G 46 -31.58 13.33 -4.99
CA ALA G 46 -32.83 12.70 -4.53
C ALA G 46 -33.17 13.20 -3.15
N THR G 47 -34.44 13.52 -2.91
CA THR G 47 -34.85 14.14 -1.67
C THR G 47 -35.74 13.19 -0.88
N CYS G 48 -35.52 13.12 0.42
CA CYS G 48 -36.39 12.33 1.30
C CYS G 48 -37.42 13.17 2.03
N VAL G 49 -38.69 12.91 1.70
CA VAL G 49 -39.83 13.49 2.39
C VAL G 49 -40.75 12.37 2.86
N ASN G 50 -41.24 12.48 4.09
CA ASN G 50 -42.16 11.49 4.66
C ASN G 50 -41.70 10.04 4.46
N GLY G 51 -40.44 9.75 4.78
CA GLY G 51 -39.91 8.38 4.75
C GLY G 51 -39.71 7.77 3.37
N VAL G 52 -39.99 8.54 2.32
CA VAL G 52 -39.77 8.11 0.95
C VAL G 52 -38.64 8.93 0.36
N CYS G 53 -37.79 8.27 -0.43
CA CYS G 53 -36.77 8.94 -1.21
C CYS G 53 -37.31 9.27 -2.59
N TRP G 54 -37.44 10.56 -2.89
CA TRP G 54 -38.01 11.02 -4.16
C TRP G 54 -36.96 11.56 -5.11
N THR G 55 -37.12 11.27 -6.41
CA THR G 55 -36.26 11.80 -7.46
C THR G 55 -36.95 11.76 -8.82
N VAL G 56 -36.24 12.16 -9.87
CA VAL G 56 -36.86 12.30 -11.18
C VAL G 56 -36.84 11.03 -12.01
N TYR G 57 -37.90 10.84 -12.78
CA TYR G 57 -37.97 9.72 -13.69
C TYR G 57 -37.01 9.88 -14.88
N HIS G 58 -36.64 11.12 -15.19
CA HIS G 58 -35.77 11.36 -16.34
C HIS G 58 -34.32 10.98 -16.08
N GLY G 59 -34.01 10.60 -14.84
CA GLY G 59 -32.70 10.05 -14.49
C GLY G 59 -32.74 8.61 -14.02
N ALA G 60 -33.73 8.28 -13.20
CA ALA G 60 -33.80 6.95 -12.55
C ALA G 60 -34.49 5.89 -13.41
N GLY G 61 -35.43 6.29 -14.24
CA GLY G 61 -36.24 5.33 -14.95
C GLY G 61 -37.00 4.46 -13.96
N SER G 62 -37.08 3.16 -14.24
CA SER G 62 -37.75 2.24 -13.33
C SER G 62 -36.75 1.39 -12.54
N LYS G 63 -35.51 1.86 -12.43
CA LYS G 63 -34.44 1.15 -11.76
C LYS G 63 -34.73 0.99 -10.27
N THR G 64 -34.12 -0.03 -9.64
CA THR G 64 -34.18 -0.18 -8.19
C THR G 64 -33.17 0.78 -7.54
N LEU G 65 -33.29 0.97 -6.22
CA LEU G 65 -32.28 1.72 -5.47
C LEU G 65 -31.42 0.72 -4.73
N ALA G 66 -30.11 0.85 -4.85
CA ALA G 66 -29.18 0.01 -4.09
C ALA G 66 -29.41 0.27 -2.61
N GLY G 67 -29.12 -0.72 -1.77
CA GLY G 67 -29.45 -0.64 -0.35
C GLY G 67 -28.81 -1.76 0.44
N PRO G 68 -28.95 -1.71 1.79
CA PRO G 68 -28.27 -2.65 2.69
C PRO G 68 -28.67 -4.12 2.55
N LYS G 69 -29.91 -4.40 2.15
CA LYS G 69 -30.39 -5.80 2.07
C LYS G 69 -30.73 -6.24 0.64
N GLY G 70 -30.11 -5.61 -0.35
CA GLY G 70 -30.41 -5.86 -1.76
C GLY G 70 -31.26 -4.75 -2.34
N PRO G 71 -31.51 -4.80 -3.66
CA PRO G 71 -32.16 -3.67 -4.34
C PRO G 71 -33.59 -3.35 -3.88
N ILE G 72 -33.88 -2.06 -3.71
CA ILE G 72 -35.19 -1.57 -3.30
C ILE G 72 -36.02 -1.27 -4.55
N THR G 73 -37.15 -1.97 -4.69
CA THR G 73 -38.11 -1.74 -5.77
C THR G 73 -38.79 -0.39 -5.57
N GLN G 74 -39.18 0.24 -6.68
CA GLN G 74 -39.94 1.49 -6.65
C GLN G 74 -41.35 1.27 -6.05
N MET G 75 -41.66 2.02 -5.01
CA MET G 75 -43.02 2.15 -4.51
C MET G 75 -43.84 3.02 -5.43
N TYR G 76 -43.26 4.15 -5.84
CA TYR G 76 -43.98 5.19 -6.57
C TYR G 76 -43.26 5.56 -7.86
N THR G 77 -44.04 5.73 -8.92
CA THR G 77 -43.53 5.83 -10.28
C THR G 77 -44.51 6.62 -11.17
N ASN G 78 -44.53 7.94 -10.99
CA ASN G 78 -45.51 8.80 -11.66
C ASN G 78 -44.94 9.46 -12.92
N VAL G 79 -44.96 8.71 -14.02
CA VAL G 79 -44.35 9.14 -15.27
C VAL G 79 -44.92 10.48 -15.77
N ASP G 80 -46.19 10.74 -15.50
CA ASP G 80 -46.83 11.99 -15.92
C ASP G 80 -46.19 13.24 -15.30
N GLN G 81 -45.51 13.08 -14.16
CA GLN G 81 -44.90 14.20 -13.44
C GLN G 81 -43.39 14.05 -13.23
N ASP G 82 -42.76 13.17 -14.02
CA ASP G 82 -41.32 12.91 -13.91
C ASP G 82 -40.94 12.67 -12.47
N LEU G 83 -41.64 11.73 -11.83
CA LEU G 83 -41.46 11.45 -10.40
C LEU G 83 -41.39 9.95 -10.09
N VAL G 84 -40.40 9.57 -9.27
CA VAL G 84 -40.31 8.21 -8.72
C VAL G 84 -39.93 8.26 -7.24
N GLY G 85 -40.21 7.15 -6.56
CA GLY G 85 -39.91 7.01 -5.13
C GLY G 85 -39.54 5.61 -4.69
N TRP G 86 -38.59 5.52 -3.77
CA TRP G 86 -38.27 4.29 -3.06
C TRP G 86 -38.43 4.51 -1.58
N GLN G 87 -38.53 3.43 -0.82
CA GLN G 87 -38.53 3.53 0.62
C GLN G 87 -37.15 4.05 1.05
N ALA G 88 -37.13 5.04 1.93
CA ALA G 88 -35.87 5.57 2.42
C ALA G 88 -35.09 4.46 3.14
N PRO G 89 -33.82 4.23 2.74
CA PRO G 89 -33.02 3.27 3.51
C PRO G 89 -32.74 3.78 4.91
N PRO G 90 -32.65 2.87 5.90
CA PRO G 90 -32.41 3.33 7.27
C PRO G 90 -31.14 4.16 7.42
N GLY G 91 -31.21 5.22 8.21
CA GLY G 91 -30.11 6.17 8.37
C GLY G 91 -30.43 7.53 7.78
N ALA G 92 -31.15 7.53 6.66
CA ALA G 92 -31.57 8.76 6.02
C ALA G 92 -32.54 9.57 6.89
N ARG G 93 -32.34 10.89 6.90
CA ARG G 93 -33.18 11.83 7.67
C ARG G 93 -34.23 12.44 6.73
N SER G 94 -35.51 12.33 7.10
CA SER G 94 -36.61 12.71 6.22
C SER G 94 -37.12 14.13 6.49
N LEU G 95 -37.26 14.91 5.42
CA LEU G 95 -37.81 16.24 5.51
C LEU G 95 -39.32 16.16 5.64
N THR G 96 -39.91 17.28 6.06
CA THR G 96 -41.35 17.39 6.23
C THR G 96 -41.88 18.47 5.29
N PRO G 97 -43.04 18.23 4.67
CA PRO G 97 -43.61 19.21 3.73
C PRO G 97 -43.78 20.60 4.31
N CYS G 98 -43.90 21.58 3.44
CA CYS G 98 -44.18 22.95 3.87
C CYS G 98 -45.66 23.22 3.70
N THR G 99 -46.24 23.95 4.63
CA THR G 99 -47.68 24.26 4.58
C THR G 99 -48.04 25.75 4.75
N CYS G 100 -47.11 26.55 5.27
CA CYS G 100 -47.32 27.99 5.46
C CYS G 100 -47.70 28.67 4.14
N GLY G 101 -47.01 28.27 3.07
CA GLY G 101 -47.29 28.77 1.72
C GLY G 101 -46.38 29.91 1.28
N SER G 102 -45.13 29.92 1.76
CA SER G 102 -44.19 30.99 1.47
C SER G 102 -43.79 31.02 -0.01
N SER G 103 -43.39 32.20 -0.46
CA SER G 103 -42.92 32.40 -1.83
C SER G 103 -41.40 32.54 -1.92
N ASP G 104 -40.75 32.80 -0.79
CA ASP G 104 -39.30 32.91 -0.73
C ASP G 104 -38.69 31.53 -0.55
N LEU G 105 -38.33 30.90 -1.67
CA LEU G 105 -37.85 29.53 -1.67
C LEU G 105 -36.35 29.46 -1.93
N TYR G 106 -35.77 28.31 -1.59
CA TYR G 106 -34.33 28.06 -1.78
C TYR G 106 -34.07 26.69 -2.38
N LEU G 107 -33.53 26.68 -3.60
CA LEU G 107 -33.12 25.46 -4.26
C LEU G 107 -31.70 25.11 -3.83
N VAL G 108 -31.51 23.86 -3.41
CA VAL G 108 -30.21 23.34 -3.02
C VAL G 108 -29.68 22.55 -4.18
N THR G 109 -28.56 22.98 -4.73
CA THR G 109 -27.97 22.31 -5.88
C THR G 109 -27.06 21.16 -5.48
N ARG G 110 -26.76 20.33 -6.46
CA ARG G 110 -25.69 19.34 -6.43
C ARG G 110 -24.42 19.80 -5.75
N HIS G 111 -24.01 21.06 -5.99
CA HIS G 111 -22.74 21.58 -5.47
C HIS G 111 -22.90 22.30 -4.12
N ALA G 112 -24.00 22.01 -3.41
CA ALA G 112 -24.31 22.58 -2.09
C ALA G 112 -24.65 24.08 -2.11
N ASP G 113 -24.87 24.64 -3.29
CA ASP G 113 -25.25 26.04 -3.39
C ASP G 113 -26.74 26.18 -3.11
N VAL G 114 -27.06 26.98 -2.09
CA VAL G 114 -28.43 27.31 -1.74
C VAL G 114 -28.73 28.62 -2.44
N ILE G 115 -29.69 28.61 -3.37
CA ILE G 115 -29.92 29.80 -4.20
C ILE G 115 -31.39 30.25 -4.17
N PRO G 116 -31.63 31.58 -4.04
CA PRO G 116 -33.00 32.07 -3.83
C PRO G 116 -33.89 31.99 -5.06
N VAL G 117 -35.09 31.42 -4.87
CA VAL G 117 -36.09 31.29 -5.92
C VAL G 117 -37.38 32.01 -5.50
N ARG G 118 -38.04 32.65 -6.46
CA ARG G 118 -39.30 33.31 -6.20
C ARG G 118 -40.46 32.46 -6.75
N ARG G 119 -41.25 31.89 -5.84
CA ARG G 119 -42.44 31.11 -6.20
C ARG G 119 -43.33 31.87 -7.19
N ARG G 120 -43.84 31.16 -8.19
CA ARG G 120 -44.72 31.77 -9.18
C ARG G 120 -46.04 31.03 -9.39
N GLY G 121 -46.02 29.69 -9.30
CA GLY G 121 -47.25 28.91 -9.37
C GLY G 121 -47.23 27.74 -8.40
N ASP G 122 -47.91 26.66 -8.76
CA ASP G 122 -47.87 25.43 -7.98
C ASP G 122 -46.57 24.71 -8.26
N SER G 123 -46.06 24.85 -9.48
CA SER G 123 -44.87 24.13 -9.92
C SER G 123 -43.81 25.04 -10.56
N ARG G 124 -43.88 26.34 -10.30
CA ARG G 124 -42.96 27.29 -10.93
C ARG G 124 -42.27 28.24 -9.95
N GLY G 125 -41.08 28.71 -10.35
CA GLY G 125 -40.35 29.73 -9.60
C GLY G 125 -39.26 30.40 -10.43
N SER G 126 -39.13 31.72 -10.31
CA SER G 126 -38.14 32.46 -11.10
C SER G 126 -36.88 32.81 -10.30
N LEU G 127 -35.73 32.62 -10.94
CA LEU G 127 -34.44 32.84 -10.31
C LEU G 127 -34.16 34.31 -10.13
N LEU G 128 -34.08 34.74 -8.87
CA LEU G 128 -33.73 36.13 -8.55
C LEU G 128 -32.50 36.57 -9.34
N SER G 129 -31.47 35.73 -9.32
CA SER G 129 -30.29 35.91 -10.16
C SER G 129 -30.22 34.77 -11.18
N PRO G 130 -30.27 35.09 -12.48
CA PRO G 130 -30.08 34.07 -13.53
C PRO G 130 -28.70 33.43 -13.47
N ARG G 131 -28.65 32.12 -13.73
CA ARG G 131 -27.40 31.36 -13.70
C ARG G 131 -27.15 30.65 -15.02
N PRO G 132 -25.89 30.29 -15.30
CA PRO G 132 -25.63 29.46 -16.47
C PRO G 132 -26.23 28.09 -16.25
N VAL G 133 -26.70 27.47 -17.32
CA VAL G 133 -27.37 26.18 -17.23
C VAL G 133 -26.46 25.07 -16.64
N SER G 134 -25.14 25.20 -16.82
CA SER G 134 -24.16 24.27 -16.25
C SER G 134 -24.03 24.35 -14.72
N TYR G 135 -24.51 25.45 -14.14
CA TYR G 135 -24.56 25.61 -12.69
C TYR G 135 -25.63 24.70 -12.09
N LEU G 136 -26.65 24.42 -12.89
CA LEU G 136 -27.84 23.69 -12.46
C LEU G 136 -27.84 22.22 -12.87
N LYS G 137 -27.32 21.93 -14.06
CA LYS G 137 -27.36 20.56 -14.59
C LYS G 137 -26.83 19.52 -13.61
N GLY G 138 -27.56 18.41 -13.50
CA GLY G 138 -27.25 17.37 -12.54
C GLY G 138 -27.80 17.64 -11.15
N SER G 139 -28.69 18.62 -11.01
CA SER G 139 -29.32 18.91 -9.70
C SER G 139 -30.81 18.53 -9.63
N SER G 140 -31.41 18.03 -10.72
CA SER G 140 -32.79 17.53 -10.67
C SER G 140 -32.92 16.56 -9.51
N GLY G 141 -34.07 16.60 -8.83
CA GLY G 141 -34.32 15.79 -7.64
C GLY G 141 -33.82 16.39 -6.34
N GLY G 142 -33.06 17.47 -6.41
CA GLY G 142 -32.66 18.23 -5.23
C GLY G 142 -33.84 19.03 -4.74
N PRO G 143 -33.81 19.46 -3.48
CA PRO G 143 -34.97 20.05 -2.83
C PRO G 143 -35.18 21.54 -3.10
N LEU G 144 -36.45 21.96 -3.13
CA LEU G 144 -36.81 23.35 -3.01
C LEU G 144 -37.43 23.58 -1.63
N LEU G 145 -36.73 24.36 -0.81
CA LEU G 145 -37.10 24.55 0.59
C LEU G 145 -37.75 25.90 0.83
N CYS G 146 -38.50 26.00 1.92
CA CYS G 146 -39.00 27.28 2.41
C CYS G 146 -38.02 27.83 3.45
N PRO G 147 -38.26 29.05 3.97
CA PRO G 147 -37.32 29.68 4.92
C PRO G 147 -37.12 28.89 6.21
N SER G 148 -38.12 28.09 6.58
CA SER G 148 -38.03 27.20 7.74
C SER G 148 -37.51 25.80 7.39
N GLY G 149 -36.79 25.67 6.28
CA GLY G 149 -36.13 24.41 5.93
C GLY G 149 -37.04 23.21 5.68
N HIS G 150 -38.23 23.46 5.13
CA HIS G 150 -39.23 22.43 4.85
C HIS G 150 -39.44 22.34 3.35
N ALA G 151 -39.75 21.13 2.87
CA ALA G 151 -39.78 20.83 1.42
C ALA G 151 -41.09 21.24 0.72
N VAL G 152 -40.98 22.12 -0.28
CA VAL G 152 -42.13 22.45 -1.12
C VAL G 152 -42.16 21.57 -2.37
N GLY G 153 -40.98 21.19 -2.86
CA GLY G 153 -40.91 20.36 -4.06
C GLY G 153 -39.52 19.84 -4.38
N ILE G 154 -39.37 19.30 -5.57
CA ILE G 154 -38.07 18.82 -6.03
C ILE G 154 -37.80 19.27 -7.46
N PHE G 155 -36.58 19.74 -7.69
CA PHE G 155 -36.17 20.33 -8.95
C PHE G 155 -36.37 19.36 -10.13
N ARG G 156 -37.11 19.80 -11.14
CA ARG G 156 -37.49 18.94 -12.27
C ARG G 156 -36.84 19.39 -13.60
N ALA G 157 -37.12 20.62 -14.00
CA ALA G 157 -36.55 21.19 -15.21
C ALA G 157 -36.34 22.68 -15.03
N ALA G 158 -35.69 23.30 -16.00
CA ALA G 158 -35.46 24.74 -16.00
C ALA G 158 -35.92 25.34 -17.31
N VAL G 159 -36.26 26.63 -17.27
CA VAL G 159 -36.55 27.41 -18.49
C VAL G 159 -35.45 28.48 -18.57
N CYS G 160 -35.12 28.89 -19.80
CA CYS G 160 -33.82 29.52 -20.04
C CYS G 160 -33.67 30.06 -21.46
N THR G 161 -32.52 30.69 -21.73
CA THR G 161 -32.17 31.19 -23.08
C THR G 161 -30.65 31.16 -23.32
N ARG G 162 -30.23 30.51 -24.41
CA ARG G 162 -28.81 30.44 -24.82
C ARG G 162 -27.83 29.87 -23.79
N GLY G 163 -28.34 29.14 -22.80
CA GLY G 163 -27.52 28.58 -21.73
C GLY G 163 -27.50 29.39 -20.45
N VAL G 164 -28.43 30.34 -20.30
CA VAL G 164 -28.63 31.06 -19.04
C VAL G 164 -30.06 30.83 -18.48
N ALA G 165 -30.13 30.05 -17.41
CA ALA G 165 -31.39 29.72 -16.76
C ALA G 165 -32.01 30.94 -16.09
N LYS G 166 -33.33 31.08 -16.26
CA LYS G 166 -34.07 32.22 -15.69
C LYS G 166 -35.21 31.79 -14.75
N ALA G 167 -35.79 30.61 -14.96
CA ALA G 167 -36.77 30.06 -14.02
C ALA G 167 -36.63 28.53 -13.93
N VAL G 168 -37.28 27.92 -12.94
CA VAL G 168 -37.17 26.47 -12.70
C VAL G 168 -38.53 25.82 -12.51
N ASP G 169 -38.71 24.65 -13.12
CA ASP G 169 -39.87 23.82 -12.82
C ASP G 169 -39.56 22.85 -11.70
N PHE G 170 -40.56 22.62 -10.84
CA PHE G 170 -40.44 21.61 -9.79
C PHE G 170 -41.74 20.85 -9.54
N VAL G 171 -41.60 19.59 -9.14
CA VAL G 171 -42.72 18.76 -8.73
C VAL G 171 -43.20 19.27 -7.37
N PRO G 172 -44.49 19.61 -7.25
CA PRO G 172 -45.00 20.08 -5.95
C PRO G 172 -45.21 18.93 -4.96
N VAL G 173 -44.85 19.17 -3.71
CA VAL G 173 -44.94 18.15 -2.64
C VAL G 173 -46.32 17.52 -2.55
N GLU G 174 -47.35 18.28 -2.89
CA GLU G 174 -48.72 17.78 -2.92
C GLU G 174 -48.84 16.57 -3.86
N SER G 175 -48.13 16.62 -4.99
CA SER G 175 -48.17 15.55 -5.98
C SER G 175 -47.46 14.29 -5.50
N MET G 176 -46.43 14.45 -4.67
CA MET G 176 -45.84 13.30 -3.98
C MET G 176 -46.91 12.65 -3.10
N GLU G 177 -47.64 13.47 -2.35
CA GLU G 177 -48.72 12.97 -1.51
C GLU G 177 -49.82 12.32 -2.34
N THR G 178 -50.11 12.89 -3.51
CA THR G 178 -51.14 12.35 -4.43
C THR G 178 -50.75 10.96 -5.00
N THR G 179 -49.49 10.79 -5.38
CA THR G 179 -49.02 9.49 -5.89
C THR G 179 -49.14 8.41 -4.80
N MET G 180 -48.66 8.72 -3.60
CA MET G 180 -48.79 7.82 -2.43
C MET G 180 -50.25 7.44 -2.10
N ARG G 181 -51.20 8.24 -2.58
CA ARG G 181 -52.64 7.96 -2.40
C ARG G 181 -53.09 6.78 -3.26
N ALA G 182 -52.53 6.70 -4.47
CA ALA G 182 -52.81 5.61 -5.39
C ALA G 182 -52.25 4.30 -4.85
N SER G 183 -53.04 3.62 -4.01
CA SER G 183 -52.61 2.39 -3.36
C SER G 183 -52.66 1.20 -4.33
N ALA H 2 5.37 -4.48 -49.22
CA ALA H 2 4.63 -3.27 -48.74
C ALA H 2 5.59 -2.07 -48.63
N PRO H 3 5.17 -0.90 -49.15
CA PRO H 3 5.91 0.35 -48.86
C PRO H 3 5.36 1.06 -47.61
N ILE H 4 4.17 0.65 -47.16
CA ILE H 4 3.52 1.14 -45.96
C ILE H 4 3.91 0.21 -44.80
N THR H 5 4.07 0.77 -43.61
CA THR H 5 4.38 -0.02 -42.42
C THR H 5 3.51 0.36 -41.23
N ALA H 6 3.47 -0.51 -40.22
CA ALA H 6 2.70 -0.25 -39.01
C ALA H 6 3.23 -1.00 -37.78
N TYR H 7 3.04 -0.40 -36.60
CA TYR H 7 3.30 -1.07 -35.33
C TYR H 7 2.08 -0.88 -34.41
N SER H 8 2.00 -1.69 -33.35
CA SER H 8 0.82 -1.72 -32.46
C SER H 8 1.17 -1.26 -31.05
N GLN H 9 0.21 -0.64 -30.38
CA GLN H 9 0.41 -0.16 -29.00
C GLN H 9 -0.85 -0.36 -28.14
N GLN H 10 -0.68 -1.03 -27.01
CA GLN H 10 -1.76 -1.33 -26.09
C GLN H 10 -1.88 -0.23 -25.04
N THR H 11 -3.07 0.35 -24.91
CA THR H 11 -3.30 1.44 -23.97
C THR H 11 -4.10 1.04 -22.72
N ARG H 12 -4.78 -0.12 -22.76
CA ARG H 12 -5.68 -0.54 -21.67
C ARG H 12 -5.66 -2.04 -21.37
N GLY H 13 -5.65 -2.36 -20.07
CA GLY H 13 -5.77 -3.74 -19.61
C GLY H 13 -7.22 -4.21 -19.56
N LEU H 14 -7.42 -5.45 -19.14
CA LEU H 14 -8.73 -6.07 -19.12
C LEU H 14 -9.75 -5.25 -18.30
N LEU H 15 -9.31 -4.81 -17.13
CA LEU H 15 -10.21 -4.20 -16.15
C LEU H 15 -10.52 -2.75 -16.49
N GLY H 16 -9.49 -2.00 -16.87
CA GLY H 16 -9.62 -0.60 -17.22
C GLY H 16 -10.51 -0.37 -18.44
N CYS H 17 -10.65 -1.39 -19.28
CA CYS H 17 -11.61 -1.35 -20.36
C CYS H 17 -13.01 -1.51 -19.76
N ILE H 18 -13.26 -2.67 -19.17
CA ILE H 18 -14.58 -3.00 -18.60
C ILE H 18 -15.22 -1.84 -17.83
N ILE H 19 -14.42 -1.11 -17.07
CA ILE H 19 -14.90 0.07 -16.33
C ILE H 19 -15.31 1.19 -17.30
N THR H 20 -14.47 1.46 -18.29
CA THR H 20 -14.74 2.51 -19.26
C THR H 20 -15.96 2.19 -20.11
N SER H 21 -16.18 0.89 -20.35
CA SER H 21 -17.33 0.41 -21.12
C SER H 21 -18.67 0.74 -20.48
N LEU H 22 -18.73 0.63 -19.15
CA LEU H 22 -19.96 0.91 -18.42
C LEU H 22 -20.19 2.41 -18.30
N THR H 23 -19.13 3.16 -18.02
CA THR H 23 -19.23 4.60 -17.76
C THR H 23 -19.50 5.40 -19.02
N GLY H 24 -18.77 5.07 -20.09
CA GLY H 24 -18.77 5.86 -21.33
C GLY H 24 -17.69 6.92 -21.37
N ARG H 25 -17.00 7.13 -20.24
CA ARG H 25 -15.97 8.17 -20.12
C ARG H 25 -14.55 7.61 -20.33
N ASP H 26 -13.99 7.88 -21.52
CA ASP H 26 -12.64 7.48 -21.88
C ASP H 26 -11.79 8.73 -21.95
N ARG H 27 -10.86 8.90 -21.02
CA ARG H 27 -10.05 10.11 -20.96
C ARG H 27 -8.60 9.90 -21.38
N ASN H 28 -8.28 8.71 -21.87
CA ASN H 28 -6.94 8.47 -22.44
C ASN H 28 -6.73 9.34 -23.68
N GLN H 29 -5.47 9.62 -24.00
CA GLN H 29 -5.14 10.42 -25.18
C GLN H 29 -5.24 9.52 -26.41
N VAL H 30 -5.96 10.00 -27.42
CA VAL H 30 -6.23 9.24 -28.63
C VAL H 30 -5.22 9.63 -29.72
N GLU H 31 -4.76 8.64 -30.48
CA GLU H 31 -3.69 8.83 -31.47
C GLU H 31 -3.82 7.83 -32.62
N GLY H 32 -3.16 8.13 -33.72
CA GLY H 32 -3.07 7.19 -34.84
C GLY H 32 -4.31 7.18 -35.72
N GLU H 33 -4.27 6.32 -36.74
CA GLU H 33 -5.34 6.23 -37.74
C GLU H 33 -6.23 5.00 -37.52
N VAL H 34 -5.65 3.94 -36.96
CA VAL H 34 -6.40 2.72 -36.67
C VAL H 34 -6.39 2.49 -35.16
N GLN H 35 -7.57 2.48 -34.55
CA GLN H 35 -7.69 2.22 -33.12
C GLN H 35 -8.10 0.78 -32.91
N VAL H 36 -7.36 0.06 -32.08
CA VAL H 36 -7.79 -1.25 -31.63
C VAL H 36 -8.87 -1.01 -30.60
N VAL H 37 -9.97 -1.76 -30.75
CA VAL H 37 -11.24 -1.45 -30.12
C VAL H 37 -11.81 -2.70 -29.46
N SER H 38 -12.49 -2.53 -28.33
CA SER H 38 -13.07 -3.67 -27.62
C SER H 38 -14.38 -3.39 -26.89
N THR H 39 -15.25 -4.40 -26.91
CA THR H 39 -16.33 -4.55 -25.95
C THR H 39 -15.85 -5.57 -24.92
N ALA H 40 -16.69 -5.90 -23.96
CA ALA H 40 -16.35 -6.91 -22.95
C ALA H 40 -16.03 -8.26 -23.60
N THR H 41 -16.91 -8.74 -24.48
CA THR H 41 -16.80 -10.11 -25.03
C THR H 41 -15.87 -10.27 -26.23
N GLN H 42 -15.47 -9.18 -26.86
CA GLN H 42 -14.67 -9.28 -28.08
C GLN H 42 -13.90 -8.00 -28.41
N SER H 43 -13.03 -8.08 -29.40
CA SER H 43 -12.17 -6.96 -29.76
C SER H 43 -11.73 -6.96 -31.23
N PHE H 44 -11.83 -5.79 -31.85
CA PHE H 44 -11.62 -5.63 -33.29
C PHE H 44 -11.01 -4.24 -33.56
N LEU H 45 -10.87 -3.89 -34.84
CA LEU H 45 -10.30 -2.59 -35.22
C LEU H 45 -11.37 -1.56 -35.59
N ALA H 46 -10.94 -0.30 -35.56
CA ALA H 46 -11.75 0.83 -36.00
C ALA H 46 -10.87 1.78 -36.79
N THR H 47 -11.33 2.16 -37.98
CA THR H 47 -10.55 3.00 -38.89
C THR H 47 -11.13 4.42 -38.93
N CYS H 48 -10.27 5.42 -39.08
CA CYS H 48 -10.69 6.82 -39.12
C CYS H 48 -10.61 7.41 -40.51
N VAL H 49 -11.74 7.91 -41.02
CA VAL H 49 -11.83 8.54 -42.34
C VAL H 49 -12.75 9.75 -42.30
N ASN H 50 -12.27 10.86 -42.88
CA ASN H 50 -13.03 12.13 -42.93
C ASN H 50 -13.62 12.50 -41.56
N GLY H 51 -12.78 12.46 -40.54
CA GLY H 51 -13.17 12.78 -39.16
C GLY H 51 -14.18 11.83 -38.54
N VAL H 52 -14.24 10.59 -39.02
CA VAL H 52 -15.22 9.61 -38.54
C VAL H 52 -14.54 8.28 -38.18
N CYS H 53 -14.95 7.68 -37.06
CA CYS H 53 -14.56 6.32 -36.70
C CYS H 53 -15.50 5.36 -37.37
N TRP H 54 -14.99 4.61 -38.33
CA TRP H 54 -15.76 3.54 -38.92
C TRP H 54 -15.25 2.23 -38.35
N THR H 55 -16.19 1.32 -38.08
CA THR H 55 -15.90 -0.05 -37.70
C THR H 55 -17.07 -0.87 -38.18
N VAL H 56 -17.09 -2.15 -37.83
CA VAL H 56 -18.13 -3.06 -38.29
C VAL H 56 -19.30 -3.15 -37.31
N TYR H 57 -20.49 -3.38 -37.85
CA TYR H 57 -21.68 -3.60 -37.01
C TYR H 57 -21.54 -4.88 -36.21
N HIS H 58 -20.98 -5.92 -36.82
CA HIS H 58 -21.02 -7.26 -36.23
C HIS H 58 -20.17 -7.40 -34.97
N GLY H 59 -19.47 -6.32 -34.63
CA GLY H 59 -18.75 -6.24 -33.38
C GLY H 59 -19.34 -5.19 -32.47
N ALA H 60 -19.43 -3.96 -32.96
CA ALA H 60 -19.86 -2.83 -32.13
C ALA H 60 -21.34 -2.81 -31.84
N GLY H 61 -22.15 -3.38 -32.73
CA GLY H 61 -23.60 -3.29 -32.61
C GLY H 61 -24.03 -1.83 -32.70
N SER H 62 -25.08 -1.47 -31.97
CA SER H 62 -25.56 -0.10 -31.92
C SER H 62 -24.88 0.67 -30.79
N LYS H 63 -23.84 0.09 -30.21
CA LYS H 63 -23.23 0.63 -29.01
C LYS H 63 -22.63 2.01 -29.26
N THR H 64 -22.73 2.85 -28.24
CA THR H 64 -22.04 4.13 -28.23
C THR H 64 -20.54 3.84 -28.11
N LEU H 65 -19.74 4.87 -28.35
CA LEU H 65 -18.31 4.77 -28.12
C LEU H 65 -18.05 5.45 -26.79
N ALA H 66 -16.95 5.10 -26.14
CA ALA H 66 -16.53 5.78 -24.91
C ALA H 66 -15.64 6.97 -25.27
N GLY H 67 -16.06 8.17 -24.89
CA GLY H 67 -15.34 9.40 -25.24
C GLY H 67 -14.99 10.26 -24.04
N PRO H 68 -14.17 11.32 -24.25
CA PRO H 68 -13.62 12.16 -23.17
C PRO H 68 -14.67 12.90 -22.34
N LYS H 69 -15.74 13.36 -22.99
CA LYS H 69 -16.82 14.08 -22.31
C LYS H 69 -18.07 13.21 -22.07
N GLY H 70 -17.94 11.91 -22.28
CA GLY H 70 -19.07 10.97 -22.16
C GLY H 70 -19.11 10.00 -23.33
N PRO H 71 -20.13 9.12 -23.37
CA PRO H 71 -20.27 8.18 -24.47
C PRO H 71 -20.79 8.87 -25.74
N ILE H 72 -20.33 8.41 -26.90
CA ILE H 72 -20.64 9.06 -28.17
C ILE H 72 -21.67 8.24 -28.93
N THR H 73 -22.73 8.90 -29.38
CA THR H 73 -23.77 8.27 -30.22
C THR H 73 -23.23 7.96 -31.60
N GLN H 74 -23.61 6.81 -32.15
CA GLN H 74 -23.30 6.50 -33.55
C GLN H 74 -24.03 7.48 -34.45
N MET H 75 -23.29 8.28 -35.21
CA MET H 75 -23.91 9.17 -36.19
C MET H 75 -24.45 8.36 -37.36
N TYR H 76 -23.71 7.32 -37.74
CA TYR H 76 -24.03 6.53 -38.91
C TYR H 76 -24.16 5.06 -38.56
N THR H 77 -25.21 4.43 -39.08
CA THR H 77 -25.49 3.03 -38.78
C THR H 77 -26.21 2.37 -39.96
N ASN H 78 -25.43 1.87 -40.91
CA ASN H 78 -25.96 1.17 -42.07
C ASN H 78 -25.82 -0.34 -41.87
N VAL H 79 -26.84 -0.92 -41.27
CA VAL H 79 -26.84 -2.34 -40.95
C VAL H 79 -26.66 -3.18 -42.22
N ASP H 80 -27.30 -2.77 -43.32
CA ASP H 80 -27.23 -3.50 -44.61
C ASP H 80 -25.80 -3.83 -45.03
N GLN H 81 -24.87 -2.91 -44.76
CA GLN H 81 -23.47 -3.07 -45.16
C GLN H 81 -22.54 -3.34 -43.98
N ASP H 82 -23.11 -3.77 -42.85
CA ASP H 82 -22.35 -4.08 -41.64
C ASP H 82 -21.46 -2.90 -41.21
N LEU H 83 -22.01 -1.68 -41.30
CA LEU H 83 -21.23 -0.48 -41.04
C LEU H 83 -21.86 0.41 -39.97
N VAL H 84 -21.04 0.86 -39.03
CA VAL H 84 -21.43 1.89 -38.08
C VAL H 84 -20.39 3.02 -38.12
N GLY H 85 -20.65 4.09 -37.38
CA GLY H 85 -19.72 5.21 -37.33
C GLY H 85 -19.99 6.22 -36.22
N TRP H 86 -18.92 6.60 -35.52
CA TRP H 86 -18.96 7.68 -34.53
C TRP H 86 -18.10 8.86 -35.00
N GLN H 87 -18.30 10.01 -34.38
CA GLN H 87 -17.40 11.14 -34.58
C GLN H 87 -16.05 10.84 -33.93
N ALA H 88 -14.99 11.26 -34.60
CA ALA H 88 -13.63 10.92 -34.19
C ALA H 88 -13.29 11.58 -32.85
N PRO H 89 -12.88 10.78 -31.85
CA PRO H 89 -12.42 11.38 -30.60
C PRO H 89 -11.19 12.25 -30.83
N PRO H 90 -11.13 13.44 -30.20
CA PRO H 90 -10.00 14.33 -30.43
C PRO H 90 -8.65 13.66 -30.23
N GLY H 91 -7.68 14.04 -31.06
CA GLY H 91 -6.36 13.41 -31.07
C GLY H 91 -6.21 12.41 -32.19
N ALA H 92 -7.30 11.73 -32.54
CA ALA H 92 -7.30 10.76 -33.62
C ALA H 92 -6.91 11.40 -34.94
N ARG H 93 -6.01 10.73 -35.68
CA ARG H 93 -5.65 11.12 -37.04
C ARG H 93 -6.58 10.46 -38.05
N SER H 94 -7.21 11.25 -38.90
CA SER H 94 -8.07 10.74 -39.95
C SER H 94 -7.31 10.48 -41.26
N LEU H 95 -7.55 9.32 -41.86
CA LEU H 95 -7.05 9.02 -43.21
C LEU H 95 -7.92 9.74 -44.23
N THR H 96 -7.48 9.74 -45.48
CA THR H 96 -8.27 10.30 -46.59
C THR H 96 -8.52 9.23 -47.66
N PRO H 97 -9.72 9.23 -48.27
CA PRO H 97 -10.07 8.19 -49.25
C PRO H 97 -9.21 8.20 -50.52
N CYS H 98 -9.15 7.06 -51.21
CA CYS H 98 -8.32 6.90 -52.40
C CYS H 98 -9.10 7.20 -53.68
N THR H 99 -8.58 8.14 -54.48
CA THR H 99 -9.19 8.52 -55.76
C THR H 99 -8.61 7.75 -56.95
N CYS H 100 -7.29 7.69 -57.02
CA CYS H 100 -6.56 7.15 -58.19
C CYS H 100 -7.16 5.89 -58.80
N GLY H 101 -7.68 4.99 -57.95
CA GLY H 101 -8.31 3.75 -58.41
C GLY H 101 -7.33 2.61 -58.55
N SER H 102 -6.45 2.46 -57.57
CA SER H 102 -5.43 1.40 -57.58
C SER H 102 -6.07 0.03 -57.31
N SER H 103 -5.41 -1.02 -57.79
CA SER H 103 -5.79 -2.39 -57.44
C SER H 103 -4.88 -2.98 -56.37
N ASP H 104 -3.62 -2.60 -56.38
CA ASP H 104 -2.67 -3.06 -55.35
C ASP H 104 -3.05 -2.47 -54.00
N LEU H 105 -3.80 -3.22 -53.19
CA LEU H 105 -4.21 -2.77 -51.86
C LEU H 105 -3.42 -3.47 -50.77
N TYR H 106 -3.49 -2.92 -49.56
CA TYR H 106 -2.78 -3.47 -48.42
C TYR H 106 -3.67 -3.46 -47.18
N LEU H 107 -4.14 -4.64 -46.79
CA LEU H 107 -4.85 -4.81 -45.54
C LEU H 107 -3.88 -4.73 -44.37
N VAL H 108 -4.23 -3.91 -43.39
CA VAL H 108 -3.49 -3.84 -42.13
C VAL H 108 -4.24 -4.68 -41.11
N THR H 109 -3.52 -5.60 -40.46
CA THR H 109 -4.17 -6.54 -39.55
C THR H 109 -4.07 -6.07 -38.12
N ARG H 110 -4.83 -6.74 -37.27
CA ARG H 110 -4.82 -6.52 -35.83
C ARG H 110 -3.41 -6.51 -35.25
N HIS H 111 -2.53 -7.37 -35.76
CA HIS H 111 -1.18 -7.51 -35.21
C HIS H 111 -0.12 -6.71 -35.99
N ALA H 112 -0.51 -5.55 -36.49
CA ALA H 112 0.38 -4.62 -37.21
C ALA H 112 1.11 -5.22 -38.42
N ASP H 113 0.45 -6.14 -39.12
CA ASP H 113 0.99 -6.74 -40.35
C ASP H 113 0.25 -6.21 -41.57
N VAL H 114 1.02 -5.83 -42.60
CA VAL H 114 0.47 -5.29 -43.84
C VAL H 114 0.49 -6.40 -44.90
N ILE H 115 -0.67 -6.87 -45.31
CA ILE H 115 -0.75 -8.03 -46.21
C ILE H 115 -1.35 -7.68 -47.58
N PRO H 116 -0.60 -7.96 -48.67
CA PRO H 116 -0.99 -7.52 -50.01
C PRO H 116 -2.26 -8.19 -50.52
N VAL H 117 -3.18 -7.36 -51.02
CA VAL H 117 -4.47 -7.83 -51.52
C VAL H 117 -4.69 -7.30 -52.93
N ARG H 118 -5.28 -8.13 -53.80
CA ARG H 118 -5.54 -7.76 -55.18
C ARG H 118 -7.01 -7.41 -55.38
N ARG H 119 -7.29 -6.14 -55.65
CA ARG H 119 -8.65 -5.68 -55.93
C ARG H 119 -9.31 -6.53 -57.00
N ARG H 120 -10.59 -6.85 -56.80
CA ARG H 120 -11.35 -7.67 -57.73
C ARG H 120 -12.67 -7.02 -58.16
N GLY H 121 -13.49 -6.64 -57.18
CA GLY H 121 -14.74 -5.94 -57.46
C GLY H 121 -14.79 -4.62 -56.71
N ASP H 122 -15.98 -4.21 -56.29
CA ASP H 122 -16.17 -2.98 -55.52
C ASP H 122 -15.85 -3.21 -54.04
N SER H 123 -16.21 -4.40 -53.57
CA SER H 123 -16.05 -4.78 -52.17
C SER H 123 -15.29 -6.11 -52.05
N ARG H 124 -14.52 -6.48 -53.08
CA ARG H 124 -13.85 -7.76 -53.12
C ARG H 124 -12.37 -7.61 -53.42
N GLY H 125 -11.56 -8.47 -52.78
CA GLY H 125 -10.12 -8.51 -53.01
C GLY H 125 -9.55 -9.86 -52.64
N SER H 126 -8.66 -10.38 -53.48
CA SER H 126 -8.03 -11.69 -53.25
C SER H 126 -6.64 -11.56 -52.63
N LEU H 127 -6.38 -12.40 -51.63
CA LEU H 127 -5.05 -12.49 -51.02
C LEU H 127 -4.09 -13.11 -52.02
N LEU H 128 -2.90 -12.52 -52.14
CA LEU H 128 -1.87 -13.07 -53.01
C LEU H 128 -1.28 -14.33 -52.37
N SER H 129 -0.92 -14.23 -51.10
CA SER H 129 -0.56 -15.39 -50.29
C SER H 129 -1.71 -15.68 -49.35
N PRO H 130 -2.34 -16.86 -49.48
CA PRO H 130 -3.34 -17.27 -48.49
C PRO H 130 -2.78 -17.36 -47.06
N ARG H 131 -3.62 -17.06 -46.06
CA ARG H 131 -3.23 -17.12 -44.66
C ARG H 131 -4.17 -18.02 -43.88
N PRO H 132 -3.79 -18.39 -42.64
CA PRO H 132 -4.77 -18.99 -41.75
C PRO H 132 -5.91 -18.02 -41.46
N VAL H 133 -7.10 -18.54 -41.17
CA VAL H 133 -8.22 -17.71 -40.79
C VAL H 133 -7.94 -17.02 -39.45
N SER H 134 -7.18 -17.70 -38.59
CA SER H 134 -6.77 -17.15 -37.29
C SER H 134 -5.87 -15.91 -37.42
N TYR H 135 -5.14 -15.80 -38.54
CA TYR H 135 -4.28 -14.65 -38.83
C TYR H 135 -5.09 -13.37 -39.12
N LEU H 136 -6.33 -13.53 -39.57
CA LEU H 136 -7.20 -12.40 -39.93
C LEU H 136 -8.28 -12.07 -38.88
N LYS H 137 -8.72 -13.08 -38.13
CA LYS H 137 -9.73 -12.90 -37.10
C LYS H 137 -9.33 -11.79 -36.12
N GLY H 138 -10.26 -10.86 -35.88
CA GLY H 138 -10.00 -9.71 -35.03
C GLY H 138 -9.69 -8.43 -35.79
N SER H 139 -9.55 -8.52 -37.11
CA SER H 139 -9.11 -7.38 -37.92
C SER H 139 -10.25 -6.61 -38.61
N SER H 140 -11.49 -7.09 -38.44
CA SER H 140 -12.66 -6.43 -39.04
C SER H 140 -12.75 -4.95 -38.65
N GLY H 141 -12.97 -4.09 -39.64
CA GLY H 141 -12.97 -2.63 -39.45
C GLY H 141 -11.58 -2.04 -39.63
N GLY H 142 -10.62 -2.88 -40.03
CA GLY H 142 -9.27 -2.41 -40.30
C GLY H 142 -9.19 -1.88 -41.71
N PRO H 143 -8.16 -1.08 -42.01
CA PRO H 143 -8.07 -0.43 -43.30
C PRO H 143 -7.54 -1.33 -44.41
N LEU H 144 -8.11 -1.16 -45.60
CA LEU H 144 -7.44 -1.51 -46.83
C LEU H 144 -6.82 -0.22 -47.36
N LEU H 145 -5.52 -0.21 -47.55
CA LEU H 145 -4.84 0.98 -48.07
C LEU H 145 -4.44 0.78 -49.52
N CYS H 146 -4.49 1.87 -50.29
CA CYS H 146 -3.88 1.89 -51.62
C CYS H 146 -2.37 2.04 -51.41
N PRO H 147 -1.57 1.86 -52.47
CA PRO H 147 -0.13 1.94 -52.26
C PRO H 147 0.35 3.27 -51.68
N SER H 148 -0.40 4.35 -51.90
CA SER H 148 -0.06 5.66 -51.38
C SER H 148 -0.47 5.90 -49.93
N GLY H 149 -1.03 4.87 -49.27
CA GLY H 149 -1.40 4.97 -47.85
C GLY H 149 -2.77 5.58 -47.62
N HIS H 150 -3.59 5.65 -48.66
CA HIS H 150 -4.96 6.18 -48.57
C HIS H 150 -5.95 5.04 -48.49
N ALA H 151 -7.11 5.31 -47.89
CA ALA H 151 -8.06 4.27 -47.52
C ALA H 151 -9.05 4.00 -48.64
N VAL H 152 -9.19 2.73 -49.03
CA VAL H 152 -10.20 2.31 -50.02
C VAL H 152 -11.38 1.63 -49.35
N GLY H 153 -11.27 1.35 -48.05
CA GLY H 153 -12.34 0.68 -47.30
C GLY H 153 -11.90 0.06 -46.01
N ILE H 154 -12.80 -0.72 -45.41
CA ILE H 154 -12.51 -1.41 -44.14
C ILE H 154 -12.86 -2.90 -44.22
N PHE H 155 -12.01 -3.71 -43.59
CA PHE H 155 -12.18 -5.18 -43.54
C PHE H 155 -13.50 -5.60 -42.88
N ARG H 156 -14.29 -6.38 -43.62
CA ARG H 156 -15.62 -6.79 -43.18
C ARG H 156 -15.66 -8.30 -42.92
N ALA H 157 -15.36 -9.10 -43.95
CA ALA H 157 -15.42 -10.57 -43.85
C ALA H 157 -14.36 -11.26 -44.70
N ALA H 158 -14.33 -12.58 -44.69
CA ALA H 158 -13.41 -13.34 -45.52
C ALA H 158 -14.15 -14.47 -46.22
N VAL H 159 -13.58 -14.92 -47.33
CA VAL H 159 -14.08 -16.11 -48.04
C VAL H 159 -12.92 -17.10 -48.09
N CYS H 160 -13.16 -18.33 -47.62
CA CYS H 160 -12.08 -19.28 -47.31
C CYS H 160 -12.50 -20.75 -47.39
N THR H 161 -11.58 -21.65 -47.03
CA THR H 161 -11.86 -23.09 -46.99
C THR H 161 -10.96 -23.80 -45.97
N ARG H 162 -11.57 -24.44 -44.96
CA ARG H 162 -10.83 -25.18 -43.93
C ARG H 162 -9.81 -24.33 -43.17
N GLY H 163 -10.23 -23.14 -42.74
CA GLY H 163 -9.41 -22.27 -41.90
C GLY H 163 -8.25 -21.55 -42.59
N VAL H 164 -8.28 -21.48 -43.92
CA VAL H 164 -7.26 -20.74 -44.68
C VAL H 164 -7.93 -19.74 -45.63
N ALA H 165 -7.68 -18.46 -45.39
CA ALA H 165 -8.33 -17.37 -46.12
C ALA H 165 -7.82 -17.24 -47.56
N LYS H 166 -8.75 -17.13 -48.50
CA LYS H 166 -8.41 -17.00 -49.91
C LYS H 166 -8.84 -15.66 -50.55
N ALA H 167 -9.75 -14.94 -49.89
CA ALA H 167 -10.12 -13.59 -50.32
C ALA H 167 -10.94 -12.85 -49.25
N VAL H 168 -10.97 -11.52 -49.37
CA VAL H 168 -11.57 -10.68 -48.34
C VAL H 168 -12.68 -9.81 -48.91
N ASP H 169 -13.74 -9.65 -48.12
CA ASP H 169 -14.80 -8.70 -48.37
C ASP H 169 -14.49 -7.45 -47.57
N PHE H 170 -14.71 -6.27 -48.14
CA PHE H 170 -14.59 -5.02 -47.40
C PHE H 170 -15.76 -4.09 -47.71
N VAL H 171 -15.95 -3.07 -46.88
CA VAL H 171 -16.93 -2.02 -47.18
C VAL H 171 -16.17 -1.00 -47.99
N PRO H 172 -16.62 -0.69 -49.21
CA PRO H 172 -15.95 0.36 -49.98
C PRO H 172 -16.14 1.75 -49.36
N VAL H 173 -15.07 2.54 -49.32
CA VAL H 173 -15.08 3.92 -48.80
C VAL H 173 -16.19 4.79 -49.43
N GLU H 174 -16.67 4.37 -50.60
CA GLU H 174 -17.78 5.03 -51.27
C GLU H 174 -19.08 4.86 -50.47
N SER H 175 -19.30 3.67 -49.91
CA SER H 175 -20.47 3.39 -49.05
C SER H 175 -20.45 4.24 -47.78
N MET H 176 -19.24 4.58 -47.32
CA MET H 176 -19.06 5.46 -46.17
C MET H 176 -19.56 6.86 -46.51
N GLU H 177 -19.19 7.35 -47.69
CA GLU H 177 -19.67 8.66 -48.15
C GLU H 177 -21.15 8.62 -48.55
N THR H 178 -21.64 7.46 -48.99
CA THR H 178 -23.08 7.27 -49.26
C THR H 178 -23.89 7.40 -47.97
N THR H 179 -23.45 6.72 -46.92
CA THR H 179 -24.11 6.77 -45.61
C THR H 179 -23.99 8.17 -44.98
N MET H 180 -22.89 8.86 -45.26
CA MET H 180 -22.71 10.25 -44.79
C MET H 180 -23.72 11.21 -45.44
N ARG H 181 -24.04 10.96 -46.71
CA ARG H 181 -24.98 11.82 -47.45
C ARG H 181 -26.43 11.65 -46.99
N ALA H 182 -26.80 10.46 -46.52
CA ALA H 182 -28.12 10.24 -45.93
C ALA H 182 -28.16 10.95 -44.58
N SER H 183 -28.58 12.22 -44.59
CA SER H 183 -28.46 13.10 -43.43
C SER H 183 -29.47 12.78 -42.32
N ALA I 2 -25.29 -38.62 8.10
CA ALA I 2 -24.55 -38.39 6.82
C ALA I 2 -23.24 -39.19 6.76
N PRO I 3 -23.27 -40.37 6.08
CA PRO I 3 -22.01 -41.08 5.84
C PRO I 3 -21.15 -40.39 4.77
N ILE I 4 -21.77 -39.48 4.01
CA ILE I 4 -21.07 -38.61 3.07
C ILE I 4 -20.67 -37.32 3.79
N THR I 5 -19.51 -36.76 3.44
CA THR I 5 -19.04 -35.51 4.04
C THR I 5 -18.58 -34.54 2.95
N ALA I 6 -18.67 -33.25 3.24
CA ALA I 6 -18.28 -32.23 2.27
C ALA I 6 -17.63 -31.01 2.91
N TYR I 7 -16.78 -30.34 2.15
CA TYR I 7 -16.21 -29.05 2.54
C TYR I 7 -16.15 -28.14 1.32
N SER I 8 -16.41 -26.84 1.52
CA SER I 8 -16.45 -25.87 0.40
C SER I 8 -15.20 -24.99 0.33
N GLN I 9 -14.89 -24.52 -0.87
CA GLN I 9 -13.83 -23.55 -1.11
C GLN I 9 -14.38 -22.38 -1.94
N GLN I 10 -13.76 -21.22 -1.80
CA GLN I 10 -14.14 -20.03 -2.58
C GLN I 10 -13.03 -19.73 -3.57
N THR I 11 -13.37 -19.69 -4.87
CA THR I 11 -12.39 -19.46 -5.94
C THR I 11 -12.42 -18.04 -6.50
N ARG I 12 -13.53 -17.33 -6.33
CA ARG I 12 -13.66 -15.94 -6.78
C ARG I 12 -14.35 -15.05 -5.74
N GLY I 13 -13.83 -13.83 -5.59
CA GLY I 13 -14.51 -12.80 -4.82
C GLY I 13 -15.44 -12.03 -5.74
N LEU I 14 -15.99 -10.93 -5.24
CA LEU I 14 -17.02 -10.17 -5.95
C LEU I 14 -16.57 -9.64 -7.31
N LEU I 15 -15.39 -9.04 -7.35
CA LEU I 15 -14.95 -8.24 -8.51
C LEU I 15 -14.58 -9.08 -9.74
N GLY I 16 -13.67 -10.03 -9.57
CA GLY I 16 -13.31 -10.94 -10.67
C GLY I 16 -14.52 -11.71 -11.15
N CYS I 17 -15.39 -12.06 -10.21
CA CYS I 17 -16.66 -12.68 -10.54
C CYS I 17 -17.41 -11.85 -11.58
N ILE I 18 -17.64 -10.58 -11.26
CA ILE I 18 -18.36 -9.68 -12.17
C ILE I 18 -17.66 -9.48 -13.51
N ILE I 19 -16.33 -9.49 -13.50
CA ILE I 19 -15.56 -9.42 -14.75
C ILE I 19 -15.87 -10.65 -15.60
N THR I 20 -15.66 -11.82 -15.03
CA THR I 20 -15.93 -13.08 -15.74
C THR I 20 -17.35 -13.12 -16.28
N SER I 21 -18.31 -12.56 -15.54
CA SER I 21 -19.69 -12.46 -15.98
C SER I 21 -19.81 -11.79 -17.35
N LEU I 22 -19.26 -10.60 -17.47
CA LEU I 22 -19.38 -9.80 -18.69
C LEU I 22 -18.63 -10.45 -19.84
N THR I 23 -17.39 -10.85 -19.59
CA THR I 23 -16.54 -11.46 -20.61
C THR I 23 -17.02 -12.85 -21.01
N GLY I 24 -17.27 -13.70 -20.02
CA GLY I 24 -17.67 -15.08 -20.27
C GLY I 24 -16.48 -16.01 -20.35
N ARG I 25 -15.29 -15.48 -20.08
CA ARG I 25 -14.04 -16.25 -20.19
C ARG I 25 -13.50 -16.63 -18.80
N ASP I 26 -13.69 -17.89 -18.42
CA ASP I 26 -13.29 -18.41 -17.11
C ASP I 26 -12.17 -19.43 -17.24
N ARG I 27 -10.94 -19.00 -16.94
CA ARG I 27 -9.76 -19.85 -17.07
C ARG I 27 -9.28 -20.48 -15.76
N ASN I 28 -10.04 -20.31 -14.67
CA ASN I 28 -9.75 -21.00 -13.41
C ASN I 28 -9.95 -22.50 -13.55
N GLN I 29 -9.14 -23.27 -12.83
CA GLN I 29 -9.22 -24.72 -12.93
C GLN I 29 -10.49 -25.18 -12.26
N VAL I 30 -11.29 -25.96 -13.00
CA VAL I 30 -12.55 -26.50 -12.49
C VAL I 30 -12.28 -27.82 -11.78
N GLU I 31 -13.01 -28.05 -10.68
CA GLU I 31 -12.84 -29.25 -9.86
C GLU I 31 -14.09 -29.61 -9.06
N GLY I 32 -14.30 -30.89 -8.83
CA GLY I 32 -15.34 -31.38 -7.92
C GLY I 32 -16.62 -31.75 -8.61
N GLU I 33 -17.64 -32.06 -7.80
CA GLU I 33 -18.96 -32.44 -8.30
C GLU I 33 -20.01 -31.34 -8.15
N VAL I 34 -19.84 -30.46 -7.15
CA VAL I 34 -20.80 -29.39 -6.89
C VAL I 34 -20.11 -28.01 -6.94
N GLN I 35 -20.47 -27.22 -7.95
CA GLN I 35 -19.95 -25.87 -8.10
C GLN I 35 -20.88 -24.88 -7.39
N VAL I 36 -20.30 -23.94 -6.66
CA VAL I 36 -21.04 -22.75 -6.24
C VAL I 36 -21.01 -21.77 -7.41
N VAL I 37 -22.16 -21.16 -7.65
CA VAL I 37 -22.40 -20.44 -8.88
C VAL I 37 -23.04 -19.10 -8.58
N SER I 38 -22.86 -18.13 -9.47
CA SER I 38 -23.49 -16.84 -9.29
C SER I 38 -23.70 -16.06 -10.57
N THR I 39 -24.62 -15.10 -10.49
CA THR I 39 -24.74 -14.02 -11.44
C THR I 39 -24.45 -12.74 -10.66
N ALA I 40 -24.58 -11.58 -11.30
CA ALA I 40 -24.34 -10.32 -10.60
C ALA I 40 -25.34 -10.12 -9.46
N THR I 41 -26.57 -10.59 -9.66
CA THR I 41 -27.64 -10.38 -8.70
C THR I 41 -27.61 -11.44 -7.61
N GLN I 42 -27.58 -12.70 -8.01
CA GLN I 42 -27.85 -13.82 -7.08
C GLN I 42 -26.90 -15.01 -7.19
N SER I 43 -26.93 -15.86 -6.16
CA SER I 43 -26.07 -17.04 -6.09
C SER I 43 -26.81 -18.32 -5.67
N PHE I 44 -26.29 -19.46 -6.11
CA PHE I 44 -26.94 -20.77 -6.00
C PHE I 44 -25.95 -21.84 -6.42
N LEU I 45 -26.36 -23.11 -6.40
CA LEU I 45 -25.45 -24.22 -6.68
C LEU I 45 -25.73 -24.91 -8.00
N ALA I 46 -24.69 -25.55 -8.55
CA ALA I 46 -24.80 -26.35 -9.78
C ALA I 46 -24.24 -27.77 -9.55
N THR I 47 -24.92 -28.77 -10.13
CA THR I 47 -24.53 -30.18 -9.95
C THR I 47 -24.12 -30.82 -11.28
N CYS I 48 -22.96 -31.48 -11.29
CA CYS I 48 -22.48 -32.23 -12.46
C CYS I 48 -22.89 -33.69 -12.41
N VAL I 49 -23.69 -34.10 -13.39
CA VAL I 49 -24.07 -35.50 -13.58
C VAL I 49 -23.94 -35.81 -15.08
N ASN I 50 -23.39 -36.98 -15.40
CA ASN I 50 -23.25 -37.46 -16.78
C ASN I 50 -22.55 -36.49 -17.74
N GLY I 51 -21.56 -35.76 -17.23
CA GLY I 51 -20.79 -34.80 -18.04
C GLY I 51 -21.55 -33.53 -18.36
N VAL I 52 -22.47 -33.15 -17.49
CA VAL I 52 -23.34 -31.99 -17.71
C VAL I 52 -23.62 -31.29 -16.37
N CYS I 53 -23.37 -29.99 -16.31
CA CYS I 53 -23.70 -29.19 -15.13
C CYS I 53 -25.17 -28.83 -15.13
N TRP I 54 -25.89 -29.29 -14.10
CA TRP I 54 -27.31 -29.03 -14.00
C TRP I 54 -27.60 -28.01 -12.93
N THR I 55 -28.48 -27.06 -13.25
CA THR I 55 -28.92 -26.06 -12.27
C THR I 55 -30.36 -25.64 -12.52
N VAL I 56 -30.88 -24.83 -11.60
CA VAL I 56 -32.24 -24.32 -11.72
C VAL I 56 -32.32 -23.19 -12.73
N TYR I 57 -33.46 -23.11 -13.41
CA TYR I 57 -33.73 -22.05 -14.37
C TYR I 57 -34.07 -20.73 -13.67
N HIS I 58 -34.67 -20.81 -12.48
CA HIS I 58 -35.10 -19.62 -11.75
C HIS I 58 -33.95 -18.88 -11.11
N GLY I 59 -32.74 -19.42 -11.28
CA GLY I 59 -31.52 -18.72 -10.89
C GLY I 59 -30.68 -18.32 -12.10
N ALA I 60 -30.57 -19.25 -13.05
CA ALA I 60 -29.68 -19.09 -14.20
C ALA I 60 -30.37 -18.46 -15.42
N GLY I 61 -31.67 -18.68 -15.57
CA GLY I 61 -32.39 -18.25 -16.76
C GLY I 61 -31.87 -18.98 -18.00
N SER I 62 -31.79 -18.27 -19.11
CA SER I 62 -31.18 -18.82 -20.31
C SER I 62 -29.78 -18.23 -20.54
N LYS I 63 -29.07 -17.94 -19.45
CA LYS I 63 -27.71 -17.36 -19.53
C LYS I 63 -26.71 -18.41 -19.98
N THR I 64 -25.56 -17.94 -20.47
CA THR I 64 -24.43 -18.82 -20.77
C THR I 64 -23.61 -19.07 -19.50
N LEU I 65 -22.79 -20.12 -19.51
CA LEU I 65 -21.82 -20.35 -18.43
C LEU I 65 -20.43 -19.92 -18.88
N ALA I 66 -19.73 -19.18 -18.03
CA ALA I 66 -18.37 -18.75 -18.33
C ALA I 66 -17.43 -19.96 -18.37
N GLY I 67 -16.63 -20.05 -19.43
CA GLY I 67 -15.78 -21.21 -19.66
C GLY I 67 -14.41 -20.81 -20.15
N PRO I 68 -13.47 -21.78 -20.20
CA PRO I 68 -12.08 -21.50 -20.55
C PRO I 68 -11.88 -20.89 -21.94
N LYS I 69 -12.72 -21.28 -22.90
CA LYS I 69 -12.63 -20.79 -24.27
C LYS I 69 -13.68 -19.73 -24.61
N GLY I 70 -14.46 -19.31 -23.61
CA GLY I 70 -15.57 -18.36 -23.82
C GLY I 70 -16.85 -18.84 -23.16
N PRO I 71 -17.96 -18.07 -23.33
CA PRO I 71 -19.23 -18.49 -22.75
C PRO I 71 -19.77 -19.77 -23.38
N ILE I 72 -20.26 -20.68 -22.54
CA ILE I 72 -20.85 -21.95 -23.00
C ILE I 72 -22.37 -21.82 -23.02
N THR I 73 -22.99 -22.07 -24.18
CA THR I 73 -24.45 -22.01 -24.31
C THR I 73 -25.11 -23.24 -23.67
N GLN I 74 -26.31 -23.03 -23.14
CA GLN I 74 -27.09 -24.10 -22.52
C GLN I 74 -27.47 -25.16 -23.56
N MET I 75 -27.06 -26.39 -23.33
CA MET I 75 -27.49 -27.50 -24.17
C MET I 75 -28.95 -27.84 -23.90
N TYR I 76 -29.34 -27.81 -22.62
CA TYR I 76 -30.68 -28.26 -22.21
C TYR I 76 -31.45 -27.18 -21.45
N THR I 77 -32.68 -26.94 -21.89
CA THR I 77 -33.51 -25.89 -21.32
C THR I 77 -34.95 -26.40 -21.18
N ASN I 78 -35.27 -26.86 -19.97
CA ASN I 78 -36.60 -27.38 -19.66
C ASN I 78 -37.28 -26.49 -18.62
N VAL I 79 -37.88 -25.40 -19.09
CA VAL I 79 -38.55 -24.42 -18.24
C VAL I 79 -39.69 -25.06 -17.46
N ASP I 80 -40.34 -26.05 -18.07
CA ASP I 80 -41.49 -26.74 -17.47
C ASP I 80 -41.16 -27.42 -16.14
N GLN I 81 -39.89 -27.70 -15.88
CA GLN I 81 -39.47 -28.33 -14.63
C GLN I 81 -38.38 -27.54 -13.93
N ASP I 82 -38.26 -26.25 -14.24
CA ASP I 82 -37.23 -25.41 -13.65
C ASP I 82 -35.85 -26.10 -13.72
N LEU I 83 -35.39 -26.39 -14.93
CA LEU I 83 -34.13 -27.11 -15.14
C LEU I 83 -33.36 -26.62 -16.37
N VAL I 84 -32.07 -26.32 -16.18
CA VAL I 84 -31.16 -26.03 -17.31
C VAL I 84 -29.83 -26.75 -17.15
N GLY I 85 -29.09 -26.86 -18.26
CA GLY I 85 -27.81 -27.54 -18.26
C GLY I 85 -26.82 -27.05 -19.31
N TRP I 86 -25.55 -27.05 -18.92
CA TRP I 86 -24.43 -26.76 -19.82
C TRP I 86 -23.52 -27.98 -19.93
N GLN I 87 -22.69 -28.03 -20.98
CA GLN I 87 -21.66 -29.06 -21.11
C GLN I 87 -20.57 -28.88 -20.07
N ALA I 88 -20.34 -29.90 -19.24
CA ALA I 88 -19.37 -29.82 -18.15
C ALA I 88 -18.02 -29.31 -18.64
N PRO I 89 -17.52 -28.21 -18.03
CA PRO I 89 -16.17 -27.77 -18.39
C PRO I 89 -15.12 -28.80 -17.99
N PRO I 90 -13.97 -28.83 -18.67
CA PRO I 90 -12.92 -29.80 -18.36
C PRO I 90 -12.33 -29.61 -16.95
N GLY I 91 -12.22 -30.71 -16.20
CA GLY I 91 -11.75 -30.68 -14.81
C GLY I 91 -12.81 -31.08 -13.81
N ALA I 92 -14.07 -30.73 -14.09
CA ALA I 92 -15.19 -31.09 -13.23
C ALA I 92 -15.38 -32.62 -13.18
N ARG I 93 -15.65 -33.12 -11.98
CA ARG I 93 -15.91 -34.54 -11.77
C ARG I 93 -17.42 -34.78 -11.84
N SER I 94 -17.85 -35.68 -12.71
CA SER I 94 -19.28 -35.90 -12.92
C SER I 94 -19.84 -37.06 -12.09
N LEU I 95 -20.93 -36.80 -11.37
CA LEU I 95 -21.61 -37.83 -10.59
C LEU I 95 -22.36 -38.79 -11.48
N THR I 96 -22.78 -39.92 -10.90
CA THR I 96 -23.52 -40.96 -11.62
C THR I 96 -24.90 -41.20 -10.97
N PRO I 97 -25.97 -41.38 -11.80
CA PRO I 97 -27.34 -41.55 -11.29
C PRO I 97 -27.54 -42.76 -10.37
N CYS I 98 -28.23 -42.53 -9.26
CA CYS I 98 -28.60 -43.61 -8.36
C CYS I 98 -29.70 -44.45 -8.99
N THR I 99 -29.44 -45.74 -9.15
CA THR I 99 -30.40 -46.68 -9.72
C THR I 99 -30.93 -47.65 -8.66
N CYS I 100 -30.45 -47.54 -7.43
CA CYS I 100 -30.78 -48.49 -6.36
C CYS I 100 -32.19 -48.29 -5.78
N GLY I 101 -32.66 -47.04 -5.72
CA GLY I 101 -34.00 -46.72 -5.23
C GLY I 101 -34.08 -46.52 -3.73
N SER I 102 -33.01 -46.01 -3.14
CA SER I 102 -32.94 -45.80 -1.69
C SER I 102 -33.84 -44.65 -1.27
N SER I 103 -34.57 -44.84 -0.17
CA SER I 103 -35.40 -43.80 0.40
C SER I 103 -34.60 -42.85 1.30
N ASP I 104 -33.31 -43.14 1.48
CA ASP I 104 -32.46 -42.41 2.43
C ASP I 104 -31.58 -41.39 1.72
N LEU I 105 -32.12 -40.19 1.54
CA LEU I 105 -31.44 -39.14 0.77
C LEU I 105 -30.66 -38.17 1.65
N TYR I 106 -29.72 -37.47 1.03
CA TYR I 106 -28.88 -36.48 1.73
C TYR I 106 -28.69 -35.24 0.85
N LEU I 107 -29.29 -34.12 1.27
CA LEU I 107 -29.15 -32.85 0.56
C LEU I 107 -27.87 -32.11 0.98
N VAL I 108 -27.04 -31.77 0.01
CA VAL I 108 -25.84 -30.97 0.25
C VAL I 108 -26.17 -29.50 -0.03
N THR I 109 -26.10 -28.67 1.00
CA THR I 109 -26.49 -27.26 0.91
C THR I 109 -25.30 -26.36 0.58
N ARG I 110 -25.59 -25.07 0.40
CA ARG I 110 -24.59 -24.04 0.11
C ARG I 110 -23.36 -24.14 1.02
N HIS I 111 -23.59 -24.20 2.34
CA HIS I 111 -22.51 -24.15 3.33
C HIS I 111 -21.87 -25.52 3.62
N ALA I 112 -21.85 -26.40 2.63
CA ALA I 112 -21.25 -27.75 2.73
C ALA I 112 -21.88 -28.65 3.80
N ASP I 113 -23.16 -28.43 4.11
CA ASP I 113 -23.88 -29.19 5.14
C ASP I 113 -24.67 -30.36 4.55
N VAL I 114 -24.30 -31.58 4.95
CA VAL I 114 -24.98 -32.80 4.51
C VAL I 114 -26.15 -33.07 5.46
N ILE I 115 -27.38 -32.87 4.98
CA ILE I 115 -28.58 -33.00 5.83
C ILE I 115 -29.53 -34.09 5.30
N PRO I 116 -30.00 -34.99 6.20
CA PRO I 116 -30.75 -36.17 5.74
C PRO I 116 -32.19 -35.85 5.35
N VAL I 117 -32.61 -36.40 4.22
CA VAL I 117 -33.95 -36.20 3.70
C VAL I 117 -34.60 -37.56 3.48
N ARG I 118 -35.91 -37.63 3.67
CA ARG I 118 -36.65 -38.87 3.47
C ARG I 118 -37.53 -38.80 2.21
N ARG I 119 -37.12 -39.52 1.18
CA ARG I 119 -37.88 -39.69 -0.07
C ARG I 119 -39.37 -39.89 0.18
N ARG I 120 -40.22 -39.18 -0.57
CA ARG I 120 -41.68 -39.31 -0.43
C ARG I 120 -42.39 -39.64 -1.75
N GLY I 121 -42.04 -38.95 -2.83
CA GLY I 121 -42.61 -39.21 -4.14
C GLY I 121 -41.53 -39.49 -5.17
N ASP I 122 -41.70 -38.92 -6.36
CA ASP I 122 -40.66 -38.94 -7.39
C ASP I 122 -39.86 -37.63 -7.36
N SER I 123 -40.50 -36.57 -6.89
CA SER I 123 -39.87 -35.27 -6.76
C SER I 123 -40.08 -34.65 -5.37
N ARG I 124 -40.42 -35.47 -4.38
CA ARG I 124 -40.70 -34.99 -3.03
C ARG I 124 -39.85 -35.67 -1.96
N GLY I 125 -39.47 -34.90 -0.95
CA GLY I 125 -38.69 -35.40 0.20
C GLY I 125 -38.91 -34.58 1.45
N SER I 126 -39.02 -35.26 2.61
CA SER I 126 -39.28 -34.59 3.88
C SER I 126 -38.02 -34.48 4.74
N LEU I 127 -37.85 -33.32 5.39
CA LEU I 127 -36.72 -33.11 6.28
C LEU I 127 -36.96 -33.75 7.64
N LEU I 128 -36.06 -34.64 8.04
CA LEU I 128 -36.15 -35.33 9.32
C LEU I 128 -35.99 -34.36 10.49
N SER I 129 -35.20 -33.30 10.28
CA SER I 129 -35.08 -32.19 11.24
C SER I 129 -35.41 -30.87 10.54
N PRO I 130 -36.50 -30.19 10.96
CA PRO I 130 -36.83 -28.89 10.36
C PRO I 130 -35.80 -27.79 10.61
N ARG I 131 -35.38 -27.11 9.56
CA ARG I 131 -34.42 -26.01 9.65
C ARG I 131 -35.05 -24.67 9.26
N PRO I 132 -34.40 -23.55 9.64
CA PRO I 132 -34.86 -22.25 9.16
C PRO I 132 -34.70 -22.15 7.65
N VAL I 133 -35.60 -21.42 6.99
CA VAL I 133 -35.54 -21.30 5.53
C VAL I 133 -34.23 -20.67 5.06
N SER I 134 -33.70 -19.75 5.87
CA SER I 134 -32.41 -19.13 5.61
C SER I 134 -31.32 -20.19 5.41
N TYR I 135 -31.33 -21.21 6.26
CA TYR I 135 -30.36 -22.32 6.18
C TYR I 135 -30.37 -23.04 4.82
N LEU I 136 -31.46 -22.92 4.06
CA LEU I 136 -31.60 -23.58 2.74
C LEU I 136 -31.55 -22.66 1.52
N LYS I 137 -31.93 -21.38 1.68
CA LYS I 137 -31.87 -20.40 0.57
C LYS I 137 -30.50 -20.41 -0.10
N GLY I 138 -30.49 -20.25 -1.42
CA GLY I 138 -29.23 -20.22 -2.16
C GLY I 138 -28.60 -21.58 -2.40
N SER I 139 -29.38 -22.64 -2.17
CA SER I 139 -28.89 -24.02 -2.36
C SER I 139 -29.66 -24.74 -3.46
N SER I 140 -30.42 -24.00 -4.27
CA SER I 140 -31.11 -24.56 -5.43
C SER I 140 -30.10 -25.02 -6.46
N GLY I 141 -30.32 -26.21 -7.01
CA GLY I 141 -29.37 -26.83 -7.93
C GLY I 141 -28.28 -27.62 -7.21
N GLY I 142 -28.41 -27.75 -5.89
CA GLY I 142 -27.55 -28.63 -5.11
C GLY I 142 -28.09 -30.05 -5.20
N PRO I 143 -27.21 -31.05 -5.03
CA PRO I 143 -27.62 -32.45 -5.21
C PRO I 143 -28.27 -33.07 -3.98
N LEU I 144 -29.20 -34.00 -4.21
CA LEU I 144 -29.65 -34.93 -3.17
C LEU I 144 -29.01 -36.27 -3.46
N LEU I 145 -28.16 -36.74 -2.55
CA LEU I 145 -27.42 -37.97 -2.75
C LEU I 145 -28.07 -39.12 -1.99
N CYS I 146 -28.02 -40.31 -2.57
CA CYS I 146 -28.41 -41.53 -1.85
C CYS I 146 -27.26 -41.86 -0.89
N PRO I 147 -27.39 -42.95 -0.10
CA PRO I 147 -26.29 -43.29 0.81
C PRO I 147 -24.94 -43.54 0.12
N SER I 148 -24.95 -44.08 -1.10
CA SER I 148 -23.71 -44.45 -1.82
C SER I 148 -22.90 -43.28 -2.39
N GLY I 149 -23.50 -42.09 -2.44
CA GLY I 149 -22.87 -40.91 -3.03
C GLY I 149 -23.19 -40.76 -4.51
N HIS I 150 -24.39 -41.19 -4.90
CA HIS I 150 -24.87 -41.11 -6.27
C HIS I 150 -26.05 -40.14 -6.34
N ALA I 151 -26.27 -39.56 -7.51
CA ALA I 151 -27.28 -38.52 -7.68
C ALA I 151 -28.71 -39.09 -7.83
N VAL I 152 -29.66 -38.48 -7.13
CA VAL I 152 -31.10 -38.79 -7.32
C VAL I 152 -31.87 -37.61 -7.92
N GLY I 153 -31.51 -36.38 -7.52
CA GLY I 153 -32.14 -35.16 -8.04
C GLY I 153 -31.60 -33.86 -7.45
N ILE I 154 -31.74 -32.78 -8.21
CA ILE I 154 -31.20 -31.46 -7.81
C ILE I 154 -32.25 -30.61 -7.09
N PHE I 155 -31.85 -29.99 -5.99
CA PHE I 155 -32.76 -29.24 -5.12
C PHE I 155 -33.41 -28.05 -5.86
N ARG I 156 -34.74 -27.99 -5.84
CA ARG I 156 -35.50 -27.03 -6.63
C ARG I 156 -36.22 -26.00 -5.77
N ALA I 157 -37.07 -26.47 -4.87
CA ALA I 157 -37.89 -25.59 -4.04
C ALA I 157 -38.20 -26.26 -2.71
N ALA I 158 -38.66 -25.48 -1.74
CA ALA I 158 -38.91 -25.98 -0.39
C ALA I 158 -40.32 -25.65 0.08
N VAL I 159 -40.93 -26.60 0.79
CA VAL I 159 -42.29 -26.42 1.35
C VAL I 159 -42.14 -26.21 2.86
N CYS I 160 -42.80 -25.17 3.36
CA CYS I 160 -42.38 -24.52 4.60
C CYS I 160 -43.39 -23.54 5.19
N THR I 161 -43.26 -23.33 6.51
CA THR I 161 -44.12 -22.42 7.26
C THR I 161 -43.26 -21.38 8.00
N ARG I 162 -43.77 -20.15 8.14
CA ARG I 162 -43.12 -19.08 8.92
C ARG I 162 -41.60 -19.20 9.04
N GLY I 163 -40.91 -19.25 7.91
CA GLY I 163 -39.45 -19.24 7.88
C GLY I 163 -38.77 -20.50 8.39
N VAL I 164 -39.48 -21.63 8.37
CA VAL I 164 -38.89 -22.92 8.75
C VAL I 164 -39.36 -24.01 7.76
N ALA I 165 -38.39 -24.74 7.21
CA ALA I 165 -38.63 -25.71 6.14
C ALA I 165 -38.93 -27.10 6.66
N LYS I 166 -39.99 -27.70 6.12
CA LYS I 166 -40.44 -29.02 6.57
C LYS I 166 -40.29 -30.12 5.51
N ALA I 167 -40.31 -29.72 4.23
CA ALA I 167 -39.99 -30.65 3.14
C ALA I 167 -39.40 -29.90 1.94
N VAL I 168 -38.92 -30.67 0.96
CA VAL I 168 -38.24 -30.11 -0.21
C VAL I 168 -38.68 -30.76 -1.50
N ASP I 169 -38.67 -29.97 -2.58
CA ASP I 169 -38.85 -30.48 -3.93
C ASP I 169 -37.52 -30.51 -4.68
N PHE I 170 -37.36 -31.51 -5.54
CA PHE I 170 -36.20 -31.62 -6.41
C PHE I 170 -36.61 -32.08 -7.81
N VAL I 171 -35.76 -31.79 -8.79
CA VAL I 171 -35.94 -32.33 -10.13
C VAL I 171 -35.36 -33.75 -10.08
N PRO I 172 -36.18 -34.78 -10.40
CA PRO I 172 -35.65 -36.14 -10.40
C PRO I 172 -34.66 -36.41 -11.54
N VAL I 173 -33.69 -37.29 -11.30
CA VAL I 173 -32.63 -37.57 -12.27
C VAL I 173 -33.14 -38.14 -13.60
N GLU I 174 -34.30 -38.80 -13.55
CA GLU I 174 -34.96 -39.33 -14.75
C GLU I 174 -35.36 -38.20 -15.70
N SER I 175 -35.80 -37.08 -15.13
CA SER I 175 -36.15 -35.88 -15.91
C SER I 175 -34.92 -35.33 -16.61
N MET I 176 -33.77 -35.44 -15.96
CA MET I 176 -32.50 -35.03 -16.57
C MET I 176 -32.18 -35.87 -17.79
N GLU I 177 -32.47 -37.16 -17.75
CA GLU I 177 -32.31 -38.04 -18.91
C GLU I 177 -33.45 -37.92 -19.91
N THR I 178 -34.63 -37.52 -19.43
CA THR I 178 -35.78 -37.21 -20.29
C THR I 178 -35.47 -36.01 -21.18
N THR I 179 -35.09 -34.90 -20.55
CA THR I 179 -34.72 -33.68 -21.26
C THR I 179 -33.54 -33.92 -22.21
N MET I 180 -32.64 -34.82 -21.82
CA MET I 180 -31.49 -35.19 -22.65
C MET I 180 -31.91 -35.94 -23.91
N ARG I 181 -32.90 -36.82 -23.78
CA ARG I 181 -33.41 -37.59 -24.93
C ARG I 181 -34.09 -36.69 -25.98
N ALA I 182 -34.68 -35.59 -25.55
CA ALA I 182 -35.30 -34.63 -26.49
C ALA I 182 -34.23 -33.89 -27.30
N SER I 183 -33.99 -34.39 -28.50
CA SER I 183 -32.96 -33.82 -29.39
C SER I 183 -33.42 -32.51 -30.02
N LYS J 1 13.04 3.70 19.73
CA LYS J 1 14.50 3.43 19.77
C LYS J 1 15.10 3.90 21.10
N GLY J 2 15.77 5.05 21.08
CA GLY J 2 16.40 5.55 22.30
C GLY J 2 15.43 6.45 23.03
N SER J 3 15.83 6.85 24.23
CA SER J 3 15.08 7.83 25.00
C SER J 3 15.72 9.21 24.88
N VAL J 4 14.94 10.23 25.20
CA VAL J 4 15.44 11.56 25.50
C VAL J 4 16.07 11.50 26.89
N VAL J 5 17.14 12.27 27.08
CA VAL J 5 17.93 12.25 28.31
C VAL J 5 18.11 13.66 28.86
N ILE J 6 18.12 13.77 30.19
CA ILE J 6 18.29 15.06 30.86
C ILE J 6 19.75 15.29 31.14
N VAL J 7 20.36 16.15 30.32
CA VAL J 7 21.79 16.44 30.43
C VAL J 7 22.07 17.73 31.20
N GLY J 8 21.01 18.45 31.59
CA GLY J 8 21.19 19.62 32.45
C GLY J 8 19.89 20.18 32.97
N ARG J 9 19.99 21.31 33.68
CA ARG J 9 18.80 22.06 34.08
C ARG J 9 19.03 23.57 34.16
N ILE J 10 17.94 24.32 34.05
CA ILE J 10 17.95 25.76 34.28
C ILE J 10 17.13 26.07 35.55
N ILE J 11 17.80 26.61 36.57
CA ILE J 11 17.15 27.06 37.81
C ILE J 11 16.66 28.52 37.68
N LEU J 12 15.46 28.79 38.18
CA LEU J 12 14.86 30.13 38.19
C LEU J 12 14.69 30.69 39.60
N SER J 13 14.42 31.99 39.69
CA SER J 13 14.06 32.62 40.95
C SER J 13 13.45 33.99 40.67
N LYS K 1 19.57 6.19 9.96
CA LYS K 1 20.12 6.16 11.34
C LYS K 1 21.43 6.96 11.43
N GLY K 2 22.57 6.29 11.34
CA GLY K 2 23.85 6.89 11.72
C GLY K 2 24.52 7.73 10.65
N SER K 3 25.73 8.17 10.96
CA SER K 3 26.54 8.98 10.06
C SER K 3 27.84 8.28 9.70
N VAL K 4 28.33 8.59 8.50
CA VAL K 4 29.64 8.15 8.04
C VAL K 4 30.65 8.96 8.86
N VAL K 5 31.73 8.32 9.31
CA VAL K 5 32.74 8.97 10.15
C VAL K 5 34.13 8.86 9.53
N ILE K 6 34.94 9.90 9.73
CA ILE K 6 36.34 9.90 9.31
C ILE K 6 37.23 9.30 10.38
N VAL K 7 37.84 8.17 10.05
CA VAL K 7 38.62 7.38 10.99
C VAL K 7 40.13 7.48 10.74
N GLY K 8 40.51 8.02 9.59
CA GLY K 8 41.92 8.21 9.24
C GLY K 8 42.04 8.97 7.92
N ARG K 9 43.26 9.27 7.51
CA ARG K 9 43.50 10.01 6.26
C ARG K 9 44.74 9.57 5.54
N ILE K 10 44.76 9.86 4.24
CA ILE K 10 45.87 9.58 3.35
C ILE K 10 46.40 10.91 2.78
N ILE K 11 47.65 11.24 3.10
CA ILE K 11 48.28 12.46 2.62
C ILE K 11 48.96 12.15 1.28
N LEU K 12 48.91 13.12 0.35
CA LEU K 12 49.57 12.99 -0.96
C LEU K 12 50.80 13.90 -1.07
N SER K 13 51.66 13.60 -2.03
CA SER K 13 52.86 14.42 -2.27
C SER K 13 53.52 14.14 -3.63
N LYS L 1 20.59 -2.05 15.82
CA LYS L 1 21.85 -1.31 16.14
C LYS L 1 22.66 -2.13 17.14
N GLY L 2 22.04 -2.43 18.28
CA GLY L 2 22.73 -3.06 19.41
C GLY L 2 22.95 -4.55 19.24
N SER L 3 23.94 -5.06 19.96
CA SER L 3 24.19 -6.50 20.04
C SER L 3 23.75 -7.03 21.38
N VAL L 4 23.25 -8.26 21.36
CA VAL L 4 23.00 -9.00 22.58
C VAL L 4 24.34 -9.32 23.19
N VAL L 5 24.47 -9.17 24.50
CA VAL L 5 25.74 -9.38 25.17
C VAL L 5 25.63 -10.50 26.17
N ILE L 6 26.74 -11.17 26.43
CA ILE L 6 26.85 -12.13 27.51
C ILE L 6 27.32 -11.36 28.75
N VAL L 7 26.47 -11.32 29.77
CA VAL L 7 26.83 -10.71 31.05
C VAL L 7 27.17 -11.76 32.13
N GLY L 8 26.87 -13.03 31.86
CA GLY L 8 27.22 -14.09 32.78
C GLY L 8 26.83 -15.46 32.29
N ARG L 9 27.14 -16.47 33.09
CA ARG L 9 26.87 -17.86 32.71
C ARG L 9 26.46 -18.64 33.93
N ILE L 10 25.56 -19.61 33.72
CA ILE L 10 25.17 -20.57 34.74
C ILE L 10 25.90 -21.89 34.41
N ILE L 11 26.53 -22.48 35.42
CA ILE L 11 27.27 -23.74 35.26
C ILE L 11 26.43 -24.89 35.81
N LEU L 12 26.39 -26.00 35.06
CA LEU L 12 25.70 -27.23 35.49
C LEU L 12 26.71 -28.32 35.81
N SER L 13 26.29 -29.31 36.59
CA SER L 13 27.15 -30.46 36.91
C SER L 13 26.39 -31.54 37.70
N LYS M 1 8.32 5.69 -0.39
CA LYS M 1 7.33 4.67 -0.88
C LYS M 1 6.51 5.22 -2.05
N GLY M 2 5.32 5.73 -1.75
CA GLY M 2 4.40 6.18 -2.78
C GLY M 2 4.71 7.60 -3.19
N SER M 3 4.01 8.05 -4.21
CA SER M 3 4.22 9.37 -4.75
C SER M 3 3.03 10.25 -4.48
N VAL M 4 3.25 11.55 -4.58
CA VAL M 4 2.18 12.52 -4.51
C VAL M 4 1.54 12.52 -5.89
N VAL M 5 0.21 12.55 -5.93
CA VAL M 5 -0.54 12.50 -7.18
C VAL M 5 -1.32 13.78 -7.33
N ILE M 6 -1.54 14.22 -8.56
CA ILE M 6 -2.45 15.32 -8.88
C ILE M 6 -3.84 14.74 -9.08
N VAL M 7 -4.82 15.29 -8.37
CA VAL M 7 -6.19 14.77 -8.43
C VAL M 7 -7.16 15.83 -8.95
N GLY M 8 -6.70 17.06 -9.04
CA GLY M 8 -7.51 18.12 -9.59
C GLY M 8 -6.70 19.39 -9.68
N ARG M 9 -7.29 20.44 -10.22
CA ARG M 9 -6.63 21.76 -10.26
C ARG M 9 -7.60 22.90 -10.02
N ILE M 10 -7.03 24.09 -9.79
CA ILE M 10 -7.78 25.31 -9.53
C ILE M 10 -7.35 26.41 -10.50
N ILE M 11 -8.15 26.65 -11.52
CA ILE M 11 -7.85 27.64 -12.56
C ILE M 11 -8.09 29.05 -12.03
N LEU M 12 -7.28 30.00 -12.51
CA LEU M 12 -7.31 31.40 -12.07
C LEU M 12 -7.67 32.36 -13.20
N SER M 13 -8.08 33.57 -12.84
CA SER M 13 -8.30 34.66 -13.81
C SER M 13 -8.51 36.00 -13.11
N LYS N 1 1.80 2.35 8.24
CA LYS N 1 1.35 2.52 6.81
C LYS N 1 -0.15 2.23 6.70
N GLY N 2 -0.48 0.95 6.53
CA GLY N 2 -1.87 0.56 6.33
C GLY N 2 -2.64 0.54 7.63
N SER N 3 -3.96 0.51 7.51
CA SER N 3 -4.86 0.30 8.65
C SER N 3 -5.50 -1.09 8.56
N VAL N 4 -5.92 -1.62 9.71
CA VAL N 4 -6.71 -2.85 9.75
C VAL N 4 -8.09 -2.56 9.15
N VAL N 5 -8.62 -3.49 8.37
CA VAL N 5 -9.91 -3.32 7.71
C VAL N 5 -10.89 -4.40 8.10
N ILE N 6 -12.13 -4.02 8.33
CA ILE N 6 -13.21 -4.95 8.58
C ILE N 6 -13.75 -5.46 7.24
N VAL N 7 -13.44 -6.73 6.92
CA VAL N 7 -13.98 -7.33 5.69
C VAL N 7 -15.20 -8.22 5.91
N GLY N 8 -15.67 -8.34 7.15
CA GLY N 8 -16.86 -9.15 7.42
C GLY N 8 -17.24 -9.17 8.89
N ARG N 9 -18.35 -9.83 9.20
CA ARG N 9 -18.80 -9.97 10.58
C ARG N 9 -19.44 -11.34 10.89
N ILE N 10 -19.42 -11.69 12.17
CA ILE N 10 -19.98 -12.96 12.65
C ILE N 10 -21.11 -12.64 13.65
N ILE N 11 -22.34 -13.02 13.30
CA ILE N 11 -23.54 -12.70 14.08
C ILE N 11 -23.85 -13.83 15.05
N LEU N 12 -24.07 -13.48 16.32
CA LEU N 12 -24.35 -14.47 17.39
C LEU N 12 -25.82 -14.43 17.87
N SER N 13 -26.19 -15.43 18.65
CA SER N 13 -27.54 -15.49 19.20
C SER N 13 -27.58 -16.38 20.45
N LYS O 1 7.07 -4.16 1.82
CA LYS O 1 5.60 -4.45 1.93
C LYS O 1 5.18 -5.31 0.75
N GLY O 2 5.38 -4.79 -0.47
CA GLY O 2 4.94 -5.47 -1.68
C GLY O 2 5.83 -6.62 -2.09
N SER O 3 5.33 -7.42 -3.02
CA SER O 3 6.07 -8.52 -3.62
C SER O 3 6.42 -8.16 -5.05
N VAL O 4 7.37 -8.91 -5.60
CA VAL O 4 7.62 -8.94 -7.03
C VAL O 4 6.54 -9.78 -7.71
N VAL O 5 6.10 -9.31 -8.88
CA VAL O 5 4.98 -9.90 -9.59
C VAL O 5 5.34 -10.18 -11.04
N ILE O 6 5.07 -11.41 -11.46
CA ILE O 6 5.29 -11.83 -12.83
C ILE O 6 4.14 -11.29 -13.64
N VAL O 7 4.46 -10.42 -14.60
CA VAL O 7 3.45 -9.79 -15.44
C VAL O 7 3.57 -10.25 -16.89
N GLY O 8 4.29 -11.34 -17.09
CA GLY O 8 4.50 -11.91 -18.42
C GLY O 8 5.71 -12.82 -18.49
N ARG O 9 5.95 -13.37 -19.67
CA ARG O 9 7.10 -14.25 -19.86
C ARG O 9 7.61 -14.21 -21.31
N ILE O 10 8.83 -14.68 -21.49
CA ILE O 10 9.47 -14.76 -22.79
C ILE O 10 9.80 -16.22 -23.06
N ILE O 11 9.27 -16.77 -24.15
CA ILE O 11 9.49 -18.17 -24.49
C ILE O 11 10.71 -18.31 -25.40
N LEU O 12 11.54 -19.30 -25.12
CA LEU O 12 12.74 -19.60 -25.92
C LEU O 12 12.58 -20.93 -26.67
N SER O 13 13.53 -21.21 -27.56
CA SER O 13 13.52 -22.46 -28.33
C SER O 13 14.85 -22.72 -29.03
N LYS P 1 -31.94 -3.85 -15.47
CA LYS P 1 -30.48 -4.13 -15.35
C LYS P 1 -29.94 -3.61 -14.01
N GLY P 2 -29.31 -2.44 -14.03
CA GLY P 2 -28.62 -1.93 -12.87
C GLY P 2 -29.54 -1.24 -11.90
N SER P 3 -28.96 -0.77 -10.81
CA SER P 3 -29.66 -0.02 -9.80
C SER P 3 -29.12 1.40 -9.75
N VAL P 4 -29.90 2.28 -9.15
CA VAL P 4 -29.45 3.62 -8.82
C VAL P 4 -28.65 3.51 -7.52
N VAL P 5 -27.49 4.19 -7.47
CA VAL P 5 -26.54 4.10 -6.37
C VAL P 5 -26.30 5.47 -5.76
N ILE P 6 -25.99 5.51 -4.47
CA ILE P 6 -25.77 6.76 -3.74
C ILE P 6 -24.29 7.02 -3.58
N VAL P 7 -23.83 8.07 -4.21
CA VAL P 7 -22.40 8.34 -4.27
C VAL P 7 -21.99 9.49 -3.32
N GLY P 8 -22.98 10.11 -2.69
CA GLY P 8 -22.73 11.24 -1.79
C GLY P 8 -24.01 11.80 -1.19
N ARG P 9 -23.87 12.82 -0.35
CA ARG P 9 -25.02 13.46 0.30
C ARG P 9 -24.82 14.95 0.61
N ILE P 10 -25.94 15.67 0.72
CA ILE P 10 -25.94 17.08 1.09
C ILE P 10 -26.62 17.27 2.46
N ILE P 11 -25.81 17.65 3.45
CA ILE P 11 -26.28 17.84 4.81
C ILE P 11 -26.78 19.27 5.00
N LEU P 12 -28.02 19.39 5.46
CA LEU P 12 -28.65 20.68 5.74
C LEU P 12 -28.47 21.09 7.20
N SER P 13 -28.89 22.31 7.53
CA SER P 13 -28.70 22.86 8.87
C SER P 13 -29.43 24.19 9.04
N LYS Q 1 -26.04 -1.00 -22.84
CA LYS Q 1 -25.39 -0.75 -21.51
C LYS Q 1 -23.96 -0.35 -21.74
N GLY Q 2 -23.18 -1.28 -22.26
CA GLY Q 2 -21.75 -1.09 -22.43
C GLY Q 2 -21.43 -0.27 -23.66
N SER Q 3 -20.40 0.56 -23.54
CA SER Q 3 -19.89 1.35 -24.65
C SER Q 3 -18.60 0.72 -25.16
N VAL Q 4 -18.41 0.78 -26.47
CA VAL Q 4 -17.17 0.32 -27.07
C VAL Q 4 -16.04 1.17 -26.51
N VAL Q 5 -14.88 0.55 -26.25
CA VAL Q 5 -13.71 1.28 -25.74
C VAL Q 5 -12.52 1.06 -26.68
N ILE Q 6 -11.63 2.04 -26.73
CA ILE Q 6 -10.37 1.92 -27.46
C ILE Q 6 -9.32 1.35 -26.50
N VAL Q 7 -8.84 0.15 -26.79
CA VAL Q 7 -7.81 -0.48 -25.96
C VAL Q 7 -6.42 -0.35 -26.56
N GLY Q 8 -6.32 0.30 -27.71
CA GLY Q 8 -5.00 0.57 -28.31
C GLY Q 8 -5.04 1.31 -29.64
N ARG Q 9 -3.92 1.33 -30.33
CA ARG Q 9 -3.91 1.87 -31.68
C ARG Q 9 -2.89 1.17 -32.58
N ILE Q 10 -2.91 1.54 -33.85
CA ILE Q 10 -1.89 1.15 -34.82
C ILE Q 10 -1.46 2.40 -35.61
N ILE Q 11 -0.20 2.81 -35.45
CA ILE Q 11 0.36 3.98 -36.15
C ILE Q 11 0.87 3.56 -37.51
N LEU Q 12 0.51 4.34 -38.53
CA LEU Q 12 0.94 4.12 -39.91
C LEU Q 12 1.97 5.17 -40.33
N SER Q 13 2.74 4.82 -41.36
CA SER Q 13 3.59 5.79 -42.06
C SER Q 13 4.11 5.14 -43.33
N LYS R 1 -27.48 -11.16 -21.78
CA LYS R 1 -26.24 -10.36 -21.55
C LYS R 1 -25.14 -11.25 -20.93
N GLY R 2 -24.95 -11.16 -19.60
CA GLY R 2 -23.81 -11.77 -18.92
C GLY R 2 -23.90 -13.27 -18.78
N SER R 3 -22.78 -13.85 -18.37
CA SER R 3 -22.66 -15.30 -18.22
C SER R 3 -22.62 -15.65 -16.74
N VAL R 4 -23.11 -16.84 -16.42
CA VAL R 4 -23.04 -17.38 -15.08
C VAL R 4 -21.58 -17.70 -14.78
N VAL R 5 -21.15 -17.48 -13.53
CA VAL R 5 -19.75 -17.68 -13.14
C VAL R 5 -19.64 -18.57 -11.91
N ILE R 6 -18.62 -19.41 -11.89
CA ILE R 6 -18.33 -20.30 -10.78
C ILE R 6 -17.47 -19.58 -9.74
N VAL R 7 -18.06 -19.27 -8.59
CA VAL R 7 -17.33 -18.57 -7.53
C VAL R 7 -16.86 -19.52 -6.43
N GLY R 8 -16.95 -20.82 -6.68
CA GLY R 8 -16.51 -21.81 -5.71
C GLY R 8 -16.99 -23.20 -6.05
N ARG R 9 -16.59 -24.17 -5.24
CA ARG R 9 -17.04 -25.55 -5.41
C ARG R 9 -17.11 -26.26 -4.06
N ILE R 10 -17.92 -27.32 -4.01
CA ILE R 10 -18.10 -28.11 -2.80
C ILE R 10 -17.59 -29.53 -3.06
N ILE R 11 -16.49 -29.89 -2.40
CA ILE R 11 -15.83 -31.20 -2.57
C ILE R 11 -16.53 -32.26 -1.73
N LEU R 12 -16.67 -33.46 -2.30
CA LEU R 12 -17.35 -34.59 -1.66
C LEU R 12 -16.39 -35.75 -1.40
N SER R 13 -16.82 -36.69 -0.56
CA SER R 13 -16.04 -37.88 -0.26
C SER R 13 -16.88 -38.89 0.51
#